data_9GCK
#
_entry.id   9GCK
#
_cell.length_a   1.00
_cell.length_b   1.00
_cell.length_c   1.00
_cell.angle_alpha   90.00
_cell.angle_beta   90.00
_cell.angle_gamma   90.00
#
_symmetry.space_group_name_H-M   'P 1'
#
loop_
_entity.id
_entity.type
_entity.pdbx_description
1 polymer 'Transcription factor tau 138 kDa subunit'
2 polymer 'Transcription factor tau 131 kDa subunit'
3 polymer 'Transcription factor tau 95 kDa subunit'
4 polymer 'Transcription factor tau 55 kDa subunit'
5 polymer 'DNA (45-MER)'
6 polymer 'DNA (45-MER)'
#
loop_
_entity_poly.entity_id
_entity_poly.type
_entity_poly.pdbx_seq_one_letter_code
_entity_poly.pdbx_strand_id
1 'polypeptide(L)'
;MVLTIYPDELVQIVSDKIASNKGKITLNQLWDISGKYFDLSDKKVKQFVLSCVILKKDIEVYCDGAITTKNVTDIIGDAN
HSYSVGITEDSLWTLLTGYTKKESTIGNSAFELLLEVAKSGEKGINTMDLAQVTGQDPRSVTGRIKKINHLLTSSQLIYK
GHVVKQLKLKKFSHDGVDSNPYINIRDHLATIVEVVKRSKNGIRQIIDLKRELKFDKEKRLSKAFIAAIAWLDEKEYLKK
VLVVSPKNPAIKIRCVKYVKDIPDSKGSPSFEYDSNSADEDSVSDSKAAFEDEDLVEGLDNFNATDLLQNQGLVMEEKED
AVKNEVLLNRFYPLQNQTYDIADKSGLKGISTMDVVNRITGKEFQRAFTKSSEYYLESVDKQKENTGGYRLFRIYDFEGK
KKFFRLFTAQNFQKLTNAEDEISVPKGFDELGKSRTDLKTLNEDNFVALNNTVRFTTDSDGQDIFFWHGELKIPPNSKKT
PNKNKRKRQVKNSTNASVAGNISNPKRIKLEQHVSTAQEPKSAEDSPSSNGGTVVKGKVVNFGGFSARSLRSLQRQRAIL
KVMNTIGGVAYLREQFYESVSKYMGSTTTLDKKTVRGDVDLMVESEKLGARTEPVSGRKIIFLPTVGEDAIQRYILKEKD
SKKATFTDVIHDTEIYFFDQTEKNRFHRGKKSVERIRKFQNRQKNAKIKASDDAISKKSTSVNVSDGKIKRRDKKVSAGR
TTVVVENTKEDKTVYHAGTKDGVQALIRAVVVTKSIKNEIMWDKITKLFPNNSLDNLKKKWTARRVRMGHSGWRAYVDKW
KKMLVLAIKSEKISLRDVEELDLIKLLDIWTSFDEKEIKRPLFLYKNYEENRKKFTLVRDDTLTHSGNDLAMSSMIQREI
SSLKKTYTRKISASTKDLSKSQSDDYIRTVIRSILIESPSTTRNEIEALKNVGNESIDNVIMDMAKEKQIYLHGSKLECT
DTLPDILENRGNYKDFGVAFQYRCKVNELLEAGNAIVINQEPSDISSWVLIDLISGELLNMDVIPMVRNVRPLTYTSRRF
EIRTLTPPLIIYANSQTKLNTARKSAVKVPLGKPFSRLWVNGSGSIRPNIWKQVVTMVVNEIIFHPGITLSRLQSRCREV
LSLHEISEICKWLLERQVLITTDFDGYWVNHNWYSIYESTENLYFQSMSASAWSHPQFEKGGGSGGGSGGSAWSHPQFEK
S
;
A
2 'polypeptide(L)'
;MAAGKLKKEQQNQSAERESADTGKVNDEDEEHLYGNIDDYKHLIQDEEYDDEDVPHDLQLSEDEYNSERDSSLLAEFSDY
GEISEDDEEDFMNAIREASNFKVKKKKKNDKGKSYGRQRKERVLDPEVAQLLSQANEAFVRNDLQVAERLFNEVIKKDAR
NFAAYETLGDIYQLQGRLNDCCNSWFLAAHLNASDWEFWKIVAILSADLDHVRQAIYCFSRVISLNPMEWESIYRRSMLY
KKTGQLARALDGFQRLYMYNPYDANILRELAILYVDYDRIEDSIELYMKVFNANVERREAILAALENALDSSDEESAAEG
EDADEKEPLEQDEDRQMFPDINWKKIDAKYKCIPFDWSSLNILAELFLKLAVSEVDGIKTIKKCARWIQRRESQTFWDHV
PDDSEFDNRRFKNSTFDSLLAAEKEKSYNIPIDIRVRLGLLRLNTDNLVEALNHFQCLYDETFSDVADLYFEAATALTRA
EKYKEAIDFFTPLLSLEEWRTTDVFKPLARCYKEIESYETAKEFYELAIKSEPDDLDIRVSLAEVYYRLNDPETFKHMLV
DVVEMRKHQVDETLHRISNEKSSNDTSDISSKPLLEDSKFRTFRKKKRTPYDAERERIERERRITAKVVDKYEKMKKFEL
NSGLNEAKQASIWINTVSELVDIFSSVKNFFMKSRSRKFVGILRRTKKFNTELDFQIERLSKLAEGDSVFEGPLMEERVT
LTSATELRGLSYEQWFELFMELSLVIAKYQSVEDGLSVVETAQEVNVFFQDPERVKMMKFVKLAIVLQMDDEEELAENLR
GLLNQFQFNRKVLQVFMYSLCRGPSSLNILSSTIQQKFFLRQLKAFDSCRYNTEVNGQASITNKEVYNPNKKSSPYLYYI
YAVLLYSSRGFLSALQYLTRLEEDIPDDPMVNLLMGLSHIHRAMQRLTAQRHFQIFHGLRYLYRYHKIRKSLYTDLEKQE
ADYNLGRAFHLIGLVSIAIEYYNRVLENYDDGKLKKHAAYNSIIIYQQSGNVELADHLMEKYLSIRSGG
;
B
3 'polypeptide(L)'
;HHHHHHENLYFQSMPVEEPLATLSSIPDSSADQAPPLIADEFTLDLPRIPSLELPLNVSTKHSSIQKAIKMCGGIEKVKE
AFKEHGPIESQHGLQLYLNDDTDSDGSKSYFNEHPVIGKRVPFRDESVILKVTMPKGTLSKNNNSVKDSIKSLKDSNKLR
VTPVSIVDNTIKFREMSDFQIKLDNVPSAREFKSSFGSLEWNNFKSFVNSVPDNDSQPQENIGNLILDRSVKIPSTDFQL
PPPPKLSMVGFPLLYKYKANPFAKKKKNGVTEVKGTYIKNYQLFVHDLSDKTVIPSQAHEQVLYDFEVAKKTKVYPGTKS
DSKFYESLEECLKILRELFARRPIWVKRHLDGIVPKKIHHTMKIALALISYRFTMGPWRNTYIKFGIDPRSSVEYAQYQT
EYFKIERKLLSSPIVKKNVPKPPPLVFESDTPGGIDSRFKFDGKRIPWYLMLQIDLLIGEPNIAEVFHNVEYLDKANELT
GWFKELDLVKIRRIVKYELGCMVQGNYEYNKYKLKYFKTMLFVKESMVPENKNSEEGMGVNTNKDADGDINMDAGSQMSS
NAIEEDKGIAAGDDFDDNGAITEEPDDAALENEEMDTDQNLKVPAS
;
C
4 'polypeptide(L)'
;MVVNTIYIARHGYRSNWLPEGPYPDPLTGIDSDVPLAEHGVQQAKELAHYLLSLDNQPEAAFASPFYRCLETVQPIAKLL
EIPVYLERGIGEWYRPDRKPVIPVPAGYEILSKFFPGVISQEWDSTLTPNEKGETEQEMYMRFKKFWPLFIERVEKEYPN
VECILLVTHAASKIALGMSLLGYDNPRMSLNENGDKIRSGSCSLDKYEILKKSYDTIDETDDQTSFTYIPFSDRKWVLTM
NGNTEFLSSGEEMNWNFDCVAEAGSDADIKKRQMTKKTSSPIPEADDQTEVETVYISVDIPSGNYKERTEIAKSAILQYS
GLETDAPLFRIGNRLYEGSWERLVGTELAFPNAAHVHKKTAGLLSPTEENETTNAGQSKGSSTANDPNIQIQEEDVGLPD
STNTSRDHTGDKEEVQSEKIYRIKERIVLSNVRPM
;
D
5 'polydeoxyribonucleotide'
;(DT)(DT)(DT)(DT)(DT)(DT)(DT)(DT)(DT)(DT)(DT)(DT)(DT)(DT)(DT)(DT)(DT)(DT)(DT)(DT)
(DT)(DT)(DT)(DT)(DT)(DT)(DT)(DT)(DT)(DT)(DT)(DT)(DT)(DT)(DT)(DT)(DT)(DT)(DT)(DT)
(DT)(DT)(DT)(DT)(DT)
;
E
6 'polydeoxyribonucleotide'
;(DA)(DA)(DA)(DA)(DA)(DA)(DA)(DA)(DA)(DA)(DA)(DA)(DA)(DA)(DA)(DA)(DA)(DA)(DA)(DA)
(DA)(DA)(DA)(DA)(DA)(DA)(DA)(DA)(DA)(DA)(DA)(DA)(DA)(DA)(DA)(DA)(DA)(DA)(DA)(DA)
(DA)(DA)(DA)(DA)(DA)
;
F
#
loop_
_chem_comp.id
_chem_comp.type
_chem_comp.name
_chem_comp.formula
DA DNA linking 2'-DEOXYADENOSINE-5'-MONOPHOSPHATE 'C10 H14 N5 O6 P'
DT DNA linking THYMIDINE-5'-MONOPHOSPHATE 'C10 H15 N2 O8 P'
#
# COMPACT_ATOMS: atom_id res chain seq x y z
N LYS A 732 11.40 33.89 -46.70
CA LYS A 732 9.92 33.77 -46.96
C LYS A 732 9.45 32.33 -46.68
N THR A 733 9.66 31.85 -45.46
CA THR A 733 9.35 30.43 -45.09
C THR A 733 7.83 30.18 -45.07
N VAL A 734 7.38 29.45 -46.07
CA VAL A 734 5.91 29.23 -46.21
C VAL A 734 5.57 27.75 -45.95
N TYR A 735 4.35 27.50 -45.49
CA TYR A 735 3.88 26.10 -45.27
C TYR A 735 2.47 25.92 -45.82
N HIS A 736 2.23 24.78 -46.47
CA HIS A 736 0.88 24.18 -46.49
C HIS A 736 0.62 23.56 -45.12
N ALA A 737 -0.53 23.83 -44.49
CA ALA A 737 -0.86 23.35 -43.14
C ALA A 737 -1.00 21.80 -43.10
N GLY A 738 -1.10 21.13 -44.25
CA GLY A 738 -1.05 19.65 -44.35
C GLY A 738 0.35 19.07 -44.17
N THR A 739 1.42 19.88 -44.32
CA THR A 739 2.82 19.44 -44.10
C THR A 739 3.06 19.20 -42.60
N LYS A 740 3.85 18.18 -42.27
CA LYS A 740 4.09 17.75 -40.88
C LYS A 740 4.78 18.87 -40.08
N ASP A 741 5.67 19.65 -40.70
CA ASP A 741 6.31 20.86 -40.10
C ASP A 741 5.32 22.04 -40.06
N GLY A 742 4.44 22.18 -41.06
CA GLY A 742 3.49 23.31 -41.15
C GLY A 742 2.56 23.40 -39.94
N VAL A 743 2.17 22.27 -39.33
CA VAL A 743 1.38 22.25 -38.07
C VAL A 743 2.20 22.92 -36.95
N GLN A 744 3.49 22.61 -36.85
CA GLN A 744 4.37 23.21 -35.81
C GLN A 744 4.60 24.70 -36.12
N ALA A 745 4.75 25.09 -37.38
CA ALA A 745 4.87 26.51 -37.80
C ALA A 745 3.62 27.31 -37.38
N LEU A 746 2.42 26.74 -37.56
CA LEU A 746 1.15 27.39 -37.13
C LEU A 746 1.17 27.59 -35.60
N ILE A 747 1.56 26.57 -34.84
CA ILE A 747 1.67 26.64 -33.35
C ILE A 747 2.65 27.77 -32.96
N ARG A 748 3.88 27.73 -33.48
CA ARG A 748 4.94 28.74 -33.16
C ARG A 748 4.42 30.16 -33.43
N ALA A 749 3.75 30.36 -34.56
CA ALA A 749 3.32 31.70 -35.04
C ALA A 749 2.25 32.31 -34.14
N VAL A 750 1.27 31.53 -33.68
CA VAL A 750 0.27 32.06 -32.71
C VAL A 750 0.99 32.41 -31.40
N VAL A 751 1.89 31.57 -30.91
CA VAL A 751 2.65 31.82 -29.64
C VAL A 751 3.42 33.13 -29.78
N VAL A 752 4.18 33.30 -30.87
CA VAL A 752 4.98 34.53 -31.15
C VAL A 752 4.05 35.74 -31.20
N THR A 753 2.97 35.70 -31.98
CA THR A 753 2.04 36.86 -32.12
C THR A 753 1.35 37.19 -30.79
N LYS A 754 0.74 36.23 -30.09
CA LYS A 754 0.02 36.53 -28.83
C LYS A 754 1.00 36.95 -27.72
N SER A 755 2.17 36.32 -27.60
CA SER A 755 3.17 36.67 -26.56
C SER A 755 3.72 38.09 -26.76
N ILE A 756 3.75 38.60 -27.99
CA ILE A 756 4.25 39.98 -28.30
C ILE A 756 3.08 40.98 -28.27
N LYS A 757 2.02 40.78 -29.06
CA LYS A 757 0.96 41.82 -29.28
C LYS A 757 -0.29 41.56 -28.42
N ASN A 758 -0.24 40.60 -27.48
CA ASN A 758 -1.35 40.18 -26.57
C ASN A 758 -2.54 39.59 -27.35
N GLU A 759 -2.44 39.36 -28.67
CA GLU A 759 -3.57 38.93 -29.53
C GLU A 759 -3.08 37.97 -30.63
N ILE A 760 -3.98 37.11 -31.10
CA ILE A 760 -3.67 36.18 -32.22
C ILE A 760 -3.80 36.98 -33.52
N MET A 761 -2.67 37.36 -34.10
CA MET A 761 -2.64 38.21 -35.31
C MET A 761 -2.87 37.35 -36.57
N TRP A 762 -4.12 36.95 -36.84
CA TRP A 762 -4.47 36.07 -37.99
C TRP A 762 -4.07 36.70 -39.33
N ASP A 763 -4.21 38.01 -39.49
CA ASP A 763 -3.77 38.72 -40.72
C ASP A 763 -2.25 38.56 -40.93
N LYS A 764 -1.46 38.37 -39.87
CA LYS A 764 -0.01 38.04 -39.97
C LYS A 764 0.18 36.54 -40.23
N ILE A 765 -0.52 35.65 -39.53
CA ILE A 765 -0.34 34.17 -39.63
C ILE A 765 -0.75 33.69 -41.04
N THR A 766 -1.84 34.20 -41.63
CA THR A 766 -2.34 33.74 -42.96
C THR A 766 -1.32 34.02 -44.08
N LYS A 767 -0.41 34.97 -43.91
CA LYS A 767 0.71 35.25 -44.86
C LYS A 767 1.66 34.04 -44.94
N LEU A 768 1.65 33.17 -43.94
CA LEU A 768 2.56 31.99 -43.90
C LEU A 768 1.85 30.75 -44.48
N PHE A 769 0.52 30.78 -44.59
CA PHE A 769 -0.33 29.64 -45.05
C PHE A 769 -1.24 30.07 -46.19
N PRO A 770 -0.69 30.55 -47.34
CA PRO A 770 -1.52 30.91 -48.50
C PRO A 770 -2.34 29.74 -49.06
N ASN A 771 -1.92 28.50 -48.80
CA ASN A 771 -2.58 27.30 -49.36
C ASN A 771 -3.78 26.87 -48.48
N ASN A 772 -4.15 27.64 -47.44
CA ASN A 772 -5.23 27.24 -46.48
C ASN A 772 -6.12 28.42 -46.08
N SER A 773 -7.38 28.11 -45.75
CA SER A 773 -8.41 29.10 -45.35
C SER A 773 -8.27 29.47 -43.86
N LEU A 774 -8.58 30.72 -43.54
CA LEU A 774 -8.60 31.28 -42.16
C LEU A 774 -9.21 30.29 -41.16
N ASP A 775 -10.33 29.67 -41.50
CA ASP A 775 -11.11 28.86 -40.52
C ASP A 775 -10.53 27.45 -40.38
N ASN A 776 -9.88 26.89 -41.41
CA ASN A 776 -9.13 25.61 -41.30
C ASN A 776 -7.95 25.82 -40.34
N LEU A 777 -7.25 26.96 -40.46
CA LEU A 777 -6.10 27.30 -39.58
C LEU A 777 -6.58 27.53 -38.13
N LYS A 778 -7.64 28.33 -37.90
CA LYS A 778 -8.25 28.53 -36.56
C LYS A 778 -8.58 27.17 -35.90
N LYS A 779 -9.22 26.27 -36.65
CA LYS A 779 -9.68 24.96 -36.13
C LYS A 779 -8.47 24.11 -35.72
N LYS A 780 -7.46 23.98 -36.59
CA LYS A 780 -6.21 23.22 -36.28
C LYS A 780 -5.50 23.81 -35.06
N TRP A 781 -5.40 25.13 -34.97
CA TRP A 781 -4.81 25.81 -33.80
C TRP A 781 -5.60 25.48 -32.52
N THR A 782 -6.92 25.65 -32.55
CA THR A 782 -7.82 25.39 -31.39
C THR A 782 -7.64 23.94 -30.91
N ALA A 783 -7.69 22.98 -31.82
CA ALA A 783 -7.51 21.54 -31.51
C ALA A 783 -6.13 21.26 -30.89
N ARG A 784 -5.08 21.93 -31.36
CA ARG A 784 -3.71 21.77 -30.78
C ARG A 784 -3.64 22.37 -29.37
N ARG A 785 -4.23 23.55 -29.13
CA ARG A 785 -4.31 24.09 -27.74
C ARG A 785 -5.16 23.18 -26.85
N VAL A 786 -6.24 22.57 -27.36
CA VAL A 786 -7.05 21.59 -26.57
C VAL A 786 -6.18 20.39 -26.16
N ARG A 787 -5.47 19.75 -27.09
CA ARG A 787 -4.69 18.52 -26.77
C ARG A 787 -3.51 18.82 -25.84
N MET A 788 -2.90 20.02 -25.90
CA MET A 788 -1.77 20.39 -25.00
C MET A 788 -2.28 20.98 -23.68
N GLY A 789 -3.46 21.62 -23.65
CA GLY A 789 -4.10 22.17 -22.43
C GLY A 789 -3.36 23.34 -21.80
N HIS A 790 -3.69 23.63 -20.54
CA HIS A 790 -3.00 24.65 -19.69
C HIS A 790 -1.50 24.36 -19.61
N SER A 791 -1.14 23.11 -19.31
CA SER A 791 0.26 22.67 -19.04
C SER A 791 1.12 22.68 -20.32
N GLY A 792 0.51 22.82 -21.51
CA GLY A 792 1.22 22.99 -22.79
C GLY A 792 1.34 24.45 -23.22
N TRP A 793 0.23 25.21 -23.25
CA TRP A 793 0.20 26.58 -23.85
C TRP A 793 1.24 27.50 -23.19
N ARG A 794 1.23 27.57 -21.86
CA ARG A 794 2.17 28.42 -21.09
C ARG A 794 3.61 27.92 -21.28
N ALA A 795 3.83 26.61 -21.47
CA ALA A 795 5.18 26.04 -21.74
C ALA A 795 5.69 26.55 -23.09
N TYR A 796 4.84 26.57 -24.13
CA TYR A 796 5.20 27.17 -25.44
C TYR A 796 5.56 28.65 -25.28
N VAL A 797 4.72 29.42 -24.59
CA VAL A 797 4.93 30.88 -24.35
C VAL A 797 6.23 31.09 -23.54
N ASP A 798 6.46 30.30 -22.50
CA ASP A 798 7.66 30.43 -21.64
C ASP A 798 8.93 30.06 -22.44
N LYS A 799 8.92 28.98 -23.24
CA LYS A 799 10.10 28.68 -24.09
C LYS A 799 10.29 29.80 -25.09
N TRP A 800 9.22 30.25 -25.75
CA TRP A 800 9.30 31.35 -26.72
C TRP A 800 9.93 32.59 -26.07
N LYS A 801 9.42 33.06 -24.94
CA LYS A 801 10.00 34.28 -24.30
C LYS A 801 11.45 34.02 -23.84
N LYS A 802 11.80 32.82 -23.38
CA LYS A 802 13.22 32.50 -23.02
C LYS A 802 14.11 32.49 -24.28
N MET A 803 13.63 31.92 -25.40
CA MET A 803 14.35 31.95 -26.71
C MET A 803 14.45 33.39 -27.24
N LEU A 804 13.37 34.17 -27.15
CA LEU A 804 13.35 35.60 -27.52
C LEU A 804 14.43 36.35 -26.73
N VAL A 805 14.51 36.12 -25.41
CA VAL A 805 15.54 36.78 -24.54
C VAL A 805 16.93 36.34 -25.00
N LEU A 806 17.13 35.06 -25.32
CA LEU A 806 18.47 34.53 -25.73
C LEU A 806 18.85 35.09 -27.11
N ALA A 807 17.88 35.30 -28.01
CA ALA A 807 18.13 35.79 -29.40
C ALA A 807 18.45 37.28 -29.38
N ILE A 808 17.81 38.09 -28.54
CA ILE A 808 18.13 39.53 -28.39
C ILE A 808 19.54 39.66 -27.79
N LYS A 809 19.85 38.86 -26.77
CA LYS A 809 21.18 38.87 -26.11
C LYS A 809 22.29 38.34 -27.04
N SER A 810 21.96 37.67 -28.15
CA SER A 810 22.96 37.17 -29.13
C SER A 810 22.80 37.89 -30.49
N GLU A 811 22.18 39.08 -30.48
CA GLU A 811 22.04 40.02 -31.63
C GLU A 811 21.29 39.39 -32.83
N LYS A 812 20.68 38.21 -32.67
CA LYS A 812 19.86 37.58 -33.74
C LYS A 812 18.57 38.40 -33.95
N ILE A 813 18.10 39.10 -32.91
CA ILE A 813 16.82 39.84 -32.93
C ILE A 813 17.05 41.27 -32.45
N SER A 814 16.66 42.26 -33.24
CA SER A 814 16.55 43.66 -32.77
C SER A 814 15.16 43.82 -32.15
N LEU A 815 14.99 44.72 -31.20
CA LEU A 815 13.64 44.98 -30.66
C LEU A 815 12.67 45.45 -31.74
N ARG A 816 13.16 46.00 -32.86
CA ARG A 816 12.34 46.37 -34.03
C ARG A 816 11.72 45.11 -34.67
N ASP A 817 12.42 43.99 -34.74
CA ASP A 817 11.85 42.74 -35.33
C ASP A 817 10.69 42.24 -34.45
N VAL A 818 10.73 42.54 -33.15
CA VAL A 818 9.64 42.24 -32.18
C VAL A 818 8.48 43.22 -32.43
N GLU A 819 8.76 44.53 -32.49
CA GLU A 819 7.72 45.59 -32.69
C GLU A 819 6.98 45.43 -34.03
N GLU A 820 7.67 45.05 -35.11
CA GLU A 820 7.04 44.84 -36.44
C GLU A 820 6.40 43.44 -36.54
N LEU A 821 6.69 42.53 -35.60
CA LEU A 821 6.25 41.10 -35.60
C LEU A 821 6.56 40.43 -36.96
N ASP A 822 7.82 40.41 -37.39
CA ASP A 822 8.21 39.70 -38.63
C ASP A 822 8.24 38.19 -38.34
N LEU A 823 7.09 37.53 -38.54
CA LEU A 823 6.93 36.08 -38.28
C LEU A 823 7.98 35.24 -39.00
N ILE A 824 8.41 35.58 -40.23
CA ILE A 824 9.39 34.72 -40.96
C ILE A 824 10.67 34.63 -40.11
N LYS A 825 11.27 35.79 -39.77
CA LYS A 825 12.49 35.85 -38.94
C LYS A 825 12.26 35.10 -37.63
N LEU A 826 11.17 35.38 -36.93
CA LEU A 826 10.92 34.82 -35.58
C LEU A 826 10.75 33.28 -35.70
N LEU A 827 10.16 32.77 -36.78
CA LEU A 827 9.97 31.30 -36.99
C LEU A 827 11.29 30.63 -37.35
N ASP A 828 12.09 31.24 -38.22
CA ASP A 828 13.43 30.70 -38.60
C ASP A 828 14.30 30.66 -37.34
N ILE A 829 14.20 31.70 -36.52
CA ILE A 829 14.99 31.82 -35.25
C ILE A 829 14.54 30.72 -34.28
N TRP A 830 13.24 30.49 -34.13
CA TRP A 830 12.72 29.36 -33.32
C TRP A 830 13.27 28.05 -33.91
N THR A 831 13.16 27.86 -35.23
CA THR A 831 13.65 26.64 -35.91
C THR A 831 15.15 26.46 -35.62
N SER A 832 15.95 27.52 -35.72
CA SER A 832 17.42 27.51 -35.54
C SER A 832 17.79 27.15 -34.08
N PHE A 833 16.98 27.56 -33.12
CA PHE A 833 17.24 27.30 -31.69
C PHE A 833 17.00 25.81 -31.38
N ASP A 834 15.87 25.28 -31.84
CA ASP A 834 15.58 23.81 -31.74
C ASP A 834 16.68 23.02 -32.47
N GLU A 835 17.08 23.44 -33.68
CA GLU A 835 18.18 22.77 -34.45
C GLU A 835 19.49 22.70 -33.63
N LYS A 836 19.73 23.62 -32.70
CA LYS A 836 20.94 23.61 -31.83
C LYS A 836 20.69 22.80 -30.56
N GLU A 837 19.52 22.91 -29.92
CA GLU A 837 19.20 22.11 -28.70
C GLU A 837 19.07 20.61 -29.00
N ILE A 838 18.59 20.25 -30.19
CA ILE A 838 18.48 18.84 -30.68
C ILE A 838 19.84 18.12 -30.60
N LYS A 839 20.96 18.86 -30.65
CA LYS A 839 22.34 18.30 -30.63
C LYS A 839 22.85 18.04 -29.21
N ARG A 840 22.13 18.42 -28.15
CA ARG A 840 22.58 18.24 -26.75
C ARG A 840 21.83 17.07 -26.08
N PRO A 841 22.53 16.06 -25.51
CA PRO A 841 21.88 15.12 -24.59
C PRO A 841 21.52 15.90 -23.31
N LEU A 842 20.24 15.89 -22.93
CA LEU A 842 19.62 16.97 -22.12
C LEU A 842 19.93 16.79 -20.63
N PHE A 843 21.14 17.14 -20.21
CA PHE A 843 21.59 17.14 -18.80
C PHE A 843 21.07 18.39 -18.06
N LEU A 844 20.86 18.23 -16.75
CA LEU A 844 20.53 19.32 -15.77
C LEU A 844 21.79 20.08 -15.34
N TYR A 845 21.65 21.39 -15.14
CA TYR A 845 22.59 22.19 -14.31
C TYR A 845 22.36 21.88 -12.82
N LYS A 846 23.35 22.09 -11.97
CA LYS A 846 23.17 22.03 -10.49
C LYS A 846 22.33 23.23 -10.06
N ASN A 847 22.70 24.41 -10.57
CA ASN A 847 21.95 25.68 -10.40
C ASN A 847 20.50 25.52 -10.88
N TYR A 848 19.56 25.80 -10.00
CA TYR A 848 18.12 25.60 -10.29
C TYR A 848 17.59 26.70 -11.21
N GLU A 849 18.03 27.93 -11.05
CA GLU A 849 17.61 29.04 -11.96
C GLU A 849 18.12 28.81 -13.40
N GLU A 850 19.29 28.21 -13.60
CA GLU A 850 19.76 27.84 -14.97
C GLU A 850 18.80 26.81 -15.58
N ASN A 851 18.37 25.81 -14.82
CA ASN A 851 17.34 24.87 -15.32
C ASN A 851 16.02 25.60 -15.59
N ARG A 852 15.55 26.46 -14.69
CA ARG A 852 14.32 27.29 -14.93
C ARG A 852 14.49 28.25 -16.12
N LYS A 853 15.73 28.58 -16.55
CA LYS A 853 15.98 29.37 -17.79
C LYS A 853 16.05 28.48 -19.04
N LYS A 854 16.67 27.30 -18.95
CA LYS A 854 17.14 26.56 -20.15
C LYS A 854 16.39 25.26 -20.38
N PHE A 855 15.46 24.90 -19.51
CA PHE A 855 14.30 24.02 -19.88
C PHE A 855 13.01 24.85 -19.79
N THR A 856 12.07 24.61 -20.70
CA THR A 856 10.66 24.91 -20.44
C THR A 856 9.89 23.61 -20.60
N LEU A 857 8.89 23.44 -19.76
CA LEU A 857 8.43 22.12 -19.28
C LEU A 857 6.92 21.93 -19.49
N VAL A 858 6.55 20.81 -20.13
CA VAL A 858 5.14 20.41 -20.39
C VAL A 858 4.77 19.31 -19.38
N ARG A 859 3.85 19.61 -18.48
CA ARG A 859 3.33 18.59 -17.52
C ARG A 859 2.31 17.72 -18.25
N ASP A 860 2.67 16.45 -18.43
CA ASP A 860 1.95 15.47 -19.28
C ASP A 860 0.92 14.72 -18.42
N ASP A 861 -0.36 15.03 -18.60
CA ASP A 861 -1.46 14.62 -17.67
C ASP A 861 -1.86 13.14 -17.91
N THR A 862 -1.03 12.19 -17.48
CA THR A 862 -1.38 10.74 -17.39
C THR A 862 -2.28 10.51 -16.16
N LEU A 863 -1.75 10.75 -14.97
CA LEU A 863 -2.52 10.82 -13.71
C LEU A 863 -3.15 12.22 -13.65
N THR A 864 -4.37 12.37 -14.14
CA THR A 864 -5.07 13.68 -14.27
C THR A 864 -5.45 14.26 -12.89
N HIS A 865 -5.18 13.52 -11.81
CA HIS A 865 -5.71 13.72 -10.43
C HIS A 865 -7.26 13.72 -10.39
N SER A 866 -7.93 13.30 -11.47
CA SER A 866 -9.33 12.81 -11.41
C SER A 866 -9.28 11.46 -10.68
N GLY A 867 -9.72 11.43 -9.41
CA GLY A 867 -9.50 10.33 -8.45
C GLY A 867 -10.41 9.13 -8.69
N ASN A 868 -10.78 8.87 -9.94
CA ASN A 868 -11.77 7.83 -10.32
C ASN A 868 -11.18 6.42 -10.26
N ASP A 869 -12.04 5.46 -9.94
CA ASP A 869 -11.89 4.04 -10.30
C ASP A 869 -13.23 3.63 -10.90
N LEU A 870 -13.31 3.59 -12.23
CA LEU A 870 -14.56 3.81 -12.99
C LEU A 870 -15.55 2.65 -12.78
N ALA A 871 -16.69 2.94 -12.13
CA ALA A 871 -17.92 2.10 -12.08
C ALA A 871 -17.60 0.64 -11.70
N MET A 872 -16.70 0.41 -10.73
CA MET A 872 -16.23 -0.95 -10.37
C MET A 872 -17.31 -1.78 -9.68
N SER A 873 -17.34 -3.07 -10.01
CA SER A 873 -18.23 -4.10 -9.41
C SER A 873 -17.46 -5.39 -9.06
N SER A 874 -16.60 -5.89 -9.96
CA SER A 874 -15.85 -7.15 -9.75
C SER A 874 -14.85 -7.04 -8.59
N MET A 875 -14.58 -8.16 -7.91
CA MET A 875 -13.57 -8.19 -6.83
C MET A 875 -12.13 -8.16 -7.39
N ILE A 876 -11.88 -8.62 -8.61
CA ILE A 876 -10.55 -8.37 -9.24
C ILE A 876 -10.43 -6.87 -9.55
N GLN A 877 -11.45 -6.20 -10.10
CA GLN A 877 -11.43 -4.73 -10.33
C GLN A 877 -11.12 -4.00 -9.03
N ARG A 878 -11.93 -4.26 -8.00
CA ARG A 878 -11.86 -3.54 -6.71
C ARG A 878 -10.56 -3.88 -5.97
N GLU A 879 -10.11 -5.13 -5.88
CA GLU A 879 -8.83 -5.38 -5.17
C GLU A 879 -7.59 -4.92 -5.98
N ILE A 880 -7.58 -4.94 -7.31
CA ILE A 880 -6.40 -4.40 -8.07
C ILE A 880 -6.36 -2.88 -7.88
N SER A 881 -7.48 -2.18 -8.08
CA SER A 881 -7.57 -0.72 -7.88
C SER A 881 -7.07 -0.37 -6.47
N SER A 882 -7.74 -0.91 -5.46
CA SER A 882 -7.54 -0.50 -4.06
C SER A 882 -6.23 -1.05 -3.46
N LEU A 883 -5.50 -1.94 -4.12
CA LEU A 883 -4.06 -2.17 -3.78
C LEU A 883 -3.17 -1.08 -4.39
N LYS A 884 -3.47 -0.58 -5.58
CA LYS A 884 -2.58 0.39 -6.26
C LYS A 884 -2.72 1.79 -5.62
N LYS A 885 -3.93 2.19 -5.23
CA LYS A 885 -4.31 3.62 -5.05
C LYS A 885 -3.48 4.32 -3.96
N THR A 886 -3.35 5.66 -4.08
CA THR A 886 -2.41 6.53 -3.31
C THR A 886 -2.91 6.82 -1.88
N TYR A 887 -2.01 6.81 -0.89
CA TYR A 887 -2.30 7.08 0.54
C TYR A 887 -1.31 8.13 1.08
N THR A 888 -1.47 9.40 0.68
CA THR A 888 -0.53 10.50 1.08
C THR A 888 -1.25 11.83 1.33
N ARG A 889 -0.52 12.75 1.95
CA ARG A 889 -0.91 14.19 2.07
C ARG A 889 0.25 15.07 1.59
N LYS A 890 -0.08 16.11 0.83
CA LYS A 890 0.89 17.14 0.35
C LYS A 890 1.50 17.86 1.56
N ILE A 891 2.84 17.97 1.59
CA ILE A 891 3.57 18.65 2.70
C ILE A 891 3.49 20.15 2.45
N SER A 892 3.94 20.58 1.27
CA SER A 892 3.89 21.96 0.77
C SER A 892 2.49 22.29 0.24
N ALA A 893 2.27 23.57 -0.07
CA ALA A 893 1.27 23.95 -1.10
C ALA A 893 1.61 23.21 -2.42
N SER A 894 0.63 23.02 -3.29
CA SER A 894 0.86 22.40 -4.63
C SER A 894 1.79 23.29 -5.49
N THR A 895 2.30 22.76 -6.60
CA THR A 895 3.23 23.50 -7.52
C THR A 895 2.48 24.69 -8.13
N LYS A 896 1.17 24.55 -8.35
CA LYS A 896 0.23 25.69 -8.49
C LYS A 896 0.00 26.32 -7.12
N ASP A 897 0.24 27.63 -7.02
CA ASP A 897 -0.14 28.46 -5.86
C ASP A 897 -1.62 28.18 -5.53
N LEU A 898 -1.93 27.82 -4.29
CA LEU A 898 -3.32 27.46 -3.90
C LEU A 898 -4.23 28.70 -3.96
N SER A 899 -3.73 29.92 -3.76
CA SER A 899 -4.52 31.16 -3.96
C SER A 899 -4.90 31.35 -5.43
N LYS A 900 -4.07 30.84 -6.35
CA LYS A 900 -4.32 30.84 -7.81
C LYS A 900 -5.24 29.67 -8.17
N SER A 901 -4.99 28.48 -7.64
CA SER A 901 -5.85 27.28 -7.85
C SER A 901 -7.28 27.53 -7.34
N GLN A 902 -7.44 28.33 -6.28
CA GLN A 902 -8.76 28.82 -5.77
C GLN A 902 -9.47 29.70 -6.81
N SER A 903 -8.81 30.07 -7.90
CA SER A 903 -9.52 30.57 -9.12
C SER A 903 -9.66 29.43 -10.14
N ASP A 904 -8.66 28.56 -10.37
CA ASP A 904 -8.73 27.46 -11.38
C ASP A 904 -9.92 26.50 -11.17
N ASP A 905 -10.06 25.93 -9.98
CA ASP A 905 -11.19 25.01 -9.69
C ASP A 905 -12.48 25.83 -9.76
N TYR A 906 -12.47 27.04 -9.24
CA TYR A 906 -13.65 27.90 -9.26
C TYR A 906 -14.05 28.23 -10.71
N ILE A 907 -13.12 28.33 -11.65
CA ILE A 907 -13.46 28.41 -13.10
C ILE A 907 -14.22 27.13 -13.53
N ARG A 908 -13.65 25.94 -13.32
CA ARG A 908 -14.30 24.67 -13.75
C ARG A 908 -15.75 24.65 -13.24
N THR A 909 -15.94 24.94 -11.97
CA THR A 909 -17.26 24.87 -11.35
C THR A 909 -18.18 25.94 -11.94
N VAL A 910 -17.75 27.18 -12.10
CA VAL A 910 -18.66 28.18 -12.68
C VAL A 910 -19.06 27.66 -14.07
N ILE A 911 -18.16 27.00 -14.82
CA ILE A 911 -18.48 26.40 -16.16
C ILE A 911 -19.50 25.27 -16.01
N ARG A 912 -19.21 24.20 -15.27
CA ARG A 912 -20.15 23.06 -15.07
C ARG A 912 -21.51 23.58 -14.69
N SER A 913 -21.51 24.42 -13.69
CA SER A 913 -22.70 25.09 -13.13
C SER A 913 -23.41 25.95 -14.20
N ILE A 914 -22.86 26.09 -15.41
CA ILE A 914 -23.55 26.74 -16.55
C ILE A 914 -23.81 25.72 -17.69
N LEU A 915 -23.05 24.63 -17.81
CA LEU A 915 -23.30 23.53 -18.81
C LEU A 915 -24.58 22.74 -18.51
N ILE A 916 -24.95 22.57 -17.26
CA ILE A 916 -26.28 21.96 -16.96
C ILE A 916 -27.36 23.02 -17.21
N GLU A 917 -27.06 24.33 -17.02
CA GLU A 917 -27.99 25.45 -17.32
C GLU A 917 -28.26 25.56 -18.82
N SER A 918 -27.23 25.38 -19.65
CA SER A 918 -27.28 25.75 -21.08
C SER A 918 -26.51 24.73 -21.92
N PRO A 919 -27.04 24.32 -23.11
CA PRO A 919 -26.33 23.39 -23.98
C PRO A 919 -25.05 23.98 -24.61
N SER A 920 -24.87 25.30 -24.62
CA SER A 920 -23.59 25.94 -25.06
C SER A 920 -23.39 27.34 -24.46
N THR A 921 -22.13 27.77 -24.35
CA THR A 921 -21.72 29.00 -23.64
C THR A 921 -20.45 29.57 -24.29
N THR A 922 -20.26 30.88 -24.27
CA THR A 922 -19.11 31.53 -24.97
C THR A 922 -18.13 32.13 -23.95
N ARG A 923 -16.86 31.72 -24.05
CA ARG A 923 -15.76 32.06 -23.11
C ARG A 923 -15.64 33.58 -22.89
N ASN A 924 -15.57 34.33 -23.98
CA ASN A 924 -15.14 35.76 -23.97
C ASN A 924 -16.25 36.63 -23.36
N GLU A 925 -17.49 36.45 -23.80
CA GLU A 925 -18.60 37.41 -23.51
C GLU A 925 -19.31 37.05 -22.20
N ILE A 926 -19.73 35.80 -21.99
CA ILE A 926 -20.87 35.50 -21.08
C ILE A 926 -20.42 34.76 -19.80
N GLU A 927 -19.13 34.45 -19.65
CA GLU A 927 -18.56 33.92 -18.39
C GLU A 927 -18.68 34.94 -17.24
N ALA A 928 -19.12 34.48 -16.06
CA ALA A 928 -19.21 35.28 -14.81
C ALA A 928 -17.83 35.53 -14.18
N LEU A 929 -16.82 34.75 -14.54
CA LEU A 929 -15.52 34.64 -13.81
C LEU A 929 -14.61 35.85 -13.93
N LYS A 930 -14.84 36.79 -14.86
CA LYS A 930 -13.83 37.68 -15.50
C LYS A 930 -12.97 38.52 -14.53
N ASN A 931 -13.28 38.57 -13.23
CA ASN A 931 -12.37 39.12 -12.18
C ASN A 931 -11.13 38.22 -12.05
N VAL A 932 -11.31 36.93 -12.26
CA VAL A 932 -10.24 35.93 -12.56
C VAL A 932 -9.70 36.22 -13.96
N GLY A 933 -8.37 36.20 -14.14
CA GLY A 933 -7.69 36.58 -15.40
C GLY A 933 -8.11 35.73 -16.59
N ASN A 934 -8.48 36.37 -17.70
CA ASN A 934 -9.05 35.73 -18.92
C ASN A 934 -8.14 34.60 -19.45
N GLU A 935 -6.81 34.74 -19.32
CA GLU A 935 -5.85 33.67 -19.70
C GLU A 935 -6.15 32.36 -18.96
N SER A 936 -6.36 32.43 -17.64
CA SER A 936 -6.63 31.21 -16.85
C SER A 936 -8.02 30.63 -17.22
N ILE A 937 -9.00 31.48 -17.53
CA ILE A 937 -10.36 31.08 -18.01
C ILE A 937 -10.18 30.23 -19.27
N ASP A 938 -9.42 30.73 -20.22
CA ASP A 938 -9.18 30.08 -21.52
C ASP A 938 -8.39 28.77 -21.32
N ASN A 939 -7.36 28.79 -20.48
CA ASN A 939 -6.53 27.59 -20.20
C ASN A 939 -7.39 26.47 -19.58
N VAL A 940 -8.26 26.80 -18.63
CA VAL A 940 -9.17 25.79 -18.02
C VAL A 940 -10.21 25.34 -19.06
N ILE A 941 -10.65 26.21 -19.96
CA ILE A 941 -11.54 25.79 -21.08
C ILE A 941 -10.82 24.75 -21.95
N MET A 942 -9.56 24.98 -22.30
CA MET A 942 -8.78 23.97 -23.04
C MET A 942 -8.70 22.67 -22.22
N ASP A 943 -8.39 22.72 -20.92
CA ASP A 943 -8.30 21.49 -20.08
C ASP A 943 -9.66 20.79 -19.96
N MET A 944 -10.78 21.50 -19.78
CA MET A 944 -12.10 20.82 -19.71
C MET A 944 -12.45 20.16 -21.06
N ALA A 945 -12.04 20.71 -22.20
CA ALA A 945 -12.27 20.07 -23.51
C ALA A 945 -11.37 18.84 -23.66
N LYS A 946 -10.13 18.92 -23.18
CA LYS A 946 -9.18 17.78 -23.13
C LYS A 946 -9.77 16.65 -22.29
N GLU A 947 -10.33 16.97 -21.13
CA GLU A 947 -11.01 15.98 -20.24
C GLU A 947 -12.46 15.72 -20.71
N LYS A 948 -12.87 16.19 -21.89
CA LYS A 948 -14.20 15.97 -22.54
C LYS A 948 -15.37 16.46 -21.67
N GLN A 949 -15.12 17.30 -20.67
CA GLN A 949 -16.21 17.90 -19.86
C GLN A 949 -17.01 18.81 -20.79
N ILE A 950 -16.37 19.38 -21.81
CA ILE A 950 -17.06 20.19 -22.85
C ILE A 950 -16.63 19.64 -24.19
N TYR A 951 -17.47 19.83 -25.21
CA TYR A 951 -17.02 19.82 -26.62
C TYR A 951 -16.70 21.28 -26.96
N LEU A 952 -15.87 21.53 -27.97
CA LEU A 952 -15.59 22.91 -28.41
C LEU A 952 -16.08 23.09 -29.84
N HIS A 953 -17.05 23.97 -30.03
CA HIS A 953 -17.47 24.39 -31.39
C HIS A 953 -17.03 25.85 -31.57
N GLY A 954 -15.77 26.05 -31.93
CA GLY A 954 -15.11 27.36 -32.03
C GLY A 954 -15.14 28.13 -30.73
N SER A 955 -15.87 29.26 -30.72
CA SER A 955 -16.05 30.16 -29.55
C SER A 955 -16.95 29.52 -28.48
N LYS A 956 -17.85 28.61 -28.88
CA LYS A 956 -18.82 27.97 -27.94
C LYS A 956 -18.23 26.72 -27.29
N LEU A 957 -18.18 26.75 -25.96
CA LEU A 957 -18.16 25.52 -25.13
C LEU A 957 -19.49 24.81 -25.37
N GLU A 958 -19.53 23.49 -25.39
CA GLU A 958 -20.82 22.76 -25.54
C GLU A 958 -20.99 21.73 -24.42
N CYS A 959 -22.21 21.71 -23.89
CA CYS A 959 -22.67 20.83 -22.80
C CYS A 959 -22.43 19.36 -23.13
N THR A 960 -21.73 18.61 -22.28
CA THR A 960 -21.66 17.15 -22.47
C THR A 960 -22.62 16.49 -21.50
N ASP A 961 -23.51 15.65 -22.00
CA ASP A 961 -24.54 14.98 -21.15
C ASP A 961 -23.86 13.99 -20.19
N THR A 962 -22.59 13.66 -20.40
CA THR A 962 -21.80 12.81 -19.46
C THR A 962 -21.90 13.29 -18.00
N LEU A 963 -21.95 14.61 -17.77
CA LEU A 963 -22.10 15.15 -16.40
C LEU A 963 -23.49 14.74 -15.89
N PRO A 964 -24.63 15.16 -16.50
CA PRO A 964 -25.97 14.66 -16.13
C PRO A 964 -26.06 13.15 -15.97
N ASP A 965 -25.43 12.39 -16.87
CA ASP A 965 -25.42 10.91 -16.79
C ASP A 965 -24.70 10.44 -15.52
N ILE A 966 -23.56 11.03 -15.17
CA ILE A 966 -22.86 10.62 -13.92
C ILE A 966 -23.69 11.05 -12.69
N LEU A 967 -24.40 12.19 -12.72
CA LEU A 967 -25.35 12.52 -11.62
C LEU A 967 -26.47 11.50 -11.52
N GLU A 968 -27.06 11.07 -12.64
CA GLU A 968 -28.21 10.13 -12.57
C GLU A 968 -27.74 8.71 -12.25
N ASN A 969 -26.47 8.36 -12.46
CA ASN A 969 -25.93 7.03 -12.11
C ASN A 969 -25.35 6.98 -10.69
N ARG A 970 -24.73 8.07 -10.20
CA ARG A 970 -24.06 8.10 -8.86
C ARG A 970 -24.91 8.85 -7.83
N GLY A 971 -25.65 9.88 -8.26
CA GLY A 971 -26.77 10.44 -7.48
C GLY A 971 -27.90 9.44 -7.38
N ASN A 972 -28.68 9.46 -6.30
CA ASN A 972 -29.43 8.27 -5.87
C ASN A 972 -30.73 8.68 -5.15
N TYR A 973 -31.23 9.88 -5.39
CA TYR A 973 -32.09 10.54 -4.37
C TYR A 973 -33.47 9.92 -4.31
N LYS A 974 -33.92 9.23 -5.36
CA LYS A 974 -35.24 8.55 -5.34
C LYS A 974 -35.25 7.43 -4.29
N ASP A 975 -34.13 6.76 -4.06
CA ASP A 975 -34.07 5.64 -3.06
C ASP A 975 -34.23 6.20 -1.62
N PHE A 976 -33.41 7.14 -1.26
CA PHE A 976 -33.59 7.92 -0.02
C PHE A 976 -35.02 8.49 0.10
N GLY A 977 -35.60 9.05 -0.97
CA GLY A 977 -36.95 9.66 -0.96
C GLY A 977 -37.98 8.64 -0.52
N VAL A 978 -37.98 7.49 -1.18
CA VAL A 978 -38.85 6.38 -0.74
C VAL A 978 -38.33 5.84 0.60
N ALA A 979 -37.11 6.13 1.02
CA ALA A 979 -36.58 5.67 2.33
C ALA A 979 -37.11 6.52 3.51
N PHE A 980 -37.15 7.85 3.46
CA PHE A 980 -37.83 8.62 4.55
C PHE A 980 -39.32 8.25 4.57
N GLN A 981 -39.89 7.84 3.44
CA GLN A 981 -41.29 7.33 3.33
C GLN A 981 -41.41 5.92 3.91
N TYR A 982 -40.45 5.02 3.68
CA TYR A 982 -40.48 3.66 4.29
C TYR A 982 -40.18 3.72 5.80
N ARG A 983 -39.46 4.73 6.31
CA ARG A 983 -39.34 4.97 7.78
C ARG A 983 -40.76 5.01 8.39
N CYS A 984 -41.66 5.81 7.81
CA CYS A 984 -43.06 5.97 8.29
C CYS A 984 -43.79 4.62 8.27
N LYS A 985 -43.69 3.88 7.17
CA LYS A 985 -44.34 2.55 6.96
C LYS A 985 -43.83 1.52 8.00
N VAL A 986 -42.58 1.59 8.44
CA VAL A 986 -42.07 0.70 9.54
C VAL A 986 -42.59 1.23 10.87
N ASN A 987 -42.27 2.49 11.19
CA ASN A 987 -42.33 3.05 12.57
C ASN A 987 -43.74 2.97 13.19
N GLU A 988 -44.76 3.41 12.47
CA GLU A 988 -46.15 3.51 13.02
C GLU A 988 -46.64 2.12 13.44
N LEU A 989 -46.12 1.07 12.81
CA LEU A 989 -46.56 -0.33 13.05
C LEU A 989 -45.76 -0.98 14.20
N LEU A 990 -44.65 -0.39 14.66
CA LEU A 990 -43.68 -1.09 15.57
C LEU A 990 -44.26 -1.33 16.96
N GLU A 991 -44.93 -0.35 17.56
CA GLU A 991 -45.39 -0.42 18.97
C GLU A 991 -46.62 -1.34 19.13
N ALA A 992 -47.31 -1.67 18.02
CA ALA A 992 -48.44 -2.63 18.02
C ALA A 992 -47.95 -4.06 18.32
N GLY A 993 -46.66 -4.37 18.16
CA GLY A 993 -46.07 -5.72 18.37
C GLY A 993 -46.41 -6.63 17.21
N ASN A 994 -47.70 -6.97 17.06
CA ASN A 994 -48.27 -7.55 15.82
C ASN A 994 -48.26 -6.44 14.75
N ALA A 995 -47.37 -6.54 13.76
CA ALA A 995 -46.96 -5.43 12.87
C ALA A 995 -46.91 -5.87 11.41
N ILE A 996 -46.18 -5.12 10.57
CA ILE A 996 -45.78 -5.58 9.21
C ILE A 996 -45.10 -6.95 9.35
N VAL A 997 -45.50 -7.88 8.50
CA VAL A 997 -44.80 -9.18 8.37
C VAL A 997 -44.00 -9.16 7.06
N ILE A 998 -42.73 -9.48 7.16
CA ILE A 998 -41.85 -9.61 5.96
C ILE A 998 -42.02 -11.06 5.49
N ASN A 999 -42.85 -11.23 4.46
CA ASN A 999 -43.22 -12.56 3.89
C ASN A 999 -43.04 -12.59 2.36
N GLN A 1000 -42.68 -11.46 1.76
CA GLN A 1000 -42.32 -11.33 0.32
C GLN A 1000 -41.13 -10.38 0.22
N GLU A 1001 -40.41 -10.45 -0.89
CA GLU A 1001 -39.31 -9.52 -1.25
C GLU A 1001 -39.77 -8.08 -0.97
N PRO A 1002 -39.26 -7.43 0.10
CA PRO A 1002 -39.63 -6.05 0.39
C PRO A 1002 -38.78 -5.13 -0.49
N SER A 1003 -39.25 -3.91 -0.76
CA SER A 1003 -38.64 -3.01 -1.79
C SER A 1003 -37.13 -2.83 -1.53
N ASP A 1004 -36.32 -2.57 -2.53
CA ASP A 1004 -34.84 -2.34 -2.32
C ASP A 1004 -34.61 -1.22 -1.29
N ILE A 1005 -35.35 -0.13 -1.44
CA ILE A 1005 -35.47 1.02 -0.49
C ILE A 1005 -35.85 0.55 0.91
N SER A 1006 -36.73 -0.46 1.07
CA SER A 1006 -37.11 -1.06 2.38
C SER A 1006 -35.85 -1.57 3.08
N SER A 1007 -34.85 -2.00 2.33
CA SER A 1007 -33.56 -2.35 2.96
C SER A 1007 -32.67 -1.10 3.20
N TRP A 1008 -32.84 0.04 2.53
CA TRP A 1008 -32.19 1.33 2.95
C TRP A 1008 -32.74 1.83 4.30
N VAL A 1009 -33.88 1.33 4.74
CA VAL A 1009 -34.58 1.79 5.98
C VAL A 1009 -34.52 0.73 7.10
N LEU A 1010 -35.01 -0.46 6.86
CA LEU A 1010 -34.99 -1.49 7.90
C LEU A 1010 -33.56 -1.70 8.33
N ILE A 1011 -32.55 -1.58 7.47
CA ILE A 1011 -31.24 -2.03 7.95
C ILE A 1011 -30.73 -1.02 8.96
N ASP A 1012 -30.88 0.25 8.62
CA ASP A 1012 -30.56 1.39 9.50
C ASP A 1012 -31.41 1.43 10.78
N LEU A 1013 -32.73 1.33 10.65
CA LEU A 1013 -33.59 1.37 11.85
C LEU A 1013 -33.34 0.16 12.78
N ILE A 1014 -33.08 -1.03 12.27
CA ILE A 1014 -32.61 -2.13 13.14
C ILE A 1014 -31.27 -1.75 13.74
N SER A 1015 -30.37 -1.16 13.00
CA SER A 1015 -29.09 -0.74 13.60
C SER A 1015 -29.25 0.45 14.57
N GLY A 1016 -30.38 1.18 14.52
CA GLY A 1016 -30.74 2.19 15.54
C GLY A 1016 -31.37 1.62 16.81
N GLU A 1017 -31.39 0.29 16.99
CA GLU A 1017 -31.89 -0.44 18.20
C GLU A 1017 -33.36 -0.09 18.51
N LEU A 1018 -34.13 0.38 17.51
CA LEU A 1018 -35.61 0.48 17.60
C LEU A 1018 -36.25 -0.92 17.67
N LEU A 1019 -35.54 -1.97 17.22
CA LEU A 1019 -36.21 -3.17 16.66
C LEU A 1019 -35.72 -4.48 17.28
N ASN A 1020 -36.69 -5.37 17.45
CA ASN A 1020 -36.50 -6.83 17.58
C ASN A 1020 -37.46 -7.50 16.57
N MET A 1021 -37.19 -8.75 16.21
CA MET A 1021 -37.88 -9.39 15.07
C MET A 1021 -38.55 -10.66 15.51
N ASP A 1022 -39.85 -10.81 15.32
CA ASP A 1022 -40.58 -12.04 15.73
C ASP A 1022 -40.81 -12.96 14.55
N VAL A 1023 -41.11 -14.22 14.85
CA VAL A 1023 -41.25 -15.34 13.88
C VAL A 1023 -42.72 -15.76 13.83
N ILE A 1024 -43.33 -15.74 12.65
CA ILE A 1024 -44.60 -16.50 12.43
C ILE A 1024 -44.22 -17.98 12.58
N PRO A 1025 -44.75 -18.72 13.60
CA PRO A 1025 -44.27 -20.06 13.91
C PRO A 1025 -44.81 -21.12 12.93
N MET A 1026 -44.28 -21.11 11.71
CA MET A 1026 -44.70 -22.05 10.63
C MET A 1026 -44.22 -23.46 10.98
N VAL A 1027 -45.16 -24.32 11.40
CA VAL A 1027 -44.89 -25.72 11.83
C VAL A 1027 -44.21 -26.48 10.68
N ARG A 1028 -43.19 -27.27 11.00
CA ARG A 1028 -42.26 -27.83 9.98
C ARG A 1028 -42.06 -29.34 10.15
N ASN A 1029 -42.00 -30.05 9.01
CA ASN A 1029 -41.77 -31.52 8.94
C ASN A 1029 -40.28 -31.84 9.12
N VAL A 1030 -39.73 -31.58 10.31
CA VAL A 1030 -38.41 -32.14 10.73
C VAL A 1030 -38.61 -33.63 11.06
N ARG A 1031 -37.74 -34.49 10.51
CA ARG A 1031 -37.83 -35.98 10.63
C ARG A 1031 -36.43 -36.57 10.79
N PRO A 1032 -36.26 -37.71 11.49
CA PRO A 1032 -34.97 -38.41 11.50
C PRO A 1032 -34.61 -38.91 10.09
N LEU A 1033 -33.32 -39.16 9.87
CA LEU A 1033 -32.71 -39.55 8.56
C LEU A 1033 -32.78 -38.43 7.50
N THR A 1034 -33.26 -37.20 7.79
CA THR A 1034 -33.39 -36.12 6.75
C THR A 1034 -32.41 -34.95 6.98
N TYR A 1035 -31.70 -34.49 5.91
CA TYR A 1035 -30.56 -33.53 6.00
C TYR A 1035 -30.55 -32.61 4.76
N THR A 1036 -31.51 -31.67 4.70
CA THR A 1036 -31.79 -30.85 3.49
C THR A 1036 -32.17 -29.42 3.87
N SER A 1037 -31.96 -28.47 2.94
CA SER A 1037 -32.07 -27.00 3.19
C SER A 1037 -32.82 -26.25 2.07
N ARG A 1038 -32.35 -26.36 0.81
CA ARG A 1038 -32.55 -25.38 -0.30
C ARG A 1038 -34.04 -25.06 -0.54
N ARG A 1039 -34.94 -26.05 -0.42
CA ARG A 1039 -36.42 -25.83 -0.46
C ARG A 1039 -37.11 -26.70 0.62
N PHE A 1040 -36.39 -27.06 1.67
CA PHE A 1040 -36.89 -27.91 2.78
C PHE A 1040 -37.91 -27.10 3.59
N GLU A 1041 -39.18 -27.47 3.47
CA GLU A 1041 -40.34 -26.63 3.92
C GLU A 1041 -40.20 -25.20 3.38
N ILE A 1042 -39.69 -25.06 2.15
CA ILE A 1042 -39.54 -23.82 1.31
C ILE A 1042 -39.34 -22.53 2.15
N ARG A 1043 -40.42 -21.80 2.46
CA ARG A 1043 -40.41 -20.44 3.05
C ARG A 1043 -39.86 -20.51 4.49
N THR A 1044 -39.95 -21.65 5.16
CA THR A 1044 -39.63 -21.75 6.61
C THR A 1044 -38.14 -21.54 6.93
N LEU A 1045 -37.22 -21.46 5.96
CA LEU A 1045 -35.84 -20.98 6.28
C LEU A 1045 -35.66 -19.48 5.99
N THR A 1046 -36.69 -18.78 5.53
CA THR A 1046 -36.87 -17.32 5.78
C THR A 1046 -38.23 -17.17 6.45
N PRO A 1047 -38.44 -17.82 7.64
CA PRO A 1047 -39.80 -18.01 8.17
C PRO A 1047 -40.37 -16.61 8.42
N PRO A 1048 -41.51 -16.27 7.78
CA PRO A 1048 -41.87 -14.89 7.51
C PRO A 1048 -42.00 -14.10 8.82
N LEU A 1049 -41.15 -13.07 8.93
CA LEU A 1049 -40.94 -12.36 10.22
C LEU A 1049 -42.05 -11.35 10.44
N ILE A 1050 -42.26 -10.98 11.71
CA ILE A 1050 -43.01 -9.77 12.14
C ILE A 1050 -41.98 -8.78 12.65
N ILE A 1051 -41.96 -7.54 12.15
CA ILE A 1051 -40.87 -6.63 12.63
C ILE A 1051 -41.46 -5.50 13.46
N TYR A 1052 -40.93 -5.31 14.69
CA TYR A 1052 -41.64 -4.63 15.79
C TYR A 1052 -40.66 -3.92 16.74
N ALA A 1053 -41.24 -3.10 17.61
CA ALA A 1053 -40.51 -2.32 18.64
C ALA A 1053 -39.81 -3.24 19.65
N ASN A 1054 -38.47 -3.18 19.73
CA ASN A 1054 -37.75 -3.62 20.95
C ASN A 1054 -38.17 -2.70 22.12
N SER A 1055 -38.41 -3.25 23.32
CA SER A 1055 -38.95 -2.49 24.48
C SER A 1055 -37.94 -1.47 25.06
N GLN A 1056 -36.65 -1.60 24.77
CA GLN A 1056 -35.56 -0.89 25.50
C GLN A 1056 -35.34 0.56 25.03
N THR A 1057 -35.40 0.85 23.72
CA THR A 1057 -34.75 2.07 23.14
C THR A 1057 -35.40 2.60 21.86
N LYS A 1058 -35.28 3.92 21.65
CA LYS A 1058 -35.29 4.57 20.30
C LYS A 1058 -34.17 5.62 20.23
N LEU A 1059 -33.33 5.56 19.20
CA LEU A 1059 -32.17 6.50 19.00
C LEU A 1059 -32.47 7.55 17.92
N ASN A 1060 -33.23 7.21 16.89
CA ASN A 1060 -33.39 8.05 15.66
C ASN A 1060 -34.68 8.88 15.74
N THR A 1061 -34.70 9.96 16.54
CA THR A 1061 -35.87 10.88 16.68
C THR A 1061 -35.44 12.35 16.64
N ALA A 1062 -36.08 13.12 15.74
CA ALA A 1062 -36.14 14.61 15.70
C ALA A 1062 -34.75 15.28 15.63
N ARG A 1063 -33.71 14.60 15.11
CA ARG A 1063 -32.31 15.11 15.13
C ARG A 1063 -32.11 16.21 14.07
N LYS A 1064 -32.84 16.16 12.96
CA LYS A 1064 -32.70 17.08 11.80
C LYS A 1064 -33.42 18.41 12.09
N SER A 1065 -33.08 19.45 11.32
CA SER A 1065 -33.59 20.84 11.50
C SER A 1065 -33.53 21.62 10.17
N ALA A 1066 -34.18 22.79 10.12
CA ALA A 1066 -34.30 23.63 8.89
C ALA A 1066 -32.99 24.41 8.61
N VAL A 1067 -31.85 23.72 8.47
CA VAL A 1067 -30.51 24.33 8.18
C VAL A 1067 -30.57 25.01 6.80
N LYS A 1068 -30.33 26.32 6.73
CA LYS A 1068 -30.38 27.08 5.45
C LYS A 1068 -29.44 26.42 4.44
N VAL A 1069 -29.96 26.19 3.23
CA VAL A 1069 -29.29 25.44 2.13
C VAL A 1069 -27.92 26.07 1.85
N PRO A 1070 -26.86 25.29 1.54
CA PRO A 1070 -25.56 25.82 1.15
C PRO A 1070 -25.63 26.46 -0.25
N LEU A 1071 -25.51 27.78 -0.28
CA LEU A 1071 -25.79 28.64 -1.45
C LEU A 1071 -24.69 29.70 -1.59
N GLY A 1072 -23.67 29.43 -2.41
CA GLY A 1072 -22.63 30.43 -2.72
C GLY A 1072 -23.04 31.46 -3.77
N LYS A 1073 -22.03 32.07 -4.38
CA LYS A 1073 -22.17 33.07 -5.49
C LYS A 1073 -22.84 32.44 -6.72
N PRO A 1074 -23.48 33.22 -7.62
CA PRO A 1074 -24.49 32.74 -8.58
C PRO A 1074 -24.31 31.45 -9.40
N PHE A 1075 -23.10 30.92 -9.60
CA PHE A 1075 -23.00 29.52 -10.11
C PHE A 1075 -21.88 28.76 -9.38
N SER A 1076 -21.61 29.22 -8.14
CA SER A 1076 -20.43 28.84 -7.34
C SER A 1076 -20.15 27.34 -7.19
N ARG A 1077 -21.20 26.61 -7.13
CA ARG A 1077 -21.22 25.20 -6.70
C ARG A 1077 -22.30 24.47 -7.51
N LEU A 1078 -22.06 23.23 -7.90
CA LEU A 1078 -22.74 22.56 -9.03
C LEU A 1078 -24.25 22.80 -8.97
N TRP A 1079 -24.76 22.83 -7.76
CA TRP A 1079 -26.23 22.92 -7.60
C TRP A 1079 -26.68 24.37 -7.80
N VAL A 1080 -25.93 25.36 -7.32
CA VAL A 1080 -26.62 26.66 -7.16
C VAL A 1080 -26.99 27.26 -8.50
N ASN A 1081 -28.23 27.68 -8.66
CA ASN A 1081 -28.70 28.30 -9.91
C ASN A 1081 -28.36 29.82 -9.89
N GLY A 1082 -28.51 30.44 -11.07
CA GLY A 1082 -28.17 31.85 -11.36
C GLY A 1082 -28.83 32.86 -10.43
N SER A 1083 -29.98 32.51 -9.83
CA SER A 1083 -30.73 33.40 -8.90
C SER A 1083 -30.18 33.30 -7.47
N GLY A 1084 -29.30 32.35 -7.17
CA GLY A 1084 -28.74 32.14 -5.81
C GLY A 1084 -29.54 31.18 -4.95
N SER A 1085 -30.60 30.55 -5.47
CA SER A 1085 -31.28 29.38 -4.85
C SER A 1085 -30.73 28.07 -5.45
N ILE A 1086 -31.07 26.92 -4.86
CA ILE A 1086 -30.64 25.60 -5.43
C ILE A 1086 -31.40 25.33 -6.72
N ARG A 1087 -30.72 24.74 -7.71
CA ARG A 1087 -31.40 23.84 -8.67
C ARG A 1087 -31.83 22.66 -7.81
N PRO A 1088 -33.09 22.50 -7.37
CA PRO A 1088 -33.33 21.58 -6.25
C PRO A 1088 -33.10 20.11 -6.63
N ASN A 1089 -33.40 19.72 -7.86
CA ASN A 1089 -33.15 18.34 -8.32
C ASN A 1089 -31.64 18.11 -8.38
N ILE A 1090 -30.85 19.01 -8.98
CA ILE A 1090 -29.36 18.86 -9.01
C ILE A 1090 -28.86 18.81 -7.56
N TRP A 1091 -29.36 19.66 -6.67
CA TRP A 1091 -29.04 19.59 -5.23
C TRP A 1091 -29.36 18.21 -4.72
N LYS A 1092 -30.59 17.73 -4.89
CA LYS A 1092 -30.97 16.41 -4.33
C LYS A 1092 -30.01 15.36 -4.86
N GLN A 1093 -29.85 15.30 -6.18
CA GLN A 1093 -28.99 14.30 -6.85
C GLN A 1093 -27.58 14.46 -6.30
N VAL A 1094 -27.07 15.68 -6.10
CA VAL A 1094 -25.63 15.88 -5.76
C VAL A 1094 -25.40 15.66 -4.29
N VAL A 1095 -26.26 16.14 -3.40
CA VAL A 1095 -26.09 15.84 -1.95
C VAL A 1095 -26.22 14.33 -1.80
N THR A 1096 -27.24 13.76 -2.41
CA THR A 1096 -27.37 12.29 -2.33
C THR A 1096 -26.17 11.65 -3.01
N MET A 1097 -25.63 12.19 -4.09
CA MET A 1097 -24.38 11.63 -4.67
C MET A 1097 -23.29 11.71 -3.60
N VAL A 1098 -23.11 12.85 -2.95
CA VAL A 1098 -22.04 12.99 -1.93
C VAL A 1098 -22.32 12.06 -0.76
N VAL A 1099 -23.55 11.96 -0.28
CA VAL A 1099 -23.84 10.97 0.79
C VAL A 1099 -23.66 9.59 0.19
N ASN A 1100 -23.98 9.35 -1.09
CA ASN A 1100 -23.76 8.03 -1.74
C ASN A 1100 -22.27 7.75 -1.87
N GLU A 1101 -21.41 8.78 -1.97
CA GLU A 1101 -19.96 8.60 -1.71
C GLU A 1101 -19.83 8.16 -0.25
N ILE A 1102 -20.25 9.01 0.65
CA ILE A 1102 -19.84 8.91 2.07
C ILE A 1102 -20.46 7.67 2.74
N ILE A 1103 -21.64 7.16 2.35
CA ILE A 1103 -22.19 5.91 2.94
C ILE A 1103 -21.10 4.85 2.89
N PHE A 1104 -20.40 4.84 1.78
CA PHE A 1104 -19.32 3.88 1.47
C PHE A 1104 -17.95 4.53 1.67
N HIS A 1105 -17.90 5.85 1.92
CA HIS A 1105 -16.67 6.65 2.16
C HIS A 1105 -16.78 7.54 3.42
N PRO A 1106 -16.89 6.98 4.66
CA PRO A 1106 -16.78 7.78 5.88
C PRO A 1106 -15.33 8.11 6.25
N GLY A 1107 -15.15 9.13 7.11
CA GLY A 1107 -13.83 9.74 7.38
C GLY A 1107 -13.19 10.23 6.09
N ILE A 1108 -13.83 11.20 5.44
CA ILE A 1108 -13.43 11.77 4.12
C ILE A 1108 -12.83 13.17 4.31
N THR A 1109 -11.74 13.51 3.60
CA THR A 1109 -11.36 14.95 3.46
C THR A 1109 -12.27 15.66 2.46
N LEU A 1110 -12.19 16.98 2.40
CA LEU A 1110 -12.67 17.69 1.20
C LEU A 1110 -11.85 17.31 -0.03
N SER A 1111 -10.55 17.00 0.10
CA SER A 1111 -9.65 16.80 -1.05
C SER A 1111 -9.90 15.47 -1.81
N ARG A 1112 -9.95 14.29 -1.16
CA ARG A 1112 -10.24 13.03 -1.91
C ARG A 1112 -11.69 13.01 -2.41
N LEU A 1113 -12.58 13.72 -1.76
CA LEU A 1113 -13.93 13.94 -2.29
C LEU A 1113 -13.88 14.88 -3.49
N GLN A 1114 -13.01 15.89 -3.52
CA GLN A 1114 -12.80 16.70 -4.76
C GLN A 1114 -12.23 15.81 -5.87
N SER A 1115 -11.33 14.87 -5.59
CA SER A 1115 -10.72 14.03 -6.66
C SER A 1115 -11.74 12.97 -7.16
N ARG A 1116 -12.45 12.26 -6.27
CA ARG A 1116 -13.52 11.30 -6.68
C ARG A 1116 -14.69 12.03 -7.32
N CYS A 1117 -14.97 13.26 -6.93
CA CYS A 1117 -15.91 14.12 -7.68
C CYS A 1117 -15.24 14.94 -8.77
N ARG A 1118 -14.00 14.71 -9.22
CA ARG A 1118 -13.34 15.72 -10.10
C ARG A 1118 -14.13 15.91 -11.41
N GLU A 1119 -14.89 14.92 -11.83
CA GLU A 1119 -15.81 15.00 -13.01
C GLU A 1119 -17.07 15.83 -12.71
N VAL A 1120 -17.23 16.37 -11.50
CA VAL A 1120 -18.53 16.88 -10.99
C VAL A 1120 -18.31 18.07 -10.02
N LEU A 1121 -17.58 17.90 -8.92
CA LEU A 1121 -17.39 18.92 -7.85
C LEU A 1121 -15.92 19.21 -7.51
N SER A 1122 -15.61 20.49 -7.30
CA SER A 1122 -14.36 21.02 -6.73
C SER A 1122 -14.36 20.97 -5.20
N LEU A 1123 -13.24 21.33 -4.60
CA LEU A 1123 -13.13 21.40 -3.12
C LEU A 1123 -13.97 22.57 -2.58
N HIS A 1124 -14.15 23.65 -3.32
CA HIS A 1124 -14.98 24.80 -2.86
C HIS A 1124 -16.45 24.41 -2.82
N GLU A 1125 -16.87 23.41 -3.57
CA GLU A 1125 -18.24 22.86 -3.47
C GLU A 1125 -18.40 21.92 -2.30
N ILE A 1126 -17.47 21.00 -2.11
CA ILE A 1126 -17.62 19.89 -1.14
C ILE A 1126 -17.64 20.34 0.33
N SER A 1127 -16.97 21.41 0.71
CA SER A 1127 -17.12 21.91 2.08
C SER A 1127 -18.58 22.31 2.33
N GLU A 1128 -19.27 22.97 1.41
CA GLU A 1128 -20.61 23.54 1.69
C GLU A 1128 -21.67 22.45 1.79
N ILE A 1129 -21.42 21.28 1.22
CA ILE A 1129 -22.23 20.07 1.52
C ILE A 1129 -21.77 19.54 2.84
N CYS A 1130 -20.52 19.19 2.97
CA CYS A 1130 -20.12 18.35 4.12
C CYS A 1130 -20.39 19.05 5.46
N LYS A 1131 -20.18 20.36 5.60
CA LYS A 1131 -20.56 21.06 6.84
C LYS A 1131 -22.09 21.19 6.94
N TRP A 1132 -22.82 21.40 5.85
CA TRP A 1132 -24.31 21.47 5.95
C TRP A 1132 -24.89 20.14 6.38
N LEU A 1133 -24.26 19.04 6.01
CA LEU A 1133 -24.66 17.73 6.58
C LEU A 1133 -24.20 17.52 8.06
N LEU A 1134 -23.12 18.13 8.56
CA LEU A 1134 -22.83 18.08 10.02
C LEU A 1134 -23.86 18.91 10.78
N GLU A 1135 -24.19 20.10 10.30
CA GLU A 1135 -25.17 20.97 10.99
C GLU A 1135 -26.56 20.33 10.98
N ARG A 1136 -26.98 19.68 9.90
CA ARG A 1136 -28.25 18.90 9.89
C ARG A 1136 -28.01 17.45 10.35
N GLN A 1137 -26.84 17.19 10.94
CA GLN A 1137 -26.41 16.00 11.72
C GLN A 1137 -26.62 14.69 10.98
N VAL A 1138 -26.83 14.75 9.67
CA VAL A 1138 -26.76 13.50 8.88
C VAL A 1138 -25.30 13.05 8.83
N LEU A 1139 -24.36 13.98 8.63
CA LEU A 1139 -22.92 13.76 8.91
C LEU A 1139 -22.63 14.10 10.37
N ILE A 1140 -21.61 13.44 10.90
CA ILE A 1140 -20.82 13.88 12.09
C ILE A 1140 -19.36 13.82 11.68
N THR A 1141 -18.47 14.55 12.33
CA THR A 1141 -17.06 14.62 11.90
C THR A 1141 -16.12 14.22 13.02
N THR A 1142 -15.08 13.48 12.64
CA THR A 1142 -13.98 13.06 13.53
C THR A 1142 -13.02 14.23 13.74
N ASP A 1143 -11.83 13.91 14.23
CA ASP A 1143 -10.63 14.75 14.06
C ASP A 1143 -10.31 14.98 12.57
N PHE A 1144 -9.61 16.08 12.28
CA PHE A 1144 -9.10 16.49 10.93
C PHE A 1144 -10.20 16.59 9.86
N ASP A 1145 -11.42 16.98 10.27
CA ASP A 1145 -12.56 17.30 9.36
C ASP A 1145 -12.82 16.12 8.41
N GLY A 1146 -12.74 14.90 8.94
CA GLY A 1146 -13.28 13.70 8.29
C GLY A 1146 -14.79 13.65 8.44
N TYR A 1147 -15.54 13.55 7.36
CA TYR A 1147 -17.01 13.42 7.47
C TYR A 1147 -17.43 11.94 7.50
N TRP A 1148 -18.43 11.57 8.34
CA TRP A 1148 -19.08 10.22 8.36
C TRP A 1148 -20.57 10.38 8.70
N VAL A 1149 -21.48 9.53 8.22
CA VAL A 1149 -22.90 9.77 8.56
C VAL A 1149 -23.31 8.97 9.81
N ASN A 1150 -23.99 9.62 10.75
CA ASN A 1150 -24.73 8.94 11.83
C ASN A 1150 -26.10 8.47 11.28
N HIS A 1151 -26.77 7.54 11.98
CA HIS A 1151 -27.92 6.73 11.47
C HIS A 1151 -29.15 7.56 11.03
N ASN A 1152 -30.05 6.92 10.32
CA ASN A 1152 -31.20 7.51 9.59
C ASN A 1152 -30.68 8.64 8.70
N TRP A 1153 -29.62 8.33 7.96
CA TRP A 1153 -28.94 9.30 7.06
C TRP A 1153 -29.67 9.49 5.74
N TYR A 1154 -30.30 8.44 5.24
CA TYR A 1154 -31.00 8.52 3.96
C TYR A 1154 -32.14 9.54 4.08
N SER A 1155 -32.73 9.66 5.25
CA SER A 1155 -33.90 10.53 5.42
C SER A 1155 -33.43 11.98 5.39
N ILE A 1156 -33.12 12.46 4.19
CA ILE A 1156 -32.78 13.88 4.00
C ILE A 1156 -34.09 14.65 3.82
N TYR A 1157 -35.02 14.11 3.05
CA TYR A 1157 -36.20 14.85 2.53
C TYR A 1157 -37.45 14.59 3.38
N GLU A 1158 -37.30 14.49 4.71
CA GLU A 1158 -38.36 14.04 5.67
C GLU A 1158 -39.67 14.84 5.53
N SER A 1159 -40.79 14.20 5.90
CA SER A 1159 -42.20 14.64 5.66
C SER A 1159 -42.53 16.00 6.30
N THR A 1160 -41.85 16.40 7.38
CA THR A 1160 -42.12 17.65 8.13
C THR A 1160 -40.79 18.30 8.56
N TYR B 732 4.53 -41.71 36.64
CA TYR B 732 5.01 -41.00 35.41
C TYR B 732 4.10 -39.80 35.05
N GLU B 733 3.09 -39.48 35.86
CA GLU B 733 2.31 -38.21 35.73
C GLU B 733 3.25 -37.00 35.79
N GLN B 734 4.32 -37.08 36.61
CA GLN B 734 5.39 -36.05 36.73
C GLN B 734 6.05 -35.83 35.37
N TRP B 735 6.44 -36.92 34.69
CA TRP B 735 7.07 -36.85 33.34
C TRP B 735 6.05 -36.35 32.31
N PHE B 736 4.79 -36.76 32.41
CA PHE B 736 3.72 -36.28 31.50
C PHE B 736 3.58 -34.74 31.62
N GLU B 737 3.46 -34.26 32.86
CA GLU B 737 3.42 -32.81 33.21
C GLU B 737 4.64 -32.10 32.60
N LEU B 738 5.85 -32.64 32.79
CA LEU B 738 7.11 -32.06 32.25
C LEU B 738 7.06 -32.02 30.71
N PHE B 739 6.62 -33.09 30.04
CA PHE B 739 6.48 -33.14 28.56
C PHE B 739 5.50 -32.06 28.09
N MET B 740 4.31 -32.01 28.68
CA MET B 740 3.24 -31.05 28.25
C MET B 740 3.69 -29.62 28.55
N GLU B 741 4.13 -29.32 29.78
CA GLU B 741 4.62 -27.96 30.15
C GLU B 741 5.80 -27.57 29.24
N LEU B 742 6.79 -28.46 29.03
CA LEU B 742 7.95 -28.16 28.16
C LEU B 742 7.47 -27.83 26.74
N SER B 743 6.55 -28.61 26.18
CA SER B 743 6.02 -28.39 24.81
C SER B 743 5.31 -27.03 24.72
N LEU B 744 4.48 -26.70 25.72
CA LEU B 744 3.77 -25.40 25.87
C LEU B 744 4.76 -24.24 26.05
N VAL B 745 5.87 -24.47 26.75
CA VAL B 745 6.97 -23.46 26.91
C VAL B 745 7.71 -23.29 25.57
N ILE B 746 8.14 -24.38 24.91
CA ILE B 746 8.90 -24.31 23.62
C ILE B 746 8.04 -23.55 22.59
N ALA B 747 6.76 -23.89 22.47
CA ALA B 747 5.81 -23.31 21.50
C ALA B 747 5.57 -21.81 21.72
N LYS B 748 5.94 -21.27 22.87
CA LYS B 748 5.82 -19.82 23.19
C LYS B 748 6.92 -19.00 22.47
N TYR B 749 7.93 -19.67 21.90
CA TYR B 749 9.14 -19.04 21.30
C TYR B 749 9.46 -19.67 19.93
N GLN B 750 10.68 -19.46 19.43
CA GLN B 750 11.16 -19.95 18.09
C GLN B 750 11.25 -21.48 18.08
N SER B 751 11.20 -22.08 16.87
CA SER B 751 11.40 -23.54 16.60
C SER B 751 10.32 -24.37 17.31
N VAL B 752 9.05 -24.01 17.07
CA VAL B 752 7.86 -24.64 17.71
C VAL B 752 7.84 -26.15 17.42
N GLU B 753 8.44 -26.60 16.29
CA GLU B 753 8.52 -28.03 15.87
C GLU B 753 9.13 -28.93 16.96
N ASP B 754 10.06 -28.43 17.78
CA ASP B 754 10.65 -29.19 18.92
C ASP B 754 9.57 -29.48 19.97
N GLY B 755 8.61 -28.57 20.16
CA GLY B 755 7.45 -28.74 21.06
C GLY B 755 6.54 -29.87 20.60
N LEU B 756 6.25 -29.91 19.29
CA LEU B 756 5.44 -30.97 18.63
C LEU B 756 6.09 -32.35 18.88
N SER B 757 7.40 -32.48 18.62
CA SER B 757 8.18 -33.75 18.76
C SER B 757 7.97 -34.39 20.14
N VAL B 758 7.95 -33.58 21.20
CA VAL B 758 7.71 -34.03 22.61
C VAL B 758 6.29 -34.63 22.73
N VAL B 759 5.27 -33.93 22.22
CA VAL B 759 3.83 -34.31 22.40
C VAL B 759 3.50 -35.52 21.51
N GLU B 760 3.95 -35.56 20.25
CA GLU B 760 3.62 -36.71 19.36
C GLU B 760 4.48 -37.94 19.73
N THR B 761 5.67 -37.76 20.31
CA THR B 761 6.39 -38.86 21.01
C THR B 761 5.51 -39.38 22.17
N ALA B 762 4.95 -38.49 22.97
CA ALA B 762 4.10 -38.86 24.14
C ALA B 762 2.84 -39.63 23.66
N GLN B 763 2.30 -39.32 22.47
CA GLN B 763 1.14 -40.06 21.88
C GLN B 763 1.55 -41.48 21.47
N GLU B 764 2.83 -41.76 21.24
CA GLU B 764 3.32 -43.15 20.93
C GLU B 764 3.72 -43.89 22.22
N VAL B 765 4.17 -43.17 23.25
CA VAL B 765 4.61 -43.75 24.55
C VAL B 765 3.40 -44.32 25.32
N ASN B 766 3.35 -45.64 25.49
CA ASN B 766 2.27 -46.39 26.21
C ASN B 766 2.05 -45.81 27.63
N VAL B 767 3.13 -45.43 28.31
CA VAL B 767 3.12 -44.90 29.71
C VAL B 767 2.16 -43.70 29.82
N PHE B 768 2.04 -42.87 28.77
CA PHE B 768 1.10 -41.72 28.71
C PHE B 768 -0.18 -42.12 27.96
N PHE B 769 -0.06 -42.69 26.76
CA PHE B 769 -1.19 -42.90 25.82
C PHE B 769 -2.17 -43.99 26.30
N GLN B 770 -1.80 -44.87 27.24
CA GLN B 770 -2.76 -45.86 27.81
C GLN B 770 -3.64 -45.20 28.89
N ASP B 771 -3.34 -43.97 29.34
CA ASP B 771 -4.28 -43.16 30.15
C ASP B 771 -5.05 -42.23 29.21
N PRO B 772 -6.37 -42.46 28.99
CA PRO B 772 -7.14 -41.74 27.95
C PRO B 772 -7.42 -40.25 28.23
N GLU B 773 -7.53 -39.83 29.49
CA GLU B 773 -7.61 -38.37 29.83
C GLU B 773 -6.33 -37.68 29.35
N ARG B 774 -5.19 -38.36 29.44
CA ARG B 774 -3.90 -37.83 28.93
C ARG B 774 -3.86 -37.91 27.40
N VAL B 775 -4.48 -38.91 26.77
CA VAL B 775 -4.65 -38.93 25.27
C VAL B 775 -5.37 -37.65 24.86
N LYS B 776 -6.48 -37.35 25.56
CA LYS B 776 -7.31 -36.14 25.34
C LYS B 776 -6.44 -34.88 25.52
N MET B 777 -5.73 -34.81 26.63
CA MET B 777 -4.87 -33.65 26.96
C MET B 777 -3.77 -33.45 25.90
N MET B 778 -3.05 -34.51 25.45
CA MET B 778 -1.97 -34.39 24.44
C MET B 778 -2.53 -33.80 23.14
N LYS B 779 -3.64 -34.34 22.68
CA LYS B 779 -4.27 -33.90 21.41
C LYS B 779 -4.74 -32.46 21.57
N PHE B 780 -5.23 -32.06 22.73
CA PHE B 780 -5.56 -30.64 23.02
C PHE B 780 -4.29 -29.74 23.03
N VAL B 781 -3.22 -30.15 23.73
CA VAL B 781 -1.97 -29.34 23.86
C VAL B 781 -1.46 -29.06 22.45
N LYS B 782 -1.27 -30.10 21.64
CA LYS B 782 -0.66 -29.97 20.29
C LYS B 782 -1.58 -29.09 19.42
N LEU B 783 -2.90 -29.12 19.62
CA LEU B 783 -3.82 -28.21 18.92
C LEU B 783 -3.57 -26.75 19.33
N ALA B 784 -3.35 -26.46 20.61
CA ALA B 784 -2.98 -25.09 21.06
C ALA B 784 -1.70 -24.63 20.33
N ILE B 785 -0.66 -25.47 20.43
CA ILE B 785 0.71 -25.25 19.87
C ILE B 785 0.59 -24.93 18.40
N VAL B 786 -0.20 -25.70 17.67
CA VAL B 786 -0.40 -25.49 16.21
C VAL B 786 -0.83 -24.04 15.95
N LEU B 787 -1.61 -23.43 16.82
CA LEU B 787 -2.11 -22.05 16.50
C LEU B 787 -1.06 -20.95 16.68
N GLN B 788 0.12 -21.26 17.25
CA GLN B 788 1.27 -20.33 17.37
C GLN B 788 2.08 -20.35 16.07
N MET B 789 2.28 -21.53 15.48
CA MET B 789 2.62 -21.65 14.03
C MET B 789 1.36 -21.43 13.18
N ASP B 790 1.48 -21.45 11.85
CA ASP B 790 0.37 -21.05 10.96
C ASP B 790 0.34 -21.96 9.73
N ASP B 791 -0.81 -22.60 9.51
CA ASP B 791 -1.06 -23.58 8.40
C ASP B 791 -2.57 -23.82 8.24
N GLU B 792 -2.95 -24.43 7.13
CA GLU B 792 -4.24 -25.14 7.00
C GLU B 792 -4.07 -26.61 7.39
N GLU B 793 -3.20 -27.34 6.69
CA GLU B 793 -3.25 -28.83 6.65
C GLU B 793 -2.86 -29.44 8.01
N GLU B 794 -1.79 -28.98 8.66
CA GLU B 794 -1.37 -29.52 9.98
C GLU B 794 -2.52 -29.31 10.97
N LEU B 795 -3.18 -28.16 10.90
CA LEU B 795 -4.28 -27.80 11.84
C LEU B 795 -5.53 -28.68 11.58
N ALA B 796 -5.97 -28.83 10.33
CA ALA B 796 -7.11 -29.71 9.98
C ALA B 796 -6.81 -31.15 10.42
N GLU B 797 -5.57 -31.62 10.25
CA GLU B 797 -5.18 -33.01 10.59
C GLU B 797 -5.28 -33.23 12.11
N ASN B 798 -4.74 -32.32 12.92
CA ASN B 798 -4.82 -32.39 14.42
C ASN B 798 -6.28 -32.33 14.88
N LEU B 799 -7.10 -31.47 14.27
CA LEU B 799 -8.55 -31.39 14.62
C LEU B 799 -9.30 -32.69 14.26
N ARG B 800 -9.16 -33.23 13.04
CA ARG B 800 -9.82 -34.51 12.65
C ARG B 800 -9.33 -35.63 13.57
N GLY B 801 -8.09 -35.52 14.07
CA GLY B 801 -7.48 -36.45 15.05
C GLY B 801 -8.12 -36.43 16.42
N LEU B 802 -8.96 -35.44 16.77
CA LEU B 802 -9.58 -35.37 18.13
C LEU B 802 -11.07 -35.03 18.13
N LEU B 803 -11.77 -34.83 17.01
CA LEU B 803 -13.27 -34.94 16.97
C LEU B 803 -13.69 -36.43 16.88
N ASN B 804 -12.85 -37.29 16.27
CA ASN B 804 -13.10 -38.75 16.03
C ASN B 804 -13.18 -39.48 17.36
N GLN B 805 -12.09 -39.44 18.12
CA GLN B 805 -12.09 -39.88 19.53
C GLN B 805 -12.91 -38.83 20.29
N PHE B 806 -13.32 -39.11 21.53
CA PHE B 806 -14.05 -38.12 22.37
C PHE B 806 -15.28 -37.62 21.58
N GLN B 807 -16.10 -38.59 21.18
CA GLN B 807 -17.25 -38.46 20.24
C GLN B 807 -18.37 -37.56 20.82
N PHE B 808 -19.05 -36.80 19.95
CA PHE B 808 -20.26 -35.97 20.21
C PHE B 808 -19.98 -34.78 21.16
N ASN B 809 -18.73 -34.52 21.56
CA ASN B 809 -18.41 -33.90 22.88
C ASN B 809 -18.34 -32.36 22.83
N ARG B 810 -19.11 -31.67 23.69
CA ARG B 810 -19.31 -30.19 23.69
C ARG B 810 -18.00 -29.41 23.81
N LYS B 811 -17.13 -29.78 24.76
CA LYS B 811 -15.84 -29.06 24.98
C LYS B 811 -14.92 -29.37 23.80
N VAL B 812 -14.97 -30.59 23.27
CA VAL B 812 -14.13 -30.98 22.10
C VAL B 812 -14.55 -30.10 20.94
N LEU B 813 -15.84 -30.03 20.68
CA LEU B 813 -16.41 -29.24 19.57
C LEU B 813 -16.09 -27.77 19.80
N GLN B 814 -16.17 -27.27 21.05
CA GLN B 814 -15.93 -25.83 21.35
C GLN B 814 -14.44 -25.45 21.13
N VAL B 815 -13.47 -26.26 21.56
CA VAL B 815 -11.99 -26.02 21.33
C VAL B 815 -11.63 -26.04 19.84
N PHE B 816 -12.28 -26.89 19.04
CA PHE B 816 -12.21 -26.83 17.56
C PHE B 816 -12.57 -25.39 17.13
N MET B 817 -13.70 -24.88 17.60
CA MET B 817 -14.17 -23.58 17.15
C MET B 817 -13.42 -22.38 17.76
N TYR B 818 -12.85 -22.45 18.96
CA TYR B 818 -11.88 -21.38 19.35
C TYR B 818 -10.71 -21.42 18.36
N SER B 819 -10.15 -22.62 18.10
CA SER B 819 -8.85 -22.81 17.38
C SER B 819 -8.94 -22.04 16.07
N LEU B 820 -10.02 -22.26 15.33
CA LEU B 820 -10.17 -21.64 13.99
C LEU B 820 -10.65 -20.24 14.23
N CYS B 821 -9.73 -19.37 14.62
CA CYS B 821 -9.91 -17.91 14.78
C CYS B 821 -8.83 -17.16 13.96
N ARG B 822 -7.60 -17.15 14.45
CA ARG B 822 -6.44 -16.46 13.80
C ARG B 822 -6.04 -17.23 12.53
N GLY B 823 -5.47 -16.49 11.58
CA GLY B 823 -4.99 -16.97 10.26
C GLY B 823 -6.17 -17.23 9.31
N PRO B 824 -6.23 -16.65 8.08
CA PRO B 824 -7.27 -17.04 7.12
C PRO B 824 -6.89 -18.40 6.51
N SER B 825 -5.65 -18.88 6.67
CA SER B 825 -5.27 -20.33 6.54
C SER B 825 -6.28 -21.27 7.21
N SER B 826 -6.82 -20.83 8.35
CA SER B 826 -7.86 -21.55 9.13
C SER B 826 -9.22 -21.60 8.39
N LEU B 827 -9.60 -20.56 7.62
CA LEU B 827 -10.89 -20.54 6.86
C LEU B 827 -11.00 -21.77 5.97
N ASN B 828 -9.95 -22.20 5.29
CA ASN B 828 -9.95 -23.35 4.36
C ASN B 828 -10.37 -24.64 5.09
N ILE B 829 -10.02 -24.78 6.37
CA ILE B 829 -10.38 -25.97 7.17
C ILE B 829 -11.89 -26.04 7.28
N LEU B 830 -12.57 -24.89 7.17
CA LEU B 830 -14.05 -24.81 7.22
C LEU B 830 -14.70 -24.65 5.84
N SER B 831 -14.06 -24.09 4.83
CA SER B 831 -14.65 -24.10 3.47
C SER B 831 -14.51 -25.48 2.83
N SER B 832 -13.59 -26.33 3.31
CA SER B 832 -13.33 -27.68 2.76
C SER B 832 -14.58 -28.57 2.87
N THR B 833 -14.89 -29.28 1.78
CA THR B 833 -15.89 -30.37 1.77
C THR B 833 -15.44 -31.49 2.70
N ILE B 834 -14.14 -31.70 2.91
CA ILE B 834 -13.61 -32.92 3.60
C ILE B 834 -14.13 -32.93 5.04
N GLN B 835 -14.21 -31.75 5.66
CA GLN B 835 -14.73 -31.59 7.05
C GLN B 835 -16.27 -31.47 7.03
N GLN B 836 -16.90 -30.87 6.04
CA GLN B 836 -18.38 -30.73 6.04
C GLN B 836 -19.06 -32.10 5.92
N LYS B 837 -18.50 -33.03 5.17
CA LYS B 837 -18.92 -34.45 5.17
C LYS B 837 -18.83 -35.03 6.59
N PHE B 838 -17.73 -34.81 7.31
CA PHE B 838 -17.52 -35.33 8.69
C PHE B 838 -18.64 -34.86 9.60
N PHE B 839 -18.98 -33.57 9.55
CA PHE B 839 -20.03 -32.98 10.43
C PHE B 839 -21.47 -33.40 10.05
N LEU B 840 -21.75 -33.71 8.79
CA LEU B 840 -23.04 -34.37 8.43
C LEU B 840 -23.09 -35.80 9.00
N ARG B 841 -22.03 -36.60 8.84
CA ARG B 841 -21.99 -37.99 9.37
C ARG B 841 -22.13 -38.00 10.90
N GLN B 842 -21.55 -37.02 11.63
CA GLN B 842 -21.70 -36.88 13.11
C GLN B 842 -23.14 -36.54 13.46
N LEU B 843 -23.79 -35.65 12.72
CA LEU B 843 -25.21 -35.26 12.99
C LEU B 843 -26.15 -36.46 12.74
N LYS B 844 -25.91 -37.21 11.68
CA LYS B 844 -26.54 -38.53 11.40
C LYS B 844 -26.31 -39.53 12.55
N ALA B 845 -25.10 -39.62 13.09
CA ALA B 845 -24.76 -40.55 14.19
C ALA B 845 -25.51 -40.17 15.48
N PHE B 846 -25.60 -38.89 15.79
CA PHE B 846 -26.32 -38.39 17.00
C PHE B 846 -27.81 -38.68 16.84
N ASP B 847 -28.40 -38.49 15.65
CA ASP B 847 -29.82 -38.85 15.36
C ASP B 847 -30.05 -40.36 15.53
N SER B 848 -29.14 -41.18 15.01
CA SER B 848 -29.18 -42.65 15.22
C SER B 848 -29.28 -43.00 16.70
N CYS B 849 -28.50 -42.36 17.56
CA CYS B 849 -28.43 -42.70 19.00
C CYS B 849 -29.56 -42.00 19.79
N ARG B 850 -30.14 -40.93 19.24
CA ARG B 850 -31.30 -40.15 19.77
C ARG B 850 -32.60 -40.93 19.57
N TYR B 851 -32.81 -41.55 18.40
CA TYR B 851 -34.03 -42.33 18.09
C TYR B 851 -33.81 -43.85 18.16
N ASN B 852 -32.58 -44.32 18.40
CA ASN B 852 -32.17 -45.75 18.43
C ASN B 852 -32.61 -46.48 17.15
N THR B 853 -32.18 -45.97 15.99
CA THR B 853 -32.31 -46.61 14.64
C THR B 853 -30.95 -46.61 13.93
N GLU B 854 -30.82 -47.35 12.83
CA GLU B 854 -29.78 -47.02 11.82
C GLU B 854 -30.17 -45.71 11.11
N VAL B 855 -29.18 -44.95 10.64
CA VAL B 855 -29.36 -43.74 9.79
C VAL B 855 -28.43 -43.86 8.57
N ASN B 856 -28.97 -43.66 7.38
CA ASN B 856 -28.24 -43.79 6.08
C ASN B 856 -26.98 -42.91 6.07
N GLY B 857 -25.78 -43.51 6.08
CA GLY B 857 -24.49 -42.80 5.99
C GLY B 857 -24.08 -42.09 7.28
N GLN B 858 -24.57 -42.54 8.44
CA GLN B 858 -24.09 -42.08 9.78
C GLN B 858 -22.63 -42.48 9.99
N ALA B 859 -21.96 -41.82 10.93
CA ALA B 859 -20.80 -42.41 11.63
C ALA B 859 -21.30 -43.45 12.65
N SER B 860 -20.48 -44.46 12.94
CA SER B 860 -20.76 -45.47 13.98
C SER B 860 -20.48 -44.90 15.38
N ILE B 861 -21.36 -45.17 16.34
CA ILE B 861 -21.16 -44.81 17.77
C ILE B 861 -20.08 -45.70 18.41
N THR B 862 -19.24 -45.13 19.29
CA THR B 862 -18.32 -45.88 20.20
C THR B 862 -18.37 -45.34 21.64
N ASN B 863 -18.75 -44.07 21.82
CA ASN B 863 -18.86 -43.36 23.13
C ASN B 863 -20.31 -43.53 23.61
N LYS B 864 -20.61 -44.54 24.42
CA LYS B 864 -21.99 -45.10 24.51
C LYS B 864 -22.81 -44.62 25.72
N GLU B 865 -22.27 -43.82 26.65
CA GLU B 865 -23.07 -43.25 27.78
C GLU B 865 -23.91 -42.05 27.34
N VAL B 866 -23.81 -41.65 26.06
CA VAL B 866 -24.56 -40.51 25.44
C VAL B 866 -26.05 -40.73 25.72
N TYR B 867 -26.66 -39.85 26.49
CA TYR B 867 -28.02 -40.08 27.03
C TYR B 867 -28.82 -38.80 26.93
N ASN B 868 -30.08 -38.89 26.49
CA ASN B 868 -30.82 -37.71 26.02
C ASN B 868 -32.33 -37.98 26.11
N PRO B 869 -32.88 -38.11 27.34
CA PRO B 869 -34.27 -38.54 27.51
C PRO B 869 -35.33 -37.53 27.03
N ASN B 870 -35.01 -36.24 27.05
CA ASN B 870 -35.91 -35.19 26.50
C ASN B 870 -35.70 -35.01 24.99
N LYS B 871 -34.73 -35.73 24.40
CA LYS B 871 -34.53 -35.91 22.92
C LYS B 871 -34.35 -34.55 22.21
N LYS B 872 -33.75 -33.57 22.87
CA LYS B 872 -33.27 -32.32 22.19
C LYS B 872 -32.15 -32.66 21.19
N SER B 873 -31.84 -31.79 20.24
CA SER B 873 -30.62 -31.94 19.41
C SER B 873 -29.37 -31.73 20.29
N SER B 874 -28.18 -31.94 19.74
CA SER B 874 -26.93 -31.36 20.28
C SER B 874 -26.64 -30.03 19.60
N PRO B 875 -26.82 -28.86 20.27
CA PRO B 875 -26.42 -27.57 19.71
C PRO B 875 -24.96 -27.50 19.20
N TYR B 876 -24.07 -28.15 19.96
CA TYR B 876 -22.59 -28.24 19.74
C TYR B 876 -22.32 -28.96 18.41
N LEU B 877 -23.27 -29.77 17.90
CA LEU B 877 -23.20 -30.39 16.54
C LEU B 877 -23.84 -29.44 15.60
N TYR B 878 -25.00 -28.97 15.96
CA TYR B 878 -25.80 -28.24 14.97
C TYR B 878 -24.97 -27.09 14.44
N TYR B 879 -24.41 -26.37 15.38
CA TYR B 879 -23.62 -25.18 15.07
C TYR B 879 -22.43 -25.48 14.14
N ILE B 880 -21.57 -26.43 14.45
CA ILE B 880 -20.31 -26.64 13.67
C ILE B 880 -20.63 -27.24 12.29
N TYR B 881 -21.68 -28.04 12.18
CA TYR B 881 -22.18 -28.44 10.85
C TYR B 881 -22.73 -27.22 10.08
N ALA B 882 -23.41 -26.27 10.71
CA ALA B 882 -23.78 -25.01 10.03
C ALA B 882 -22.53 -24.26 9.67
N VAL B 883 -21.49 -24.20 10.52
CA VAL B 883 -20.21 -23.49 10.21
C VAL B 883 -19.56 -24.06 8.94
N LEU B 884 -19.48 -25.38 8.83
CA LEU B 884 -18.84 -26.01 7.68
C LEU B 884 -19.71 -25.92 6.44
N LEU B 885 -20.93 -25.42 6.54
CA LEU B 885 -21.78 -25.02 5.38
C LEU B 885 -21.68 -23.50 5.17
N TYR B 886 -21.35 -22.75 6.21
CA TYR B 886 -21.32 -21.27 6.22
C TYR B 886 -20.01 -20.80 5.59
N SER B 887 -18.87 -21.24 6.15
CA SER B 887 -17.62 -21.40 5.35
C SER B 887 -17.92 -22.37 4.20
N SER B 888 -17.26 -22.23 3.05
CA SER B 888 -17.63 -22.94 1.80
C SER B 888 -18.76 -22.23 1.07
N ARG B 889 -19.27 -21.10 1.59
CA ARG B 889 -20.30 -20.27 0.91
C ARG B 889 -21.61 -21.02 0.68
N GLY B 890 -21.87 -22.09 1.45
CA GLY B 890 -23.18 -22.73 1.50
C GLY B 890 -24.10 -21.97 2.42
N PHE B 891 -24.34 -20.69 2.19
CA PHE B 891 -25.01 -19.81 3.19
C PHE B 891 -26.45 -20.24 3.50
N LEU B 892 -27.21 -20.65 2.50
CA LEU B 892 -28.56 -21.21 2.71
C LEU B 892 -28.49 -22.57 3.46
N SER B 893 -27.51 -23.43 3.18
CA SER B 893 -27.32 -24.73 3.90
C SER B 893 -26.86 -24.50 5.35
N ALA B 894 -26.10 -23.46 5.64
CA ALA B 894 -25.72 -23.11 7.03
C ALA B 894 -26.92 -22.64 7.83
N LEU B 895 -27.68 -21.69 7.29
CA LEU B 895 -28.92 -21.23 7.93
C LEU B 895 -29.79 -22.43 8.30
N GLN B 896 -29.74 -23.56 7.60
CA GLN B 896 -30.51 -24.76 7.98
C GLN B 896 -30.16 -25.17 9.41
N TYR B 897 -28.90 -25.38 9.71
CA TYR B 897 -28.55 -25.94 11.04
C TYR B 897 -28.56 -24.86 12.15
N LEU B 898 -28.56 -23.56 11.84
CA LEU B 898 -28.69 -22.53 12.90
C LEU B 898 -30.19 -22.28 13.13
N THR B 899 -31.07 -22.64 12.20
CA THR B 899 -32.54 -22.59 12.50
C THR B 899 -32.85 -23.84 13.31
N ARG B 900 -32.11 -24.92 13.04
CA ARG B 900 -32.20 -26.14 13.87
C ARG B 900 -31.68 -25.86 15.29
N LEU B 901 -30.63 -25.05 15.50
CA LEU B 901 -30.16 -24.76 16.88
C LEU B 901 -31.05 -23.70 17.56
N GLU B 902 -31.63 -22.77 16.80
CA GLU B 902 -32.61 -21.81 17.34
C GLU B 902 -33.76 -22.59 18.02
N GLU B 903 -34.17 -23.73 17.51
CA GLU B 903 -35.31 -24.47 18.12
C GLU B 903 -34.97 -24.91 19.57
N ASP B 904 -33.73 -24.85 20.03
CA ASP B 904 -33.33 -25.63 21.24
C ASP B 904 -32.65 -24.74 22.27
N ILE B 905 -31.93 -23.73 21.84
CA ILE B 905 -31.20 -22.86 22.81
C ILE B 905 -31.30 -21.40 22.39
N PRO B 906 -32.54 -20.85 22.42
CA PRO B 906 -32.91 -19.65 21.68
C PRO B 906 -32.00 -18.43 21.82
N ASP B 907 -31.54 -18.11 23.04
CA ASP B 907 -30.78 -16.86 23.33
C ASP B 907 -29.32 -17.19 23.77
N ASP B 908 -28.62 -18.06 23.05
CA ASP B 908 -27.14 -18.17 23.11
C ASP B 908 -26.52 -17.12 22.18
N PRO B 909 -25.29 -16.59 22.46
CA PRO B 909 -24.64 -15.64 21.57
C PRO B 909 -24.24 -16.18 20.18
N MET B 910 -23.29 -17.13 20.06
CA MET B 910 -22.72 -17.48 18.75
C MET B 910 -23.75 -18.10 17.81
N VAL B 911 -24.72 -18.87 18.33
CA VAL B 911 -25.83 -19.38 17.46
C VAL B 911 -26.44 -18.18 16.72
N ASN B 912 -26.81 -17.14 17.45
CA ASN B 912 -27.57 -16.02 16.86
C ASN B 912 -26.66 -15.15 16.00
N LEU B 913 -25.35 -15.05 16.30
CA LEU B 913 -24.43 -14.27 15.42
C LEU B 913 -24.25 -15.04 14.09
N LEU B 914 -23.78 -16.30 14.16
CA LEU B 914 -23.44 -17.09 12.96
C LEU B 914 -24.66 -17.22 12.03
N MET B 915 -25.84 -17.41 12.59
CA MET B 915 -27.14 -17.50 11.86
C MET B 915 -27.39 -16.20 11.10
N GLY B 916 -27.23 -15.08 11.76
CA GLY B 916 -27.41 -13.79 11.07
C GLY B 916 -26.37 -13.65 9.99
N LEU B 917 -25.14 -14.08 10.28
CA LEU B 917 -24.01 -14.10 9.30
C LEU B 917 -24.36 -14.95 8.07
N SER B 918 -24.93 -16.15 8.22
CA SER B 918 -25.34 -17.04 7.12
C SER B 918 -26.39 -16.32 6.22
N HIS B 919 -27.44 -15.74 6.78
CA HIS B 919 -28.52 -15.10 5.99
C HIS B 919 -27.93 -13.99 5.15
N ILE B 920 -27.07 -13.14 5.68
CA ILE B 920 -26.52 -12.00 4.88
C ILE B 920 -25.52 -12.48 3.82
N HIS B 921 -24.54 -13.34 4.14
CA HIS B 921 -23.59 -13.92 3.15
C HIS B 921 -24.28 -14.67 2.02
N ARG B 922 -25.33 -15.45 2.33
CA ARG B 922 -26.28 -16.02 1.34
C ARG B 922 -26.81 -14.89 0.46
N ALA B 923 -27.33 -13.84 1.09
CA ALA B 923 -28.22 -12.88 0.42
C ALA B 923 -27.48 -12.25 -0.74
N MET B 924 -26.16 -12.13 -0.66
CA MET B 924 -25.39 -11.24 -1.56
C MET B 924 -24.94 -11.95 -2.82
N GLN B 925 -25.24 -13.25 -2.95
CA GLN B 925 -25.03 -14.01 -4.21
C GLN B 925 -25.81 -13.33 -5.37
N ARG B 926 -25.28 -13.47 -6.58
CA ARG B 926 -25.60 -12.65 -7.78
C ARG B 926 -27.12 -12.44 -7.99
N LEU B 927 -27.99 -13.46 -7.79
CA LEU B 927 -29.31 -13.53 -8.49
C LEU B 927 -30.48 -13.93 -7.57
N THR B 928 -30.35 -14.01 -6.23
CA THR B 928 -31.37 -14.71 -5.40
C THR B 928 -32.69 -13.96 -5.45
N ALA B 929 -33.79 -14.70 -5.60
CA ALA B 929 -35.13 -14.21 -5.24
C ALA B 929 -35.10 -13.80 -3.76
N GLN B 930 -35.93 -12.83 -3.38
CA GLN B 930 -36.10 -12.42 -1.96
C GLN B 930 -34.76 -11.89 -1.39
N ARG B 931 -33.98 -11.11 -2.14
CA ARG B 931 -32.64 -10.59 -1.70
C ARG B 931 -32.74 -9.57 -0.52
N HIS B 932 -33.63 -8.57 -0.52
CA HIS B 932 -33.77 -7.68 0.65
C HIS B 932 -34.33 -8.46 1.86
N PHE B 933 -35.34 -9.30 1.65
CA PHE B 933 -35.87 -10.28 2.64
C PHE B 933 -34.68 -11.08 3.23
N GLN B 934 -33.72 -11.47 2.40
CA GLN B 934 -32.65 -12.40 2.80
C GLN B 934 -31.60 -11.64 3.62
N ILE B 935 -31.52 -10.31 3.55
CA ILE B 935 -30.62 -9.53 4.46
C ILE B 935 -31.27 -9.39 5.85
N PHE B 936 -32.55 -9.08 5.94
CA PHE B 936 -33.20 -8.76 7.22
C PHE B 936 -33.19 -9.95 8.18
N HIS B 937 -33.38 -11.17 7.71
CA HIS B 937 -33.14 -12.34 8.59
C HIS B 937 -31.72 -12.30 9.15
N GLY B 938 -30.75 -11.72 8.44
CA GLY B 938 -29.42 -11.47 9.03
C GLY B 938 -29.49 -10.61 10.28
N LEU B 939 -30.32 -9.57 10.25
CA LEU B 939 -30.46 -8.60 11.36
C LEU B 939 -31.23 -9.21 12.56
N ARG B 940 -32.25 -10.06 12.40
CA ARG B 940 -32.90 -10.68 13.58
C ARG B 940 -31.83 -11.35 14.41
N TYR B 941 -30.94 -12.10 13.81
CA TYR B 941 -30.04 -12.97 14.60
C TYR B 941 -28.79 -12.22 15.03
N LEU B 942 -28.31 -11.26 14.27
CA LEU B 942 -27.26 -10.29 14.75
C LEU B 942 -27.73 -9.40 15.96
N TYR B 943 -28.90 -8.76 15.87
CA TYR B 943 -29.43 -7.85 16.93
C TYR B 943 -29.93 -8.67 18.11
N ARG B 944 -30.40 -9.89 17.90
CA ARG B 944 -30.69 -10.82 18.99
C ARG B 944 -29.40 -11.14 19.72
N TYR B 945 -28.33 -11.51 19.04
CA TYR B 945 -27.00 -11.63 19.68
C TYR B 945 -26.54 -10.32 20.38
N HIS B 946 -26.80 -9.14 19.80
CA HIS B 946 -26.44 -7.81 20.42
C HIS B 946 -27.27 -7.54 21.67
N LYS B 947 -28.60 -7.63 21.59
CA LYS B 947 -29.49 -7.46 22.75
C LYS B 947 -29.12 -8.48 23.84
N ILE B 948 -28.76 -9.71 23.48
CA ILE B 948 -28.20 -10.72 24.44
C ILE B 948 -26.94 -10.17 25.07
N ARG B 949 -25.96 -9.81 24.28
CA ARG B 949 -24.64 -9.37 24.84
C ARG B 949 -24.78 -8.06 25.66
N LYS B 950 -25.43 -7.03 25.13
CA LYS B 950 -25.56 -5.69 25.77
C LYS B 950 -26.30 -5.79 27.11
N SER B 951 -27.24 -6.72 27.28
CA SER B 951 -28.13 -6.76 28.48
C SER B 951 -27.77 -7.89 29.47
N LEU B 952 -26.80 -8.77 29.21
CA LEU B 952 -26.57 -9.93 30.12
C LEU B 952 -25.07 -10.19 30.40
N TYR B 953 -24.21 -9.22 30.06
CA TYR B 953 -22.74 -9.36 30.15
C TYR B 953 -22.12 -8.05 30.67
N THR B 954 -20.86 -8.15 31.13
CA THR B 954 -20.02 -7.02 31.60
C THR B 954 -19.75 -6.03 30.47
N ASP B 955 -19.65 -4.76 30.84
CA ASP B 955 -19.38 -3.62 29.91
C ASP B 955 -18.21 -3.98 29.00
N LEU B 956 -17.09 -4.45 29.55
CA LEU B 956 -15.82 -4.64 28.80
C LEU B 956 -15.96 -5.75 27.73
N GLU B 957 -17.11 -6.43 27.68
CA GLU B 957 -17.41 -7.49 26.68
C GLU B 957 -18.76 -7.23 25.98
N LYS B 958 -19.39 -6.09 26.27
CA LYS B 958 -20.45 -5.50 25.44
C LYS B 958 -19.81 -4.82 24.26
N GLN B 959 -18.54 -4.41 24.44
CA GLN B 959 -17.68 -3.70 23.44
C GLN B 959 -17.67 -4.50 22.12
N GLU B 960 -17.58 -5.84 22.16
CA GLU B 960 -17.55 -6.74 20.97
C GLU B 960 -18.93 -6.86 20.35
N ALA B 961 -19.99 -6.68 21.11
CA ALA B 961 -21.34 -6.52 20.54
C ALA B 961 -21.36 -5.23 19.73
N ASP B 962 -20.60 -4.19 20.08
CA ASP B 962 -20.59 -2.92 19.32
C ASP B 962 -19.63 -3.07 18.15
N TYR B 963 -18.42 -3.60 18.40
CA TYR B 963 -17.38 -3.85 17.37
C TYR B 963 -18.00 -4.67 16.22
N ASN B 964 -18.55 -5.85 16.54
CA ASN B 964 -18.98 -6.89 15.56
C ASN B 964 -20.18 -6.42 14.80
N LEU B 965 -21.18 -5.88 15.43
CA LEU B 965 -22.28 -5.31 14.64
C LEU B 965 -21.74 -4.22 13.73
N GLY B 966 -20.79 -3.40 14.19
CA GLY B 966 -20.05 -2.50 13.28
C GLY B 966 -19.42 -3.24 12.12
N ARG B 967 -18.61 -4.26 12.41
CA ARG B 967 -17.90 -5.10 11.41
C ARG B 967 -18.86 -5.63 10.36
N ALA B 968 -20.06 -6.04 10.76
CA ALA B 968 -21.10 -6.61 9.86
C ALA B 968 -21.44 -5.59 8.86
N PHE B 969 -21.83 -4.44 9.32
CA PHE B 969 -22.20 -3.40 8.33
C PHE B 969 -21.03 -3.14 7.36
N HIS B 970 -19.79 -3.28 7.79
CA HIS B 970 -18.60 -3.08 6.92
C HIS B 970 -18.48 -4.22 5.92
N LEU B 971 -18.63 -5.48 6.36
CA LEU B 971 -18.63 -6.66 5.48
C LEU B 971 -19.68 -6.51 4.38
N ILE B 972 -20.91 -6.14 4.72
CA ILE B 972 -21.97 -5.96 3.69
C ILE B 972 -21.90 -4.54 3.07
N GLY B 973 -20.83 -3.79 3.30
CA GLY B 973 -20.57 -2.52 2.62
C GLY B 973 -21.58 -1.42 2.96
N LEU B 974 -22.26 -1.54 4.10
CA LEU B 974 -23.06 -0.41 4.66
C LEU B 974 -22.20 0.35 5.68
N VAL B 975 -21.18 1.04 5.21
CA VAL B 975 -19.98 1.34 6.07
C VAL B 975 -20.27 2.48 7.05
N SER B 976 -21.09 3.49 6.77
CA SER B 976 -21.33 4.52 7.81
C SER B 976 -22.10 3.94 9.02
N ILE B 977 -22.90 2.91 8.79
CA ILE B 977 -23.51 2.12 9.91
C ILE B 977 -22.42 1.29 10.63
N ALA B 978 -21.41 0.79 9.94
CA ALA B 978 -20.22 0.23 10.62
C ALA B 978 -19.53 1.28 11.50
N ILE B 979 -19.46 2.56 11.10
CA ILE B 979 -18.68 3.64 11.79
C ILE B 979 -19.31 4.05 13.11
N GLU B 980 -20.63 4.27 13.22
CA GLU B 980 -21.22 4.60 14.53
C GLU B 980 -20.80 3.50 15.52
N TYR B 981 -20.88 2.28 15.07
CA TYR B 981 -20.52 1.13 15.91
C TYR B 981 -18.99 1.06 16.13
N TYR B 982 -18.14 1.36 15.18
CA TYR B 982 -16.68 1.41 15.44
C TYR B 982 -16.35 2.50 16.46
N ASN B 983 -16.95 3.70 16.32
CA ASN B 983 -16.77 4.84 17.25
C ASN B 983 -17.18 4.41 18.67
N ARG B 984 -18.30 3.70 18.85
CA ARG B 984 -18.68 3.18 20.17
C ARG B 984 -17.51 2.41 20.76
N VAL B 985 -16.74 1.67 19.98
CA VAL B 985 -15.59 0.94 20.53
C VAL B 985 -14.53 1.94 20.99
N LEU B 986 -14.34 3.04 20.26
CA LEU B 986 -13.31 4.07 20.54
C LEU B 986 -13.68 4.99 21.72
N GLU B 987 -14.95 5.36 21.87
CA GLU B 987 -15.42 6.40 22.83
C GLU B 987 -15.92 5.78 24.15
N ASN B 988 -16.70 4.71 24.08
CA ASN B 988 -17.55 4.28 25.22
C ASN B 988 -16.77 3.39 26.17
N TYR B 989 -15.59 2.87 25.81
CA TYR B 989 -14.91 1.82 26.60
C TYR B 989 -13.45 2.16 26.85
N ASP B 990 -12.89 1.57 27.91
CA ASP B 990 -11.53 1.88 28.42
C ASP B 990 -10.53 0.93 27.78
N ASP B 991 -10.91 -0.35 27.65
CA ASP B 991 -9.99 -1.44 27.25
C ASP B 991 -9.58 -1.20 25.79
N GLY B 992 -8.27 -1.04 25.55
CA GLY B 992 -7.72 -0.54 24.28
C GLY B 992 -7.89 -1.50 23.11
N LYS B 993 -8.04 -2.80 23.38
CA LYS B 993 -7.83 -3.87 22.38
C LYS B 993 -8.66 -3.59 21.13
N LEU B 994 -9.96 -3.51 21.30
CA LEU B 994 -10.86 -3.41 20.12
C LEU B 994 -10.73 -2.02 19.52
N LYS B 995 -10.20 -1.02 20.24
CA LYS B 995 -10.02 0.30 19.62
C LYS B 995 -9.03 0.20 18.44
N LYS B 996 -7.98 -0.64 18.48
CA LYS B 996 -7.03 -0.81 17.35
C LYS B 996 -7.73 -1.41 16.12
N HIS B 997 -8.64 -2.36 16.29
CA HIS B 997 -9.48 -2.88 15.16
C HIS B 997 -10.46 -1.82 14.68
N ALA B 998 -11.20 -1.18 15.56
CA ALA B 998 -12.22 -0.19 15.19
C ALA B 998 -11.49 0.93 14.52
N ALA B 999 -10.32 1.31 15.05
CA ALA B 999 -9.46 2.37 14.47
C ALA B 999 -8.99 1.91 13.10
N TYR B 1000 -8.40 0.71 12.98
CA TYR B 1000 -7.86 0.21 11.68
C TYR B 1000 -8.98 0.21 10.63
N ASN B 1001 -10.06 -0.47 10.95
CA ASN B 1001 -11.23 -0.58 10.05
C ASN B 1001 -11.84 0.83 9.95
N SER B 1002 -11.46 1.84 10.73
CA SER B 1002 -11.80 3.27 10.43
C SER B 1002 -10.77 3.79 9.44
N ILE B 1003 -9.49 3.72 9.77
CA ILE B 1003 -8.31 4.12 8.92
C ILE B 1003 -8.48 3.57 7.50
N ILE B 1004 -8.70 2.27 7.34
CA ILE B 1004 -8.85 1.59 6.02
C ILE B 1004 -10.06 2.15 5.25
N ILE B 1005 -11.13 2.58 5.92
CA ILE B 1005 -12.22 3.35 5.25
C ILE B 1005 -11.68 4.73 4.98
N TYR B 1006 -11.08 5.33 5.99
CA TYR B 1006 -10.70 6.75 5.95
C TYR B 1006 -9.61 6.97 4.88
N GLN B 1007 -8.94 5.93 4.43
CA GLN B 1007 -8.03 5.98 3.26
C GLN B 1007 -8.87 6.10 1.99
N GLN B 1008 -9.82 5.20 1.82
CA GLN B 1008 -10.74 5.18 0.66
C GLN B 1008 -11.53 6.49 0.62
N SER B 1009 -12.15 6.86 1.73
CA SER B 1009 -12.82 8.16 1.96
C SER B 1009 -11.84 9.30 1.85
N GLY B 1010 -10.61 9.04 2.22
CA GLY B 1010 -9.53 10.03 2.11
C GLY B 1010 -9.59 11.19 3.08
N ASN B 1011 -10.09 11.04 4.31
CA ASN B 1011 -9.55 11.92 5.38
C ASN B 1011 -8.20 11.33 5.80
N VAL B 1012 -7.22 11.58 4.96
CA VAL B 1012 -5.82 11.12 5.06
C VAL B 1012 -5.17 11.71 6.33
N GLU B 1013 -5.58 12.91 6.75
CA GLU B 1013 -5.08 13.54 8.00
C GLU B 1013 -5.57 12.74 9.22
N LEU B 1014 -6.88 12.58 9.32
CA LEU B 1014 -7.60 11.84 10.40
C LEU B 1014 -7.09 10.42 10.48
N ALA B 1015 -6.99 9.73 9.36
CA ALA B 1015 -6.44 8.36 9.31
C ALA B 1015 -5.02 8.29 9.95
N ASP B 1016 -4.10 9.16 9.55
CA ASP B 1016 -2.73 9.22 10.07
C ASP B 1016 -2.73 9.57 11.56
N HIS B 1017 -3.68 10.40 11.97
CA HIS B 1017 -3.86 10.85 13.37
C HIS B 1017 -4.33 9.68 14.25
N LEU B 1018 -5.42 9.00 13.86
CA LEU B 1018 -5.97 7.83 14.59
C LEU B 1018 -4.93 6.72 14.67
N MET B 1019 -4.30 6.51 13.54
CA MET B 1019 -3.18 5.58 13.41
C MET B 1019 -2.14 5.92 14.46
N GLU B 1020 -1.78 7.20 14.64
CA GLU B 1020 -0.79 7.52 15.70
C GLU B 1020 -1.42 7.30 17.10
N LYS B 1021 -2.65 7.80 17.29
CA LYS B 1021 -3.36 7.87 18.59
C LYS B 1021 -3.57 6.47 19.16
N TYR B 1022 -3.81 5.46 18.31
CA TYR B 1022 -4.12 4.09 18.76
C TYR B 1022 -3.07 3.07 18.31
N LEU B 1023 -2.56 3.16 17.07
CA LEU B 1023 -1.74 2.07 16.46
C LEU B 1023 -0.24 2.34 16.60
N SER B 1024 0.21 3.59 16.60
CA SER B 1024 1.65 3.92 16.78
C SER B 1024 2.10 3.64 18.22
N ILE B 1025 3.40 3.79 18.43
CA ILE B 1025 4.09 3.08 19.53
C ILE B 1025 5.07 4.03 20.23
N ALA C 34 31.15 31.99 -17.24
CA ALA C 34 31.71 30.64 -16.96
C ALA C 34 30.66 29.56 -17.27
N PRO C 35 31.04 28.42 -17.91
CA PRO C 35 30.05 27.44 -18.38
C PRO C 35 29.16 26.97 -17.22
N PRO C 36 27.82 27.24 -17.22
CA PRO C 36 26.98 26.93 -16.07
C PRO C 36 27.12 25.47 -15.58
N LEU C 37 27.26 25.32 -14.26
CA LEU C 37 27.77 24.08 -13.63
C LEU C 37 26.76 22.94 -13.80
N ILE C 38 27.23 21.78 -14.25
CA ILE C 38 26.36 20.61 -14.59
C ILE C 38 26.04 19.83 -13.29
N ALA C 39 24.76 19.50 -13.07
CA ALA C 39 24.32 18.68 -11.90
C ALA C 39 24.98 17.29 -11.98
N ASP C 40 25.38 16.70 -10.85
CA ASP C 40 25.92 15.32 -10.88
C ASP C 40 24.86 14.36 -11.46
N GLU C 41 25.21 13.76 -12.58
CA GLU C 41 24.47 12.61 -13.17
C GLU C 41 24.68 11.39 -12.25
N PHE C 42 23.61 10.67 -11.96
CA PHE C 42 23.68 9.37 -11.24
C PHE C 42 22.91 8.30 -11.99
N THR C 43 23.44 7.08 -11.95
CA THR C 43 22.84 5.85 -12.52
C THR C 43 21.38 5.72 -12.05
N LEU C 44 20.57 5.01 -12.82
CA LEU C 44 19.31 4.41 -12.29
C LEU C 44 19.40 2.89 -12.23
N ASP C 45 20.40 2.23 -12.83
CA ASP C 45 20.69 0.80 -12.49
C ASP C 45 21.18 0.75 -11.05
N LEU C 46 20.34 0.18 -10.20
CA LEU C 46 20.33 0.30 -8.73
C LEU C 46 19.71 -0.98 -8.19
N PRO C 47 19.88 -1.32 -6.89
CA PRO C 47 19.08 -2.39 -6.29
C PRO C 47 17.59 -2.04 -6.39
N ARG C 48 16.78 -3.04 -6.75
CA ARG C 48 15.31 -2.90 -6.86
C ARG C 48 14.66 -3.56 -5.64
N ILE C 49 13.65 -2.87 -5.12
CA ILE C 49 13.31 -2.87 -3.67
C ILE C 49 11.81 -3.10 -3.51
N PRO C 50 11.41 -4.00 -2.60
CA PRO C 50 9.99 -4.06 -2.22
C PRO C 50 9.63 -3.02 -1.14
N SER C 51 8.36 -2.65 -1.02
CA SER C 51 7.86 -1.68 0.00
C SER C 51 6.50 -2.08 0.62
N LEU C 52 6.08 -1.44 1.75
CA LEU C 52 5.01 -1.97 2.65
C LEU C 52 4.22 -0.83 3.27
N GLU C 53 3.08 -0.39 2.73
CA GLU C 53 2.36 0.82 3.25
C GLU C 53 1.42 0.47 4.42
N LEU C 54 1.99 0.00 5.56
CA LEU C 54 1.36 -0.15 6.93
C LEU C 54 0.57 1.10 7.29
N PRO C 55 -0.78 1.08 7.44
CA PRO C 55 -1.49 2.21 8.05
C PRO C 55 -1.21 2.22 9.57
N LEU C 56 0.04 2.50 9.87
CA LEU C 56 0.60 2.77 11.20
C LEU C 56 1.53 3.98 11.07
N ASN C 57 1.45 4.98 11.94
CA ASN C 57 2.09 6.29 11.74
C ASN C 57 3.36 6.22 12.61
N VAL C 58 4.27 5.36 12.22
CA VAL C 58 5.49 5.00 12.97
C VAL C 58 6.40 6.26 13.13
N SER C 59 7.08 6.43 14.25
CA SER C 59 8.13 7.48 14.43
C SER C 59 9.41 7.14 13.67
N THR C 60 10.37 8.06 13.62
CA THR C 60 11.71 7.86 12.99
C THR C 60 12.49 6.73 13.70
N LYS C 61 12.12 6.40 14.94
CA LYS C 61 12.96 5.54 15.82
C LYS C 61 12.85 4.07 15.40
N HIS C 62 13.97 3.35 15.45
CA HIS C 62 13.99 1.87 15.27
C HIS C 62 13.04 1.21 16.28
N SER C 63 12.87 1.80 17.46
CA SER C 63 11.97 1.29 18.54
C SER C 63 10.49 1.30 18.10
N SER C 64 10.04 2.27 17.32
CA SER C 64 8.68 2.26 16.73
C SER C 64 8.63 1.31 15.53
N ILE C 65 9.63 1.36 14.65
CA ILE C 65 9.65 0.58 13.37
C ILE C 65 9.63 -0.93 13.69
N GLN C 66 10.53 -1.43 14.54
CA GLN C 66 10.66 -2.89 14.75
C GLN C 66 9.36 -3.44 15.34
N LYS C 67 8.60 -2.70 16.14
CA LYS C 67 7.26 -3.18 16.61
C LYS C 67 6.18 -2.98 15.54
N ALA C 68 6.19 -1.91 14.75
CA ALA C 68 5.24 -1.73 13.61
C ALA C 68 5.39 -2.89 12.58
N ILE C 69 6.59 -3.48 12.42
CA ILE C 69 6.85 -4.73 11.62
C ILE C 69 6.35 -5.97 12.37
N LYS C 70 6.61 -6.06 13.68
CA LYS C 70 6.14 -7.18 14.56
C LYS C 70 4.60 -7.33 14.46
N MET C 71 3.85 -6.24 14.28
CA MET C 71 2.40 -6.28 13.99
C MET C 71 2.05 -7.07 12.71
N CYS C 72 2.74 -6.84 11.61
CA CYS C 72 2.35 -7.45 10.31
C CYS C 72 3.11 -8.77 10.13
N GLY C 73 3.04 -9.65 11.13
CA GLY C 73 3.62 -11.00 11.10
C GLY C 73 5.14 -11.03 11.12
N GLY C 74 5.82 -9.89 11.25
CA GLY C 74 7.28 -9.82 11.52
C GLY C 74 8.16 -9.81 10.28
N ILE C 75 9.46 -9.69 10.51
CA ILE C 75 10.50 -9.47 9.46
C ILE C 75 10.54 -10.64 8.46
N GLU C 76 10.11 -11.85 8.83
CA GLU C 76 10.01 -13.04 7.93
C GLU C 76 8.89 -12.78 6.89
N LYS C 77 7.65 -12.71 7.35
CA LYS C 77 6.46 -12.77 6.47
C LYS C 77 6.37 -11.48 5.64
N VAL C 78 6.91 -10.36 6.14
CA VAL C 78 7.01 -9.12 5.33
C VAL C 78 7.79 -9.43 4.03
N LYS C 79 8.88 -10.22 4.08
CA LYS C 79 9.68 -10.55 2.87
C LYS C 79 8.90 -11.52 1.98
N GLU C 80 8.32 -12.57 2.57
CA GLU C 80 7.66 -13.67 1.81
C GLU C 80 6.44 -13.13 1.05
N ALA C 81 5.69 -12.18 1.59
CA ALA C 81 4.48 -11.62 0.94
C ALA C 81 4.81 -10.81 -0.31
N PHE C 82 6.07 -10.48 -0.58
CA PHE C 82 6.50 -9.87 -1.86
C PHE C 82 6.70 -10.95 -2.93
N LYS C 83 7.06 -12.17 -2.54
CA LYS C 83 7.34 -13.31 -3.48
C LYS C 83 6.05 -13.90 -4.06
N GLU C 84 4.88 -13.60 -3.48
CA GLU C 84 3.59 -14.26 -3.81
C GLU C 84 3.03 -13.70 -5.13
N HIS C 85 3.37 -14.34 -6.25
CA HIS C 85 2.80 -14.05 -7.60
C HIS C 85 1.41 -14.69 -7.73
N GLY C 86 0.59 -14.15 -8.63
CA GLY C 86 -0.68 -14.77 -9.03
C GLY C 86 -1.81 -13.78 -9.05
N PRO C 87 -3.01 -14.21 -9.53
CA PRO C 87 -4.17 -13.34 -9.67
C PRO C 87 -4.73 -13.00 -8.29
N ILE C 88 -5.29 -11.79 -8.20
CA ILE C 88 -5.34 -11.01 -6.93
C ILE C 88 -6.19 -11.72 -5.86
N GLU C 89 -7.12 -12.58 -6.27
CA GLU C 89 -8.02 -13.29 -5.32
C GLU C 89 -7.42 -14.62 -4.86
N SER C 90 -6.39 -15.17 -5.52
CA SER C 90 -5.67 -16.38 -5.01
C SER C 90 -4.51 -16.00 -4.10
N GLN C 91 -4.33 -14.71 -3.81
CA GLN C 91 -3.26 -14.23 -2.90
C GLN C 91 -3.79 -14.33 -1.45
N HIS C 92 -3.13 -15.10 -0.59
CA HIS C 92 -3.40 -15.10 0.88
C HIS C 92 -3.21 -13.68 1.42
N GLY C 93 -2.12 -13.02 1.00
CA GLY C 93 -1.72 -11.69 1.49
C GLY C 93 -1.01 -11.71 2.84
N LEU C 94 -0.58 -10.55 3.29
CA LEU C 94 0.20 -10.35 4.54
C LEU C 94 -0.79 -9.99 5.65
N GLN C 95 -0.69 -10.68 6.77
CA GLN C 95 -1.57 -10.49 7.95
C GLN C 95 -1.08 -9.30 8.79
N LEU C 96 -1.95 -8.35 9.12
CA LEU C 96 -1.62 -7.28 10.12
C LEU C 96 -2.48 -7.46 11.38
N TYR C 97 -1.82 -7.70 12.51
CA TYR C 97 -2.44 -7.82 13.86
C TYR C 97 -2.36 -6.46 14.55
N LEU C 98 -3.51 -5.83 14.81
CA LEU C 98 -3.58 -4.48 15.39
C LEU C 98 -3.25 -4.47 16.89
N ASN C 99 -3.28 -5.61 17.59
CA ASN C 99 -3.07 -5.62 19.05
C ASN C 99 -2.01 -6.64 19.44
N ASP C 100 -0.75 -6.24 19.33
CA ASP C 100 0.40 -7.01 19.87
C ASP C 100 0.35 -7.04 21.42
N ASP C 101 -0.64 -6.37 22.04
CA ASP C 101 -0.86 -6.34 23.51
C ASP C 101 -0.83 -7.77 24.11
N THR C 102 0.01 -8.01 25.11
CA THR C 102 0.12 -9.30 25.85
C THR C 102 -0.37 -9.16 27.30
N ASP C 103 -1.23 -10.06 27.75
CA ASP C 103 -1.56 -10.19 29.20
C ASP C 103 -0.35 -10.79 29.93
N SER C 104 -0.32 -10.69 31.26
CA SER C 104 0.85 -10.99 32.12
C SER C 104 1.26 -12.47 32.06
N ASP C 105 0.38 -13.36 31.59
CA ASP C 105 0.67 -14.81 31.36
C ASP C 105 1.49 -15.01 30.08
N GLY C 106 1.74 -13.96 29.29
CA GLY C 106 2.43 -14.07 28.00
C GLY C 106 1.53 -14.59 26.90
N SER C 107 0.21 -14.64 27.11
CA SER C 107 -0.80 -14.85 26.02
C SER C 107 -0.81 -13.65 25.07
N LYS C 108 -1.35 -13.88 23.89
CA LYS C 108 -1.88 -12.78 23.07
C LYS C 108 -3.10 -12.27 23.85
N SER C 109 -3.06 -11.03 24.34
CA SER C 109 -4.17 -10.46 25.15
C SER C 109 -5.44 -10.45 24.32
N TYR C 110 -5.31 -10.39 23.00
CA TYR C 110 -6.48 -10.47 22.10
C TYR C 110 -6.26 -11.60 21.10
N PHE C 111 -6.06 -12.84 21.58
CA PHE C 111 -5.89 -14.10 20.77
C PHE C 111 -7.09 -14.33 19.84
N ASN C 112 -8.21 -13.67 20.12
CA ASN C 112 -9.37 -13.64 19.22
C ASN C 112 -9.09 -12.79 17.97
N GLU C 113 -7.92 -12.15 17.81
CA GLU C 113 -7.70 -11.23 16.66
C GLU C 113 -7.61 -12.02 15.35
N HIS C 114 -8.66 -11.89 14.56
CA HIS C 114 -8.71 -12.17 13.10
C HIS C 114 -8.09 -10.96 12.39
N PRO C 115 -6.86 -11.06 11.84
CA PRO C 115 -6.15 -9.88 11.40
C PRO C 115 -6.72 -9.16 10.16
N VAL C 116 -6.16 -7.98 9.92
CA VAL C 116 -6.22 -7.19 8.65
C VAL C 116 -5.45 -7.95 7.55
N ILE C 117 -5.90 -7.92 6.29
CA ILE C 117 -5.10 -8.50 5.17
C ILE C 117 -4.62 -7.42 4.19
N GLY C 118 -3.33 -7.48 3.87
CA GLY C 118 -2.72 -6.70 2.78
C GLY C 118 -2.32 -7.60 1.65
N LYS C 119 -2.34 -7.13 0.41
CA LYS C 119 -1.96 -7.96 -0.77
C LYS C 119 -1.02 -7.15 -1.65
N ARG C 120 -0.22 -7.85 -2.45
CA ARG C 120 0.86 -7.24 -3.27
C ARG C 120 0.27 -6.56 -4.49
N VAL C 121 0.50 -5.27 -4.64
CA VAL C 121 -0.08 -4.48 -5.77
C VAL C 121 0.47 -5.13 -7.05
N PRO C 122 -0.39 -5.45 -8.06
CA PRO C 122 0.09 -5.96 -9.34
C PRO C 122 0.67 -4.87 -10.27
N PHE C 123 0.10 -3.65 -10.21
CA PHE C 123 0.42 -2.48 -11.08
C PHE C 123 1.16 -1.37 -10.30
N ARG C 124 2.17 -1.74 -9.52
CA ARG C 124 3.10 -0.79 -8.87
C ARG C 124 4.01 -0.17 -9.93
N ASP C 125 3.89 1.13 -10.15
CA ASP C 125 4.89 1.92 -10.92
C ASP C 125 6.27 1.87 -10.25
N GLU C 126 7.35 1.95 -11.03
CA GLU C 126 8.72 2.05 -10.46
C GLU C 126 8.95 3.46 -9.91
N SER C 127 9.84 3.54 -8.94
CA SER C 127 10.05 4.76 -8.14
C SER C 127 11.46 4.72 -7.56
N VAL C 128 12.13 5.85 -7.45
CA VAL C 128 13.56 5.89 -7.03
C VAL C 128 13.64 6.62 -5.68
N ILE C 129 14.53 6.14 -4.82
CA ILE C 129 14.72 6.71 -3.46
C ILE C 129 16.00 7.56 -3.41
N LEU C 130 15.86 8.79 -2.95
CA LEU C 130 16.95 9.77 -2.75
C LEU C 130 17.33 9.81 -1.28
N LYS C 131 18.53 9.37 -0.89
CA LYS C 131 19.05 9.54 0.49
C LYS C 131 19.58 10.96 0.57
N VAL C 132 19.18 11.66 1.62
CA VAL C 132 19.73 13.00 1.97
C VAL C 132 20.65 12.84 3.18
N THR C 133 21.93 13.18 3.03
CA THR C 133 22.93 13.26 4.12
C THR C 133 23.17 14.75 4.45
N MET C 134 23.05 15.13 5.72
CA MET C 134 23.10 16.56 6.17
C MET C 134 23.40 16.67 7.68
N PRO C 135 23.82 17.86 8.18
CA PRO C 135 24.34 18.00 9.54
C PRO C 135 23.34 17.52 10.61
N LYS C 136 23.86 16.85 11.64
CA LYS C 136 23.06 16.32 12.77
C LYS C 136 22.29 17.45 13.46
N GLY C 137 21.03 17.18 13.82
CA GLY C 137 20.12 18.17 14.41
C GLY C 137 19.55 19.15 13.38
N THR C 138 19.83 19.03 12.08
CA THR C 138 19.14 19.88 11.08
C THR C 138 17.63 19.60 11.14
N LEU C 139 17.21 18.35 11.38
CA LEU C 139 15.78 17.98 11.55
C LEU C 139 15.15 18.75 12.73
N SER C 140 15.75 18.65 13.91
CA SER C 140 15.20 19.31 15.12
C SER C 140 15.19 20.83 14.92
N LYS C 141 16.18 21.38 14.18
CA LYS C 141 16.26 22.82 13.83
C LYS C 141 15.19 23.21 12.78
N ASN C 142 14.63 22.27 12.00
CA ASN C 142 13.77 22.61 10.85
C ASN C 142 12.45 21.85 10.88
N ASN C 143 11.67 22.03 11.94
CA ASN C 143 10.23 21.66 11.94
C ASN C 143 10.08 20.13 11.77
N ASN C 144 11.13 19.34 12.04
CA ASN C 144 11.24 17.89 11.73
C ASN C 144 10.72 17.56 10.32
N SER C 145 10.94 18.47 9.37
CA SER C 145 10.56 18.34 7.94
C SER C 145 11.84 18.06 7.13
N VAL C 146 11.95 16.94 6.39
CA VAL C 146 13.11 16.68 5.49
C VAL C 146 13.19 17.82 4.47
N LYS C 147 12.04 18.28 3.94
CA LYS C 147 11.95 19.39 2.96
C LYS C 147 12.68 20.64 3.51
N ASP C 148 12.23 21.16 4.64
CA ASP C 148 12.79 22.40 5.20
C ASP C 148 14.19 22.14 5.77
N SER C 149 14.50 20.91 6.18
CA SER C 149 15.90 20.52 6.57
C SER C 149 16.82 20.83 5.39
N ILE C 150 16.44 20.41 4.19
CA ILE C 150 17.20 20.74 2.95
C ILE C 150 17.21 22.26 2.78
N LYS C 151 16.04 22.91 2.83
CA LYS C 151 15.89 24.36 2.52
C LYS C 151 16.75 25.25 3.45
N SER C 152 17.12 24.76 4.64
CA SER C 152 18.01 25.48 5.59
C SER C 152 19.49 25.50 5.14
N LEU C 153 19.94 24.53 4.32
CA LEU C 153 21.38 24.33 3.94
C LEU C 153 21.67 24.80 2.51
N LYS C 154 20.73 25.56 1.93
CA LYS C 154 20.61 26.00 0.51
C LYS C 154 21.94 26.53 -0.06
N ASP C 155 22.70 27.28 0.73
CA ASP C 155 23.94 27.96 0.28
C ASP C 155 25.20 27.17 0.64
N SER C 156 25.08 25.94 1.16
CA SER C 156 26.18 25.29 1.91
C SER C 156 26.60 23.95 1.28
N ASN C 157 27.85 23.58 1.52
CA ASN C 157 28.53 22.40 0.91
C ASN C 157 28.16 21.11 1.65
N LYS C 158 27.40 21.19 2.75
CA LYS C 158 27.18 20.04 3.68
C LYS C 158 26.03 19.15 3.18
N LEU C 159 25.14 19.67 2.32
CA LEU C 159 24.01 18.93 1.69
C LEU C 159 24.55 17.94 0.66
N ARG C 160 24.13 16.67 0.74
CA ARG C 160 24.68 15.57 -0.08
C ARG C 160 23.54 14.60 -0.44
N VAL C 161 23.07 14.61 -1.70
CA VAL C 161 21.95 13.74 -2.18
C VAL C 161 22.46 12.75 -3.22
N THR C 162 22.11 11.48 -3.03
CA THR C 162 22.29 10.41 -4.05
C THR C 162 20.98 9.63 -4.19
N PRO C 163 20.52 9.31 -5.43
CA PRO C 163 19.56 8.22 -5.60
C PRO C 163 20.29 6.90 -5.29
N VAL C 164 19.64 6.03 -4.51
CA VAL C 164 20.35 4.87 -3.87
C VAL C 164 19.62 3.54 -4.11
N SER C 165 18.31 3.56 -4.40
CA SER C 165 17.57 2.32 -4.74
C SER C 165 16.26 2.64 -5.49
N ILE C 166 15.68 1.63 -6.15
CA ILE C 166 14.37 1.78 -6.84
C ILE C 166 13.34 0.85 -6.20
N VAL C 167 12.24 1.39 -5.71
CA VAL C 167 11.07 0.56 -5.34
C VAL C 167 10.31 0.23 -6.62
N ASP C 168 10.08 -1.06 -6.84
CA ASP C 168 9.36 -1.59 -8.04
C ASP C 168 8.13 -2.41 -7.63
N ASN C 169 7.92 -2.63 -6.32
CA ASN C 169 6.88 -3.55 -5.81
C ASN C 169 6.38 -3.05 -4.44
N THR C 170 5.09 -3.22 -4.14
CA THR C 170 4.45 -2.65 -2.92
C THR C 170 3.36 -3.59 -2.40
N ILE C 171 3.12 -3.59 -1.09
CA ILE C 171 1.91 -4.20 -0.45
C ILE C 171 1.07 -3.08 0.11
N LYS C 172 -0.23 -3.14 -0.05
CA LYS C 172 -1.13 -2.23 0.69
C LYS C 172 -2.13 -3.05 1.51
N PHE C 173 -2.33 -2.62 2.75
CA PHE C 173 -3.31 -3.25 3.67
C PHE C 173 -4.64 -2.54 3.44
N ARG C 174 -5.43 -3.11 2.52
CA ARG C 174 -6.76 -2.57 2.15
C ARG C 174 -7.83 -3.69 2.23
N GLU C 175 -7.56 -4.83 2.89
CA GLU C 175 -8.62 -5.81 3.29
C GLU C 175 -8.81 -5.75 4.81
N MET C 176 -10.05 -5.54 5.26
CA MET C 176 -10.39 -5.18 6.69
C MET C 176 -9.91 -6.27 7.66
N SER C 177 -9.80 -5.92 8.94
CA SER C 177 -9.85 -6.90 10.05
C SER C 177 -11.26 -7.52 10.09
N ASP C 178 -11.35 -8.79 10.44
CA ASP C 178 -12.68 -9.46 10.43
C ASP C 178 -13.43 -9.14 11.72
N PHE C 179 -14.68 -9.55 11.82
CA PHE C 179 -15.41 -9.53 13.12
C PHE C 179 -14.50 -10.13 14.20
N GLN C 180 -14.71 -9.62 15.41
CA GLN C 180 -13.90 -9.98 16.57
C GLN C 180 -14.85 -10.10 17.75
N ILE C 181 -14.86 -11.26 18.41
CA ILE C 181 -15.57 -11.50 19.70
C ILE C 181 -14.63 -11.11 20.85
N LYS C 182 -15.09 -11.08 22.10
CA LYS C 182 -14.10 -11.06 23.22
C LYS C 182 -14.53 -12.08 24.25
N LEU C 183 -13.50 -12.70 24.79
CA LEU C 183 -13.57 -13.99 25.47
C LEU C 183 -13.04 -13.80 26.90
N ASP C 184 -13.31 -12.63 27.50
CA ASP C 184 -12.93 -12.27 28.89
C ASP C 184 -14.14 -12.36 29.85
N ASN C 185 -15.37 -12.44 29.35
CA ASN C 185 -16.57 -12.52 30.23
C ASN C 185 -17.38 -13.81 30.00
N VAL C 186 -17.33 -14.40 28.82
CA VAL C 186 -17.79 -15.79 28.58
C VAL C 186 -16.83 -16.76 29.27
N PRO C 187 -17.29 -17.55 30.27
CA PRO C 187 -16.39 -18.26 31.17
C PRO C 187 -15.50 -19.28 30.45
N SER C 188 -16.05 -20.21 29.65
CA SER C 188 -15.21 -21.21 28.93
C SER C 188 -14.31 -20.51 27.91
N ALA C 189 -14.57 -19.26 27.58
CA ALA C 189 -13.72 -18.46 26.68
C ALA C 189 -12.47 -17.97 27.43
N ARG C 190 -12.65 -17.49 28.66
CA ARG C 190 -11.53 -17.27 29.61
C ARG C 190 -10.85 -18.60 29.91
N GLU C 191 -11.60 -19.72 30.06
CA GLU C 191 -10.97 -21.04 30.22
C GLU C 191 -10.06 -21.24 29.01
N PHE C 192 -10.51 -20.99 27.77
CA PHE C 192 -9.66 -21.19 26.55
C PHE C 192 -8.45 -20.24 26.54
N LYS C 193 -8.66 -18.96 26.80
CA LYS C 193 -7.57 -17.94 26.77
C LYS C 193 -6.47 -18.30 27.77
N SER C 194 -6.88 -18.56 29.02
CA SER C 194 -5.98 -18.88 30.15
C SER C 194 -5.38 -20.27 29.95
N SER C 195 -5.82 -21.06 28.97
CA SER C 195 -5.29 -22.42 28.70
C SER C 195 -4.54 -22.45 27.35
N PHE C 196 -5.28 -22.37 26.25
CA PHE C 196 -4.76 -22.37 24.86
C PHE C 196 -3.92 -21.09 24.61
N GLY C 197 -4.54 -19.92 24.81
CA GLY C 197 -3.93 -18.60 24.47
C GLY C 197 -2.64 -18.33 25.26
N SER C 198 -2.60 -18.75 26.51
CA SER C 198 -1.49 -18.56 27.46
C SER C 198 -0.42 -19.63 27.29
N LEU C 199 -0.83 -20.80 26.77
CA LEU C 199 -0.07 -22.08 26.85
C LEU C 199 0.29 -22.44 28.30
N GLU C 200 -0.29 -21.79 29.32
CA GLU C 200 0.07 -22.09 30.73
C GLU C 200 -0.50 -23.45 31.13
N TRP C 201 0.33 -24.48 31.20
CA TRP C 201 -0.02 -25.83 31.73
C TRP C 201 -0.88 -25.68 32.98
N ASN C 202 -0.47 -24.78 33.89
CA ASN C 202 -1.13 -24.52 35.20
C ASN C 202 -2.58 -24.06 35.04
N ASN C 203 -2.92 -23.39 33.92
CA ASN C 203 -4.30 -22.89 33.65
C ASN C 203 -4.88 -23.54 32.40
N PHE C 204 -4.21 -24.57 31.86
CA PHE C 204 -4.69 -25.40 30.72
C PHE C 204 -5.16 -26.77 31.20
N LYS C 205 -4.44 -27.45 32.10
CA LYS C 205 -4.84 -28.77 32.62
C LYS C 205 -6.31 -28.68 33.09
N SER C 206 -6.73 -27.56 33.69
CA SER C 206 -8.09 -27.34 34.27
C SER C 206 -9.11 -26.84 33.23
N PHE C 207 -8.74 -26.62 31.97
CA PHE C 207 -9.73 -26.62 30.86
C PHE C 207 -10.04 -28.06 30.40
N VAL C 208 -8.99 -28.84 30.13
CA VAL C 208 -9.07 -30.17 29.50
C VAL C 208 -9.58 -31.16 30.52
N ASN C 209 -9.00 -31.22 31.71
CA ASN C 209 -9.74 -31.89 32.80
C ASN C 209 -10.98 -31.01 33.09
N SER C 210 -12.14 -31.64 33.28
CA SER C 210 -13.50 -31.07 33.12
C SER C 210 -13.93 -31.02 31.65
N VAL C 211 -13.27 -31.76 30.73
CA VAL C 211 -13.85 -32.20 29.42
C VAL C 211 -14.28 -33.65 29.61
N PRO C 212 -15.58 -33.96 29.34
CA PRO C 212 -16.05 -35.34 29.48
C PRO C 212 -15.38 -36.20 28.41
N ASP C 213 -15.23 -37.50 28.68
CA ASP C 213 -14.89 -38.48 27.64
C ASP C 213 -16.21 -38.83 26.96
N ASN C 214 -17.03 -39.61 27.66
CA ASN C 214 -18.49 -39.73 27.38
C ASN C 214 -19.13 -38.38 27.74
N ASP C 215 -19.36 -37.53 26.74
CA ASP C 215 -20.22 -36.34 26.96
C ASP C 215 -21.58 -36.80 27.44
N SER C 216 -21.87 -36.60 28.72
CA SER C 216 -23.03 -37.20 29.39
C SER C 216 -24.32 -36.63 28.79
N GLN C 217 -24.30 -35.40 28.28
CA GLN C 217 -25.55 -34.69 27.88
C GLN C 217 -25.28 -33.64 26.80
N PRO C 218 -24.93 -34.03 25.56
CA PRO C 218 -24.76 -33.09 24.47
C PRO C 218 -25.89 -32.08 24.21
N GLN C 219 -27.02 -32.25 24.90
CA GLN C 219 -28.18 -31.34 24.82
C GLN C 219 -27.97 -30.04 25.60
N GLU C 220 -27.05 -30.02 26.59
CA GLU C 220 -27.12 -29.02 27.69
C GLU C 220 -25.92 -28.05 27.71
N ASN C 221 -26.19 -26.88 28.27
CA ASN C 221 -25.24 -25.74 28.36
C ASN C 221 -23.93 -26.23 28.95
N ILE C 222 -22.83 -25.99 28.23
CA ILE C 222 -21.44 -26.34 28.66
C ILE C 222 -21.14 -25.78 30.06
N GLY C 223 -21.80 -24.70 30.48
CA GLY C 223 -21.76 -24.19 31.86
C GLY C 223 -21.91 -25.28 32.90
N ASN C 224 -22.65 -26.36 32.61
CA ASN C 224 -22.82 -27.51 33.55
C ASN C 224 -21.47 -28.16 33.89
N LEU C 225 -20.44 -28.01 33.05
CA LEU C 225 -19.08 -28.54 33.32
C LEU C 225 -18.16 -27.50 33.98
N ILE C 226 -18.57 -26.22 34.07
CA ILE C 226 -17.67 -25.08 34.40
C ILE C 226 -17.63 -24.88 35.93
N LEU C 227 -16.42 -24.95 36.51
CA LEU C 227 -16.18 -24.71 37.96
C LEU C 227 -16.30 -23.21 38.25
N ASP C 228 -15.79 -22.38 37.33
CA ASP C 228 -15.60 -20.92 37.51
C ASP C 228 -16.93 -20.18 37.28
N ARG C 229 -17.64 -19.85 38.36
CA ARG C 229 -18.86 -19.00 38.33
C ARG C 229 -18.51 -17.53 38.60
N SER C 230 -17.22 -17.15 38.60
CA SER C 230 -16.75 -15.79 38.98
C SER C 230 -17.27 -14.75 37.99
N VAL C 231 -17.64 -15.18 36.78
CA VAL C 231 -18.32 -14.29 35.79
C VAL C 231 -19.78 -14.70 35.71
N LYS C 232 -20.69 -13.73 35.88
CA LYS C 232 -22.14 -14.00 36.00
C LYS C 232 -22.73 -14.16 34.60
N ILE C 233 -22.47 -15.32 34.00
CA ILE C 233 -22.91 -15.68 32.62
C ILE C 233 -24.41 -15.93 32.62
N PRO C 234 -25.20 -15.42 31.64
CA PRO C 234 -26.64 -15.67 31.61
C PRO C 234 -26.94 -17.14 31.24
N SER C 235 -28.11 -17.63 31.66
CA SER C 235 -28.50 -19.07 31.57
C SER C 235 -28.56 -19.54 30.10
N THR C 236 -28.94 -18.65 29.18
CA THR C 236 -29.22 -18.97 27.74
C THR C 236 -27.92 -19.05 26.93
N ASP C 237 -26.77 -18.69 27.49
CA ASP C 237 -25.49 -18.65 26.75
C ASP C 237 -24.88 -20.05 26.78
N PHE C 238 -24.80 -20.69 25.62
CA PHE C 238 -24.20 -22.06 25.48
C PHE C 238 -22.72 -21.95 25.05
N GLN C 239 -22.21 -20.71 24.92
CA GLN C 239 -20.76 -20.37 24.87
C GLN C 239 -20.15 -20.96 23.61
N LEU C 240 -20.90 -20.80 22.53
CA LEU C 240 -20.45 -21.15 21.17
C LEU C 240 -19.31 -20.19 20.81
N PRO C 241 -18.17 -20.72 20.31
CA PRO C 241 -17.12 -19.84 19.80
C PRO C 241 -17.45 -19.42 18.37
N PRO C 242 -16.80 -18.35 17.89
CA PRO C 242 -16.92 -17.97 16.49
C PRO C 242 -16.02 -18.78 15.54
N PRO C 243 -16.35 -18.81 14.23
CA PRO C 243 -15.43 -19.25 13.19
C PRO C 243 -14.30 -18.25 12.92
N PRO C 244 -13.20 -18.69 12.25
CA PRO C 244 -12.01 -17.88 11.99
C PRO C 244 -12.27 -16.77 10.98
N LYS C 245 -13.35 -16.94 10.23
CA LYS C 245 -13.84 -15.93 9.29
C LYS C 245 -15.32 -15.84 9.56
N LEU C 246 -15.68 -14.92 10.41
CA LEU C 246 -17.10 -14.55 10.59
C LEU C 246 -17.55 -13.86 9.31
N SER C 247 -16.75 -12.98 8.71
CA SER C 247 -16.88 -12.60 7.28
C SER C 247 -16.16 -13.65 6.43
N MET C 248 -16.72 -13.99 5.28
CA MET C 248 -16.09 -14.91 4.32
C MET C 248 -15.23 -14.09 3.34
N VAL C 249 -15.70 -12.94 2.85
CA VAL C 249 -14.94 -12.08 1.90
C VAL C 249 -14.54 -10.80 2.60
N GLY C 250 -13.23 -10.48 2.56
CA GLY C 250 -12.60 -9.46 3.42
C GLY C 250 -12.75 -8.04 2.89
N PHE C 251 -12.67 -7.85 1.60
CA PHE C 251 -13.21 -6.65 0.94
C PHE C 251 -14.70 -6.67 1.18
N PRO C 252 -15.39 -5.52 1.19
CA PRO C 252 -16.85 -5.58 1.31
C PRO C 252 -17.48 -6.36 0.15
N LEU C 253 -18.36 -7.29 0.50
CA LEU C 253 -19.41 -7.84 -0.39
C LEU C 253 -20.37 -6.71 -0.71
N LEU C 254 -20.64 -6.51 -1.98
CA LEU C 254 -21.22 -5.21 -2.38
C LEU C 254 -22.74 -5.26 -2.22
N TYR C 255 -23.26 -5.34 -0.99
CA TYR C 255 -24.70 -5.10 -0.79
C TYR C 255 -24.93 -3.58 -0.72
N LYS C 256 -24.60 -2.85 -1.78
CA LYS C 256 -25.39 -1.64 -2.04
C LYS C 256 -26.81 -2.16 -2.29
N TYR C 257 -27.76 -1.59 -1.57
CA TYR C 257 -29.11 -2.15 -1.31
C TYR C 257 -29.97 -2.37 -2.57
N LYS C 258 -29.56 -1.79 -3.71
CA LYS C 258 -30.40 -1.55 -4.92
C LYS C 258 -31.05 -2.85 -5.44
N ALA C 259 -32.26 -2.70 -5.99
CA ALA C 259 -33.05 -3.80 -6.61
C ALA C 259 -32.15 -4.53 -7.61
N ASN C 260 -32.00 -5.84 -7.44
CA ASN C 260 -31.08 -6.67 -8.25
C ASN C 260 -31.66 -6.82 -9.67
N PRO C 261 -31.06 -6.22 -10.73
CA PRO C 261 -31.56 -6.43 -12.10
C PRO C 261 -31.24 -7.86 -12.58
N PHE C 262 -30.34 -8.56 -11.88
CA PHE C 262 -29.87 -9.92 -12.21
C PHE C 262 -30.69 -10.99 -11.47
N ALA C 263 -31.62 -10.64 -10.59
CA ALA C 263 -32.55 -11.61 -9.96
C ALA C 263 -33.70 -11.94 -10.93
N LYS C 264 -33.78 -13.20 -11.37
CA LYS C 264 -34.55 -13.60 -12.58
C LYS C 264 -35.14 -15.00 -12.37
N MET D 1 33.57 -4.55 -29.01
CA MET D 1 32.71 -3.63 -28.20
C MET D 1 33.59 -2.61 -27.46
N VAL D 2 32.96 -1.54 -26.96
CA VAL D 2 33.60 -0.42 -26.23
C VAL D 2 33.09 -0.43 -24.78
N VAL D 3 33.98 -0.32 -23.78
CA VAL D 3 33.58 -0.38 -22.34
C VAL D 3 32.71 0.84 -22.00
N ASN D 4 31.49 0.60 -21.52
CA ASN D 4 30.54 1.68 -21.10
C ASN D 4 30.63 1.89 -19.58
N THR D 5 31.02 0.85 -18.83
CA THR D 5 31.00 0.84 -17.34
C THR D 5 32.37 0.48 -16.79
N ILE D 6 32.93 1.35 -15.93
CA ILE D 6 34.12 1.00 -15.11
C ILE D 6 33.74 1.13 -13.64
N TYR D 7 33.81 0.03 -12.87
CA TYR D 7 33.69 0.05 -11.39
C TYR D 7 35.09 0.06 -10.77
N ILE D 8 35.33 0.91 -9.76
CA ILE D 8 36.54 0.79 -8.89
C ILE D 8 36.10 0.71 -7.43
N ALA D 9 36.62 -0.27 -6.69
CA ALA D 9 36.34 -0.43 -5.25
C ALA D 9 37.64 -0.55 -4.46
N ARG D 10 37.70 0.00 -3.25
CA ARG D 10 38.83 -0.27 -2.33
C ARG D 10 38.62 -1.65 -1.69
N HIS D 11 39.70 -2.33 -1.30
CA HIS D 11 39.68 -3.65 -0.60
C HIS D 11 38.88 -3.59 0.72
N GLY D 12 38.64 -4.76 1.31
CA GLY D 12 37.98 -4.90 2.62
C GLY D 12 38.82 -4.40 3.80
N TYR D 13 38.23 -4.47 5.00
CA TYR D 13 38.85 -4.10 6.30
C TYR D 13 40.06 -4.99 6.60
N ARG D 14 41.22 -4.34 6.79
CA ARG D 14 42.53 -5.00 7.07
C ARG D 14 42.54 -5.68 8.45
N SER D 15 43.09 -6.88 8.56
CA SER D 15 43.30 -7.57 9.87
C SER D 15 44.15 -6.71 10.83
N ASN D 16 45.16 -5.97 10.33
CA ASN D 16 46.06 -5.15 11.20
C ASN D 16 45.39 -3.84 11.64
N TRP D 17 44.13 -3.58 11.31
CA TRP D 17 43.31 -2.51 11.95
C TRP D 17 42.63 -3.01 13.24
N LEU D 18 42.57 -4.33 13.50
CA LEU D 18 41.83 -4.91 14.66
C LEU D 18 42.43 -4.41 15.98
N PRO D 19 41.61 -4.26 17.05
CA PRO D 19 42.10 -3.74 18.34
C PRO D 19 42.97 -4.72 19.14
N GLU D 20 42.81 -6.03 18.91
CA GLU D 20 43.59 -7.09 19.61
C GLU D 20 43.94 -8.23 18.64
N GLY D 21 45.02 -8.96 18.95
CA GLY D 21 45.58 -10.03 18.11
C GLY D 21 45.01 -11.41 18.45
N PRO D 22 45.67 -12.53 18.05
CA PRO D 22 46.91 -12.47 17.26
C PRO D 22 46.69 -11.99 15.83
N TYR D 23 47.40 -10.94 15.41
CA TYR D 23 47.41 -10.48 14.00
C TYR D 23 48.00 -11.61 13.14
N PRO D 24 47.33 -12.01 12.03
CA PRO D 24 47.79 -13.11 11.20
C PRO D 24 49.06 -12.77 10.40
N ASP D 25 49.90 -13.76 10.17
CA ASP D 25 51.11 -13.63 9.33
C ASP D 25 50.69 -13.37 7.88
N PRO D 26 51.33 -12.43 7.15
CA PRO D 26 51.09 -12.26 5.72
C PRO D 26 51.38 -13.59 4.98
N LEU D 27 50.36 -14.13 4.32
CA LEU D 27 50.35 -15.53 3.80
C LEU D 27 51.43 -15.70 2.71
N THR D 28 51.75 -14.63 1.99
CA THR D 28 52.79 -14.59 0.92
C THR D 28 54.22 -14.53 1.50
N GLY D 29 54.38 -14.17 2.78
CA GLY D 29 55.71 -13.98 3.42
C GLY D 29 56.30 -12.60 3.12
N ILE D 30 55.59 -11.72 2.41
CA ILE D 30 56.06 -10.36 2.00
C ILE D 30 55.69 -9.34 3.11
N ASP D 31 56.46 -8.26 3.25
CA ASP D 31 56.19 -7.17 4.24
C ASP D 31 54.87 -6.44 3.90
N SER D 32 54.13 -6.01 4.93
CA SER D 32 52.72 -5.58 4.85
C SER D 32 51.86 -6.75 4.31
N ASP D 33 51.13 -6.60 3.19
CA ASP D 33 50.40 -7.67 2.45
C ASP D 33 49.50 -8.52 3.39
N VAL D 34 48.96 -7.93 4.45
CA VAL D 34 48.14 -8.64 5.48
C VAL D 34 46.81 -9.10 4.89
N PRO D 35 46.20 -10.20 5.40
CA PRO D 35 44.84 -10.58 5.03
C PRO D 35 43.76 -9.67 5.65
N LEU D 36 42.52 -9.86 5.20
CA LEU D 36 41.33 -9.17 5.77
C LEU D 36 40.96 -9.76 7.15
N ALA D 37 40.20 -9.01 7.94
CA ALA D 37 39.39 -9.54 9.06
C ALA D 37 38.08 -10.15 8.50
N GLU D 38 37.38 -10.99 9.27
CA GLU D 38 36.05 -11.53 8.89
C GLU D 38 35.06 -10.38 8.63
N HIS D 39 35.19 -9.27 9.37
CA HIS D 39 34.39 -8.03 9.18
C HIS D 39 34.69 -7.42 7.80
N GLY D 40 35.92 -7.51 7.32
CA GLY D 40 36.30 -7.08 5.95
C GLY D 40 35.71 -7.97 4.89
N VAL D 41 35.76 -9.30 5.10
CA VAL D 41 35.13 -10.31 4.20
C VAL D 41 33.62 -10.04 4.14
N GLN D 42 32.99 -9.62 5.25
CA GLN D 42 31.55 -9.26 5.30
C GLN D 42 31.29 -8.04 4.39
N GLN D 43 32.09 -6.97 4.47
CA GLN D 43 31.94 -5.78 3.59
C GLN D 43 32.14 -6.17 2.12
N ALA D 44 33.01 -7.14 1.83
CA ALA D 44 33.22 -7.69 0.47
C ALA D 44 31.95 -8.40 -0.01
N LYS D 45 31.33 -9.25 0.83
CA LYS D 45 30.07 -9.97 0.49
C LYS D 45 28.93 -8.97 0.28
N GLU D 46 28.88 -7.88 1.06
CA GLU D 46 27.88 -6.79 0.90
C GLU D 46 28.08 -6.15 -0.48
N LEU D 47 29.29 -5.71 -0.77
CA LEU D 47 29.66 -5.11 -2.08
C LEU D 47 29.23 -6.05 -3.22
N ALA D 48 29.48 -7.36 -3.07
CA ALA D 48 29.12 -8.38 -4.08
C ALA D 48 27.59 -8.41 -4.29
N HIS D 49 26.82 -8.42 -3.21
CA HIS D 49 25.33 -8.47 -3.25
C HIS D 49 24.76 -7.16 -3.79
N TYR D 50 25.48 -6.05 -3.65
CA TYR D 50 25.08 -4.78 -4.30
C TYR D 50 25.25 -4.90 -5.83
N LEU D 51 26.47 -5.18 -6.30
CA LEU D 51 26.76 -5.32 -7.75
C LEU D 51 25.84 -6.40 -8.35
N LEU D 52 25.65 -7.54 -7.67
CA LEU D 52 24.79 -8.65 -8.15
C LEU D 52 23.37 -8.15 -8.45
N SER D 53 22.87 -7.14 -7.73
CA SER D 53 21.50 -6.60 -7.92
C SER D 53 21.43 -5.76 -9.20
N LEU D 54 22.56 -5.22 -9.64
CA LEU D 54 22.61 -4.35 -10.85
C LEU D 54 22.58 -5.26 -12.09
N ASP D 55 21.76 -4.95 -13.07
CA ASP D 55 21.76 -5.67 -14.37
C ASP D 55 23.17 -5.56 -14.98
N ASN D 56 23.85 -4.42 -14.77
CA ASN D 56 25.28 -4.20 -15.16
C ASN D 56 26.20 -4.92 -14.17
N GLN D 57 26.15 -6.25 -14.18
CA GLN D 57 27.22 -7.15 -13.69
C GLN D 57 28.55 -6.76 -14.37
N PRO D 58 29.71 -6.84 -13.68
CA PRO D 58 31.00 -6.92 -14.38
C PRO D 58 31.14 -8.14 -15.29
N GLU D 59 31.89 -7.97 -16.38
CA GLU D 59 32.34 -9.09 -17.25
C GLU D 59 33.51 -9.82 -16.58
N ALA D 60 34.36 -9.09 -15.88
CA ALA D 60 35.56 -9.60 -15.18
C ALA D 60 35.99 -8.60 -14.10
N ALA D 61 36.85 -9.03 -13.18
CA ALA D 61 37.43 -8.14 -12.16
C ALA D 61 38.94 -8.08 -12.34
N PHE D 62 39.49 -6.89 -12.57
CA PHE D 62 40.94 -6.63 -12.45
C PHE D 62 41.30 -6.45 -10.99
N ALA D 63 42.13 -7.34 -10.46
CA ALA D 63 42.59 -7.30 -9.05
C ALA D 63 44.03 -6.80 -8.98
N SER D 64 44.28 -5.88 -8.06
CA SER D 64 45.61 -5.66 -7.47
C SER D 64 46.18 -7.01 -7.05
N PRO D 65 47.43 -7.37 -7.43
CA PRO D 65 48.03 -8.64 -7.00
C PRO D 65 48.45 -8.70 -5.51
N PHE D 66 48.22 -7.64 -4.74
CA PHE D 66 48.37 -7.64 -3.25
C PHE D 66 47.26 -8.49 -2.63
N TYR D 67 47.60 -9.33 -1.65
CA TYR D 67 46.76 -10.44 -1.11
C TYR D 67 45.35 -9.94 -0.74
N ARG D 68 45.23 -8.82 -0.02
CA ARG D 68 43.93 -8.32 0.52
C ARG D 68 42.95 -7.91 -0.61
N CYS D 69 43.43 -7.45 -1.76
CA CYS D 69 42.56 -7.10 -2.91
C CYS D 69 41.99 -8.37 -3.57
N LEU D 70 42.71 -9.49 -3.55
CA LEU D 70 42.21 -10.78 -4.08
C LEU D 70 41.26 -11.45 -3.09
N GLU D 71 41.55 -11.40 -1.79
CA GLU D 71 40.65 -11.88 -0.72
C GLU D 71 39.34 -11.06 -0.70
N THR D 72 39.34 -9.84 -1.25
CA THR D 72 38.11 -9.02 -1.47
C THR D 72 37.29 -9.60 -2.65
N VAL D 73 37.92 -10.07 -3.74
CA VAL D 73 37.15 -10.54 -4.94
C VAL D 73 36.79 -12.04 -4.85
N GLN D 74 37.39 -12.85 -3.97
CA GLN D 74 37.10 -14.32 -3.93
C GLN D 74 35.60 -14.62 -3.70
N PRO D 75 34.80 -13.85 -2.92
CA PRO D 75 33.33 -14.02 -2.93
C PRO D 75 32.63 -13.44 -4.17
N ILE D 76 33.13 -12.32 -4.73
CA ILE D 76 32.53 -11.62 -5.91
C ILE D 76 32.62 -12.52 -7.15
N ALA D 77 33.83 -12.99 -7.47
CA ALA D 77 34.13 -13.80 -8.68
C ALA D 77 33.28 -15.08 -8.69
N LYS D 78 33.16 -15.75 -7.53
CA LYS D 78 32.36 -16.99 -7.33
C LYS D 78 30.85 -16.69 -7.24
N LEU D 79 30.40 -15.44 -7.22
CA LEU D 79 28.95 -15.10 -7.10
C LEU D 79 28.40 -14.49 -8.40
N LEU D 80 29.22 -13.79 -9.18
CA LEU D 80 28.78 -13.21 -10.49
C LEU D 80 29.29 -14.08 -11.66
N GLU D 81 30.01 -15.18 -11.39
CA GLU D 81 30.44 -16.18 -12.40
C GLU D 81 31.35 -15.49 -13.43
N ILE D 82 32.42 -14.83 -12.94
CA ILE D 82 33.39 -14.00 -13.74
C ILE D 82 34.83 -14.41 -13.45
N PRO D 83 35.77 -14.21 -14.40
CA PRO D 83 37.21 -14.38 -14.14
C PRO D 83 37.82 -13.17 -13.43
N VAL D 84 38.87 -13.43 -12.64
CA VAL D 84 39.74 -12.36 -12.04
C VAL D 84 41.07 -12.30 -12.80
N TYR D 85 41.49 -11.09 -13.18
CA TYR D 85 42.78 -10.85 -13.89
C TYR D 85 43.72 -10.03 -13.01
N LEU D 86 44.94 -10.53 -12.74
CA LEU D 86 46.01 -9.77 -12.04
C LEU D 86 46.42 -8.58 -12.89
N GLU D 87 46.54 -7.41 -12.27
CA GLU D 87 47.01 -6.20 -12.98
C GLU D 87 47.88 -5.36 -12.02
N ARG D 88 49.20 -5.42 -12.19
CA ARG D 88 50.18 -4.65 -11.38
C ARG D 88 49.95 -3.14 -11.56
N GLY D 89 49.41 -2.72 -12.71
CA GLY D 89 48.98 -1.34 -13.00
C GLY D 89 47.92 -0.84 -12.04
N ILE D 90 47.30 -1.71 -11.20
CA ILE D 90 46.40 -1.27 -10.08
C ILE D 90 46.88 -1.82 -8.71
N GLY D 91 48.19 -1.95 -8.50
CA GLY D 91 48.79 -2.19 -7.16
C GLY D 91 48.69 -1.00 -6.19
N GLU D 92 49.13 -1.24 -4.95
CA GLU D 92 49.27 -0.25 -3.83
C GLU D 92 50.20 0.90 -4.21
N TRP D 93 50.09 2.04 -3.52
CA TRP D 93 51.06 3.18 -3.60
C TRP D 93 51.97 3.20 -2.36
N TYR D 94 53.28 3.21 -2.58
CA TYR D 94 54.31 3.46 -1.53
C TYR D 94 55.25 4.56 -1.99
N ARG D 95 55.70 5.40 -1.04
CA ARG D 95 56.68 6.49 -1.31
C ARG D 95 58.12 5.96 -1.22
N PRO D 96 59.11 6.63 -1.86
CA PRO D 96 60.50 6.15 -1.84
C PRO D 96 61.19 6.15 -0.46
N ASP D 97 60.59 6.81 0.55
CA ASP D 97 61.12 6.91 1.93
C ASP D 97 60.45 5.87 2.86
N ARG D 98 59.53 5.06 2.35
CA ARG D 98 58.83 3.98 3.11
C ARG D 98 59.85 2.91 3.54
N LYS D 99 59.70 2.36 4.76
CA LYS D 99 60.70 1.46 5.41
C LYS D 99 60.02 0.28 6.10
N PRO D 100 60.71 -0.86 6.32
CA PRO D 100 62.11 -1.08 5.92
C PRO D 100 62.34 -1.42 4.43
N VAL D 101 61.29 -1.79 3.70
CA VAL D 101 61.34 -2.18 2.26
C VAL D 101 60.13 -1.62 1.50
N ILE D 102 60.18 -1.60 0.17
CA ILE D 102 59.00 -1.35 -0.71
C ILE D 102 58.40 -2.70 -1.04
N PRO D 103 57.16 -3.03 -0.60
CA PRO D 103 56.48 -4.26 -1.00
C PRO D 103 55.98 -4.26 -2.45
N VAL D 104 56.41 -5.25 -3.23
CA VAL D 104 55.80 -5.58 -4.56
C VAL D 104 55.48 -7.07 -4.56
N PRO D 105 54.20 -7.46 -4.82
CA PRO D 105 53.75 -8.83 -4.56
C PRO D 105 54.23 -9.89 -5.56
N ALA D 106 54.24 -11.14 -5.08
CA ALA D 106 54.58 -12.36 -5.85
C ALA D 106 53.58 -12.57 -7.00
N GLY D 107 53.92 -13.46 -7.93
CA GLY D 107 53.13 -13.72 -9.15
C GLY D 107 51.93 -14.63 -8.97
N TYR D 108 51.25 -14.87 -10.09
CA TYR D 108 50.13 -15.84 -10.26
C TYR D 108 50.43 -17.18 -9.57
N GLU D 109 51.69 -17.63 -9.64
CA GLU D 109 52.16 -18.93 -9.11
C GLU D 109 51.94 -19.05 -7.59
N ILE D 110 52.05 -17.96 -6.82
CA ILE D 110 51.82 -17.99 -5.35
C ILE D 110 50.33 -17.70 -5.07
N LEU D 111 49.77 -16.68 -5.73
CA LEU D 111 48.39 -16.20 -5.47
C LEU D 111 47.37 -17.31 -5.77
N SER D 112 47.57 -18.10 -6.83
CA SER D 112 46.64 -19.20 -7.24
C SER D 112 46.61 -20.34 -6.21
N LYS D 113 47.62 -20.48 -5.34
CA LYS D 113 47.62 -21.50 -4.24
C LYS D 113 46.67 -21.08 -3.12
N PHE D 114 46.48 -19.77 -2.89
CA PHE D 114 45.55 -19.22 -1.86
C PHE D 114 44.16 -18.98 -2.46
N PHE D 115 44.07 -18.65 -3.75
CA PHE D 115 42.81 -18.27 -4.46
C PHE D 115 42.57 -19.19 -5.66
N PRO D 116 42.47 -20.54 -5.48
CA PRO D 116 42.27 -21.45 -6.61
C PRO D 116 40.90 -21.30 -7.27
N GLY D 117 40.88 -21.30 -8.61
CA GLY D 117 39.66 -21.15 -9.43
C GLY D 117 39.22 -19.70 -9.59
N VAL D 118 39.79 -18.75 -8.83
CA VAL D 118 39.40 -17.31 -8.84
C VAL D 118 40.16 -16.57 -9.95
N ILE D 119 41.47 -16.80 -10.04
CA ILE D 119 42.41 -15.96 -10.84
C ILE D 119 42.73 -16.67 -12.17
N SER D 120 42.70 -15.93 -13.27
CA SER D 120 43.09 -16.39 -14.63
C SER D 120 44.47 -15.81 -15.02
N GLN D 121 45.34 -16.65 -15.59
CA GLN D 121 46.71 -16.30 -16.04
C GLN D 121 46.70 -15.70 -17.47
N GLU D 122 45.51 -15.53 -18.06
CA GLU D 122 45.28 -15.12 -19.48
C GLU D 122 45.80 -13.71 -19.75
N TRP D 123 45.84 -12.84 -18.74
CA TRP D 123 46.21 -11.40 -18.90
C TRP D 123 47.62 -11.15 -18.36
N ASP D 124 48.42 -10.42 -19.15
CA ASP D 124 49.75 -9.87 -18.73
C ASP D 124 49.59 -8.39 -18.37
N SER D 125 50.13 -8.00 -17.21
CA SER D 125 49.95 -6.66 -16.59
C SER D 125 50.34 -5.53 -17.56
N THR D 126 49.51 -4.48 -17.60
CA THR D 126 49.67 -3.25 -18.41
C THR D 126 51.01 -2.56 -18.10
N LEU D 127 51.33 -2.37 -16.82
CA LEU D 127 52.63 -1.84 -16.32
C LEU D 127 52.86 -2.24 -14.85
N THR D 128 54.09 -2.11 -14.34
CA THR D 128 54.43 -2.33 -12.91
C THR D 128 54.82 -0.99 -12.29
N PRO D 129 54.31 -0.63 -11.08
CA PRO D 129 54.72 0.60 -10.40
C PRO D 129 56.18 0.51 -9.92
N ASN D 130 56.83 1.67 -9.75
CA ASN D 130 58.28 1.76 -9.43
C ASN D 130 58.59 0.97 -8.15
N GLU D 131 59.44 -0.06 -8.27
CA GLU D 131 59.87 -0.93 -7.13
C GLU D 131 60.62 -0.12 -6.05
N LYS D 132 61.10 1.08 -6.36
CA LYS D 132 61.81 1.95 -5.39
C LYS D 132 60.86 3.00 -4.80
N GLY D 133 59.54 2.79 -4.95
CA GLY D 133 58.51 3.75 -4.51
C GLY D 133 58.29 4.89 -5.50
N GLU D 134 57.19 5.62 -5.36
CA GLU D 134 56.79 6.69 -6.30
C GLU D 134 56.47 7.98 -5.53
N THR D 135 57.00 9.11 -5.99
CA THR D 135 56.50 10.46 -5.63
C THR D 135 55.04 10.61 -6.09
N GLU D 136 54.32 11.59 -5.55
CA GLU D 136 52.91 11.90 -5.95
C GLU D 136 52.86 12.19 -7.46
N GLN D 137 53.88 12.87 -7.99
CA GLN D 137 54.03 13.23 -9.43
C GLN D 137 54.21 11.96 -10.28
N GLU D 138 55.07 11.03 -9.87
CA GLU D 138 55.25 9.71 -10.55
C GLU D 138 53.93 8.91 -10.48
N MET D 139 53.37 8.76 -9.28
CA MET D 139 52.16 7.94 -9.00
C MET D 139 51.00 8.41 -9.90
N TYR D 140 50.73 9.72 -9.97
CA TYR D 140 49.61 10.26 -10.78
C TYR D 140 49.86 9.99 -12.26
N MET D 141 51.09 10.23 -12.75
CA MET D 141 51.45 10.00 -14.17
C MET D 141 51.45 8.49 -14.51
N ARG D 142 51.81 7.60 -13.58
CA ARG D 142 51.75 6.13 -13.80
C ARG D 142 50.31 5.71 -14.07
N PHE D 143 49.34 6.22 -13.28
CA PHE D 143 47.89 5.94 -13.49
C PHE D 143 47.40 6.62 -14.79
N LYS D 144 47.82 7.84 -15.10
CA LYS D 144 47.47 8.51 -16.40
C LYS D 144 48.00 7.70 -17.60
N LYS D 145 49.19 7.09 -17.46
CA LYS D 145 49.81 6.23 -18.50
C LYS D 145 49.04 4.90 -18.60
N PHE D 146 48.67 4.32 -17.45
CA PHE D 146 47.93 3.03 -17.36
C PHE D 146 46.65 3.08 -18.21
N TRP D 147 45.74 4.02 -17.94
CA TRP D 147 44.35 4.05 -18.49
C TRP D 147 44.29 3.77 -20.00
N PRO D 148 44.93 4.54 -20.91
CA PRO D 148 44.82 4.29 -22.34
C PRO D 148 45.39 2.93 -22.77
N LEU D 149 46.54 2.54 -22.19
CA LEU D 149 47.22 1.26 -22.50
C LEU D 149 46.35 0.09 -22.04
N PHE D 150 45.80 0.20 -20.83
CA PHE D 150 44.93 -0.78 -20.15
C PHE D 150 43.67 -1.05 -20.98
N ILE D 151 42.86 -0.02 -21.21
CA ILE D 151 41.55 -0.11 -21.91
C ILE D 151 41.79 -0.54 -23.37
N GLU D 152 42.88 -0.08 -24.01
CA GLU D 152 43.25 -0.52 -25.38
C GLU D 152 43.53 -2.04 -25.39
N ARG D 153 44.16 -2.60 -24.36
CA ARG D 153 44.38 -4.07 -24.26
C ARG D 153 43.05 -4.79 -23.97
N VAL D 154 42.26 -4.30 -23.00
CA VAL D 154 40.94 -4.92 -22.63
C VAL D 154 40.09 -5.10 -23.90
N GLU D 155 39.96 -4.07 -24.72
CA GLU D 155 39.06 -4.06 -25.91
C GLU D 155 39.66 -4.85 -27.09
N LYS D 156 40.90 -5.33 -26.99
CA LYS D 156 41.53 -6.24 -28.00
C LYS D 156 41.52 -7.68 -27.47
N GLU D 157 41.91 -7.90 -26.22
CA GLU D 157 41.95 -9.23 -25.55
C GLU D 157 40.52 -9.75 -25.36
N TYR D 158 39.63 -8.90 -24.83
CA TYR D 158 38.27 -9.25 -24.35
C TYR D 158 37.26 -8.32 -25.03
N PRO D 159 37.07 -8.42 -26.36
CA PRO D 159 36.23 -7.46 -27.09
C PRO D 159 34.73 -7.52 -26.74
N ASN D 160 34.29 -8.52 -25.95
CA ASN D 160 32.89 -8.62 -25.44
C ASN D 160 32.69 -7.79 -24.15
N VAL D 161 33.76 -7.23 -23.55
CA VAL D 161 33.65 -6.45 -22.29
C VAL D 161 32.96 -5.09 -22.58
N GLU D 162 31.75 -4.91 -22.05
CA GLU D 162 31.12 -3.58 -21.94
C GLU D 162 31.16 -3.07 -20.49
N CYS D 163 31.43 -3.95 -19.50
CA CYS D 163 31.49 -3.59 -18.06
C CYS D 163 32.66 -4.28 -17.34
N ILE D 164 33.42 -3.54 -16.53
CA ILE D 164 34.65 -4.10 -15.88
C ILE D 164 34.72 -3.60 -14.44
N LEU D 165 35.32 -4.41 -13.54
CA LEU D 165 35.51 -4.07 -12.10
C LEU D 165 37.01 -3.99 -11.79
N LEU D 166 37.43 -2.99 -11.01
CA LEU D 166 38.82 -2.91 -10.46
C LEU D 166 38.76 -2.85 -8.91
N VAL D 167 39.49 -3.74 -8.24
CA VAL D 167 39.50 -3.84 -6.74
C VAL D 167 40.94 -3.63 -6.26
N THR D 168 41.13 -2.62 -5.41
CA THR D 168 42.49 -2.05 -5.18
C THR D 168 42.60 -1.31 -3.82
N HIS D 169 43.60 -0.43 -3.68
CA HIS D 169 44.00 0.26 -2.42
C HIS D 169 43.59 1.75 -2.42
N ALA D 170 43.73 2.49 -1.31
CA ALA D 170 43.09 3.81 -1.14
C ALA D 170 43.60 4.83 -2.18
N ALA D 171 44.91 5.06 -2.24
CA ALA D 171 45.52 5.97 -3.23
C ALA D 171 45.19 5.44 -4.64
N SER D 172 45.31 4.13 -4.84
CA SER D 172 45.06 3.41 -6.11
C SER D 172 43.61 3.59 -6.55
N LYS D 173 42.65 3.72 -5.62
CA LYS D 173 41.24 4.02 -5.96
C LYS D 173 41.09 5.47 -6.42
N ILE D 174 41.57 6.44 -5.65
CA ILE D 174 41.31 7.87 -5.96
C ILE D 174 42.11 8.29 -7.21
N ALA D 175 43.40 7.94 -7.26
CA ALA D 175 44.30 8.38 -8.34
C ALA D 175 43.81 7.84 -9.71
N LEU D 176 43.32 6.61 -9.77
CA LEU D 176 42.68 6.04 -10.99
C LEU D 176 41.48 6.90 -11.38
N GLY D 177 40.59 7.22 -10.42
CA GLY D 177 39.36 8.01 -10.69
C GLY D 177 39.67 9.40 -11.26
N MET D 178 40.51 10.16 -10.57
CA MET D 178 40.83 11.57 -10.92
C MET D 178 41.49 11.61 -12.31
N SER D 179 42.33 10.63 -12.65
CA SER D 179 43.02 10.55 -13.97
C SER D 179 42.04 10.12 -15.08
N LEU D 180 41.08 9.25 -14.79
CA LEU D 180 40.05 8.80 -15.79
C LEU D 180 39.16 9.99 -16.17
N LEU D 181 38.74 10.79 -15.17
CA LEU D 181 37.87 11.98 -15.38
C LEU D 181 38.64 13.11 -16.07
N GLY D 182 39.97 13.15 -15.93
CA GLY D 182 40.87 14.09 -16.66
C GLY D 182 41.25 15.32 -15.85
N TYR D 183 41.36 15.21 -14.52
CA TYR D 183 41.84 16.30 -13.62
C TYR D 183 43.38 16.37 -13.64
N ASP D 184 43.92 17.55 -13.33
CA ASP D 184 45.38 17.86 -13.42
C ASP D 184 46.16 17.13 -12.31
N ASN D 185 45.57 16.92 -11.13
CA ASN D 185 46.24 16.27 -9.96
C ASN D 185 45.19 15.61 -9.06
N PRO D 186 45.58 14.63 -8.18
CA PRO D 186 44.59 13.91 -7.37
C PRO D 186 44.06 14.68 -6.14
N ARG D 187 44.59 15.88 -5.85
CA ARG D 187 44.14 16.74 -4.72
C ARG D 187 42.95 17.62 -5.11
N MET D 188 42.70 17.83 -6.42
CA MET D 188 41.58 18.67 -6.93
C MET D 188 40.24 18.12 -6.43
N SER D 189 39.32 19.01 -6.04
CA SER D 189 37.90 18.64 -5.82
C SER D 189 37.20 18.40 -7.17
N LEU D 190 36.27 17.44 -7.18
CA LEU D 190 35.46 17.07 -8.37
C LEU D 190 34.65 18.28 -8.87
N ASN D 191 34.24 19.16 -7.94
CA ASN D 191 33.41 20.36 -8.22
C ASN D 191 33.85 21.55 -7.34
N GLU D 192 33.34 22.75 -7.64
CA GLU D 192 33.66 24.01 -6.90
C GLU D 192 33.18 23.93 -5.44
N ASN D 193 32.15 23.13 -5.16
CA ASN D 193 31.56 22.91 -3.81
C ASN D 193 32.46 21.98 -2.96
N GLY D 194 33.48 21.34 -3.56
CA GLY D 194 34.62 20.76 -2.81
C GLY D 194 34.55 19.25 -2.66
N ASP D 195 33.60 18.57 -3.31
CA ASP D 195 33.47 17.08 -3.24
C ASP D 195 34.72 16.36 -3.75
N LYS D 196 34.98 15.17 -3.21
CA LYS D 196 36.13 14.31 -3.62
C LYS D 196 35.69 12.84 -3.70
N ILE D 197 36.54 11.99 -4.25
CA ILE D 197 36.27 10.53 -4.41
C ILE D 197 36.33 9.87 -3.02
N ARG D 198 35.19 9.43 -2.48
CA ARG D 198 35.11 8.84 -1.11
C ARG D 198 35.66 7.40 -1.17
N SER D 199 36.44 7.00 -0.17
CA SER D 199 37.43 5.91 -0.34
C SER D 199 37.65 5.11 0.96
N GLY D 200 36.58 4.84 1.74
CA GLY D 200 36.58 3.84 2.82
C GLY D 200 36.72 2.41 2.30
N SER D 201 37.02 1.44 3.17
CA SER D 201 37.06 0.02 2.78
C SER D 201 35.73 -0.34 2.10
N CYS D 202 35.81 -1.11 1.01
CA CYS D 202 34.67 -1.57 0.16
C CYS D 202 33.78 -0.42 -0.36
N SER D 203 34.23 0.85 -0.33
CA SER D 203 33.48 1.95 -1.00
C SER D 203 33.57 1.78 -2.51
N LEU D 204 32.47 2.01 -3.22
CA LEU D 204 32.32 1.67 -4.67
C LEU D 204 32.20 2.93 -5.54
N ASP D 205 33.09 3.05 -6.52
CA ASP D 205 32.94 4.03 -7.63
C ASP D 205 32.36 3.36 -8.88
N LYS D 206 31.50 4.09 -9.60
CA LYS D 206 31.14 3.75 -11.00
C LYS D 206 31.39 4.96 -11.90
N TYR D 207 32.10 4.72 -13.00
CA TYR D 207 32.41 5.73 -14.07
C TYR D 207 31.68 5.29 -15.34
N GLU D 208 30.87 6.18 -15.90
CA GLU D 208 29.90 5.87 -17.01
C GLU D 208 30.09 6.85 -18.17
N ILE D 209 29.91 6.35 -19.39
CA ILE D 209 30.11 7.15 -20.65
C ILE D 209 28.99 8.18 -20.87
N LEU D 210 29.36 9.35 -21.38
CA LEU D 210 28.42 10.19 -22.18
C LEU D 210 28.08 9.37 -23.44
N LYS D 211 26.82 9.32 -23.84
CA LYS D 211 26.36 8.36 -24.88
C LYS D 211 26.09 9.07 -26.23
N LYS D 212 26.60 8.47 -27.31
CA LYS D 212 26.51 8.97 -28.71
C LYS D 212 25.08 8.83 -29.25
N SER D 213 24.80 9.52 -30.37
CA SER D 213 23.54 9.44 -31.15
C SER D 213 22.30 9.56 -30.24
N TYR D 228 33.93 0.79 -33.26
CA TYR D 228 34.91 1.06 -32.17
C TYR D 228 35.12 2.58 -32.01
N ILE D 229 35.60 3.00 -30.83
CA ILE D 229 35.98 4.42 -30.54
C ILE D 229 37.38 4.43 -29.92
N PRO D 230 38.32 5.30 -30.38
CA PRO D 230 39.60 5.51 -29.69
C PRO D 230 39.44 5.93 -28.22
N PHE D 231 40.51 5.77 -27.42
CA PHE D 231 40.44 6.05 -25.96
C PHE D 231 40.39 7.57 -25.69
N SER D 232 41.04 8.37 -26.53
CA SER D 232 41.30 9.83 -26.28
C SER D 232 40.05 10.70 -26.51
N ASP D 233 39.11 10.27 -27.35
CA ASP D 233 37.87 11.04 -27.70
C ASP D 233 36.78 10.85 -26.63
N ARG D 234 36.96 9.95 -25.66
CA ARG D 234 35.92 9.54 -24.68
C ARG D 234 35.79 10.58 -23.55
N LYS D 235 34.60 10.65 -22.94
CA LYS D 235 34.33 11.45 -21.72
C LYS D 235 33.37 10.68 -20.80
N TRP D 236 33.48 10.96 -19.50
CA TRP D 236 32.89 10.15 -18.40
C TRP D 236 32.21 11.04 -17.36
N VAL D 237 31.35 10.46 -16.51
CA VAL D 237 31.03 11.03 -15.18
C VAL D 237 31.14 9.93 -14.11
N LEU D 238 31.63 10.30 -12.92
CA LEU D 238 31.64 9.44 -11.72
C LEU D 238 30.22 9.43 -11.14
N THR D 239 29.30 8.70 -11.79
CA THR D 239 27.84 8.72 -11.50
C THR D 239 27.51 7.80 -10.32
N MET D 240 28.52 7.34 -9.57
CA MET D 240 28.33 6.68 -8.26
C MET D 240 29.60 6.94 -7.45
N ASN D 241 29.60 7.93 -6.57
CA ASN D 241 30.82 8.36 -5.82
C ASN D 241 30.94 7.55 -4.53
N GLY D 242 31.94 6.67 -4.44
CA GLY D 242 32.42 6.03 -3.17
C GLY D 242 31.29 5.42 -2.37
N ASN D 243 30.32 4.82 -3.06
CA ASN D 243 29.04 4.29 -2.52
C ASN D 243 29.34 3.32 -1.37
N THR D 244 28.66 3.52 -0.24
CA THR D 244 28.70 2.61 0.93
C THR D 244 27.28 2.32 1.44
N GLU D 245 26.24 2.79 0.74
CA GLU D 245 24.82 2.74 1.18
C GLU D 245 24.33 1.28 1.27
N PHE D 246 25.01 0.34 0.61
CA PHE D 246 24.74 -1.13 0.65
C PHE D 246 25.55 -1.81 1.77
N LEU D 247 26.62 -1.20 2.28
CA LEU D 247 27.39 -1.79 3.41
C LEU D 247 26.58 -1.67 4.71
N SER D 248 26.79 -2.60 5.64
CA SER D 248 26.18 -2.59 7.00
C SER D 248 26.68 -1.36 7.78
N SER D 249 28.00 -1.21 7.91
CA SER D 249 28.68 -0.23 8.81
C SER D 249 28.92 1.13 8.13
N GLY D 250 28.59 1.28 6.84
CA GLY D 250 28.77 2.53 6.07
C GLY D 250 30.23 2.86 5.80
N GLU D 251 30.59 4.15 5.81
CA GLU D 251 31.97 4.63 5.55
C GLU D 251 32.90 4.26 6.72
N GLU D 252 34.02 3.59 6.43
CA GLU D 252 34.99 3.12 7.46
C GLU D 252 36.44 3.27 6.96
N MET D 253 37.34 3.77 7.82
CA MET D 253 38.80 3.91 7.60
C MET D 253 39.10 4.58 6.24
N ASN D 254 38.28 5.58 5.90
CA ASN D 254 38.43 6.46 4.70
C ASN D 254 39.79 7.17 4.73
N TRP D 255 40.39 7.35 3.56
CA TRP D 255 41.67 8.07 3.34
C TRP D 255 41.53 8.95 2.10
N ASN D 256 42.18 10.12 2.08
CA ASN D 256 41.91 11.15 1.04
C ASN D 256 43.18 11.95 0.74
N PHE D 257 43.35 12.33 -0.53
CA PHE D 257 44.48 13.20 -1.00
C PHE D 257 44.27 14.64 -0.50
N ASP D 258 45.22 15.12 0.30
CA ASP D 258 45.17 16.48 0.93
C ASP D 258 46.59 17.04 1.10
N GLU D 290 29.09 16.14 12.81
CA GLU D 290 28.24 14.93 12.73
C GLU D 290 27.08 15.14 11.72
N VAL D 291 26.49 14.04 11.24
CA VAL D 291 25.52 14.05 10.11
C VAL D 291 24.32 13.15 10.42
N GLU D 292 23.16 13.50 9.85
CA GLU D 292 21.91 12.71 10.00
C GLU D 292 21.30 12.41 8.62
N THR D 293 20.58 11.30 8.54
CA THR D 293 20.11 10.63 7.29
C THR D 293 18.57 10.72 7.20
N VAL D 294 18.02 11.17 6.07
CA VAL D 294 16.59 10.92 5.68
C VAL D 294 16.47 10.48 4.23
N TYR D 295 15.28 9.98 3.85
CA TYR D 295 14.96 9.42 2.52
C TYR D 295 13.72 10.09 1.98
N ILE D 296 13.75 10.37 0.69
CA ILE D 296 12.60 10.91 -0.08
C ILE D 296 12.28 9.88 -1.17
N SER D 297 11.02 9.48 -1.31
CA SER D 297 10.61 8.65 -2.48
C SER D 297 10.43 9.55 -3.70
N VAL D 298 10.90 9.06 -4.85
CA VAL D 298 10.57 9.63 -6.16
C VAL D 298 9.53 8.71 -6.79
N ASP D 299 8.27 9.04 -6.61
CA ASP D 299 7.16 8.28 -7.23
C ASP D 299 7.01 8.71 -8.69
N ILE D 300 6.86 7.77 -9.61
CA ILE D 300 6.39 8.07 -10.99
C ILE D 300 5.10 7.29 -11.26
N PRO D 301 3.91 7.90 -11.02
CA PRO D 301 2.62 7.23 -11.22
C PRO D 301 2.13 7.15 -12.67
N SER D 302 1.59 5.98 -13.04
CA SER D 302 0.81 5.73 -14.29
C SER D 302 -0.65 6.16 -14.08
N GLY D 303 -1.31 6.66 -15.12
CA GLY D 303 -2.70 7.15 -15.10
C GLY D 303 -3.73 6.04 -14.94
N ASN D 304 -3.80 5.14 -15.93
CA ASN D 304 -4.68 3.94 -15.88
C ASN D 304 -4.14 2.95 -14.83
N TYR D 305 -4.97 2.57 -13.86
CA TYR D 305 -4.60 1.69 -12.73
C TYR D 305 -4.18 0.27 -13.20
N LYS D 306 -4.55 -0.15 -14.40
CA LYS D 306 -4.10 -1.46 -14.98
C LYS D 306 -2.79 -1.35 -15.73
N GLU D 307 -2.26 -0.14 -15.94
CA GLU D 307 -1.02 0.08 -16.72
C GLU D 307 0.11 0.52 -15.77
N ARG D 308 1.29 -0.07 -15.93
CA ARG D 308 2.47 0.18 -15.04
C ARG D 308 3.59 0.85 -15.85
N THR D 309 4.23 1.89 -15.28
CA THR D 309 5.30 2.71 -15.92
C THR D 309 6.63 2.51 -15.16
N GLU D 310 7.76 2.59 -15.87
CA GLU D 310 9.03 1.95 -15.43
C GLU D 310 10.27 2.79 -15.73
N ILE D 311 11.38 2.40 -15.12
CA ILE D 311 12.68 3.11 -15.17
C ILE D 311 13.64 2.27 -16.01
N ALA D 312 14.14 2.85 -17.10
CA ALA D 312 14.99 2.17 -18.12
C ALA D 312 16.32 1.67 -17.51
N LYS D 313 16.73 0.46 -17.89
CA LYS D 313 18.03 -0.15 -17.49
C LYS D 313 19.18 0.80 -17.83
N SER D 314 20.09 1.01 -16.87
CA SER D 314 21.36 1.78 -17.03
C SER D 314 21.08 3.24 -17.37
N ALA D 315 19.88 3.74 -17.08
CA ALA D 315 19.53 5.17 -17.29
C ALA D 315 20.22 6.06 -16.24
N ILE D 316 20.17 7.39 -16.42
CA ILE D 316 20.82 8.40 -15.53
C ILE D 316 19.79 9.40 -14.96
N LEU D 317 20.05 9.87 -13.73
CA LEU D 317 19.23 10.85 -13.00
C LEU D 317 20.10 12.03 -12.53
N GLN D 318 19.48 13.20 -12.57
CA GLN D 318 19.99 14.41 -11.91
C GLN D 318 18.79 15.02 -11.18
N TYR D 319 19.05 15.71 -10.09
CA TYR D 319 18.04 16.45 -9.30
C TYR D 319 18.48 17.89 -9.13
N SER D 320 17.53 18.80 -9.11
CA SER D 320 17.87 20.23 -8.91
C SER D 320 16.69 20.95 -8.26
N GLY D 321 16.97 21.79 -7.28
CA GLY D 321 15.93 22.51 -6.53
C GLY D 321 15.20 21.66 -5.49
N LEU D 322 15.83 20.66 -4.86
CA LEU D 322 15.24 19.93 -3.71
C LEU D 322 14.72 20.92 -2.65
N GLU D 323 15.42 22.02 -2.44
CA GLU D 323 15.06 23.09 -1.48
C GLU D 323 13.76 23.79 -1.89
N THR D 324 13.36 23.74 -3.16
CA THR D 324 12.20 24.53 -3.70
C THR D 324 10.89 23.77 -3.52
N ASP D 325 9.78 24.46 -3.80
CA ASP D 325 8.42 23.88 -3.63
C ASP D 325 8.15 22.79 -4.70
N ALA D 326 9.04 22.61 -5.68
CA ALA D 326 8.91 21.58 -6.72
C ALA D 326 10.26 21.38 -7.41
N PRO D 327 11.02 20.31 -7.08
CA PRO D 327 12.32 20.08 -7.73
C PRO D 327 12.18 19.61 -9.18
N LEU D 328 13.30 19.62 -9.93
CA LEU D 328 13.38 19.12 -11.32
C LEU D 328 14.31 17.90 -11.41
N PHE D 329 13.92 16.99 -12.29
CA PHE D 329 14.49 15.62 -12.38
C PHE D 329 14.62 15.17 -13.84
N ARG D 330 15.59 14.29 -14.05
CA ARG D 330 15.77 13.51 -15.30
C ARG D 330 15.79 12.01 -14.96
N ILE D 331 15.27 11.16 -15.84
CA ILE D 331 15.34 9.67 -15.73
C ILE D 331 15.55 9.14 -17.16
N GLY D 332 16.76 8.70 -17.48
CA GLY D 332 17.14 8.40 -18.88
C GLY D 332 17.17 9.68 -19.67
N ASN D 333 16.23 9.87 -20.60
CA ASN D 333 16.05 11.15 -21.34
C ASN D 333 14.70 11.81 -20.99
N ARG D 334 13.93 11.26 -20.05
CA ARG D 334 12.62 11.82 -19.62
C ARG D 334 12.86 12.84 -18.51
N LEU D 335 12.07 13.92 -18.50
CA LEU D 335 12.16 14.99 -17.48
C LEU D 335 10.87 15.10 -16.67
N TYR D 336 10.98 15.71 -15.50
CA TYR D 336 9.91 15.64 -14.48
C TYR D 336 9.96 16.83 -13.51
N GLU D 337 8.83 17.00 -12.83
CA GLU D 337 8.64 17.91 -11.66
C GLU D 337 7.54 17.29 -10.79
N GLY D 338 7.64 17.37 -9.46
CA GLY D 338 6.63 16.71 -8.60
C GLY D 338 6.41 17.32 -7.24
N SER D 339 5.15 17.32 -6.77
CA SER D 339 4.73 17.95 -5.49
C SER D 339 5.40 17.23 -4.32
N TRP D 340 5.64 17.99 -3.25
CA TRP D 340 6.10 17.43 -1.97
C TRP D 340 4.93 16.79 -1.20
N GLU D 341 5.10 15.54 -0.76
CA GLU D 341 4.01 14.73 -0.17
C GLU D 341 4.52 14.02 1.08
N ARG D 342 3.63 13.84 2.05
CA ARG D 342 3.82 12.94 3.23
C ARG D 342 2.72 11.88 3.23
N LEU D 343 3.06 10.67 3.64
CA LEU D 343 2.10 9.54 3.59
C LEU D 343 0.98 9.68 4.63
N VAL D 344 -0.08 8.90 4.42
CA VAL D 344 -0.90 8.34 5.53
C VAL D 344 -0.24 7.01 5.87
N GLY D 345 0.21 6.84 7.09
CA GLY D 345 1.04 5.67 7.36
C GLY D 345 2.43 5.88 6.84
N THR D 346 3.19 4.82 6.80
CA THR D 346 4.67 4.94 6.73
C THR D 346 5.20 3.81 5.87
N GLU D 347 5.53 4.13 4.62
CA GLU D 347 6.13 3.13 3.75
C GLU D 347 7.44 2.71 4.40
N LEU D 348 7.67 1.42 4.52
CA LEU D 348 9.03 0.88 4.65
C LEU D 348 9.47 0.39 3.25
N ALA D 349 10.71 0.69 2.84
CA ALA D 349 11.31 0.17 1.59
C ALA D 349 12.65 -0.49 1.93
N PHE D 350 12.96 -1.62 1.32
CA PHE D 350 13.97 -2.55 1.90
C PHE D 350 15.12 -2.90 0.94
N PRO D 351 16.21 -2.10 0.92
CA PRO D 351 17.55 -2.55 0.51
C PRO D 351 17.98 -3.97 0.88
N ASN D 352 17.68 -4.45 2.09
CA ASN D 352 18.12 -5.83 2.47
C ASN D 352 17.21 -6.91 1.86
N ALA D 353 16.18 -6.50 1.10
CA ALA D 353 15.25 -7.40 0.38
C ALA D 353 15.22 -7.04 -1.11
N ALA D 354 16.34 -6.57 -1.66
CA ALA D 354 16.51 -6.31 -3.10
C ALA D 354 16.51 -7.62 -3.91
N HIS D 355 16.08 -7.55 -5.18
CA HIS D 355 15.98 -8.71 -6.11
C HIS D 355 17.36 -9.12 -6.65
N VAL D 356 17.48 -10.33 -7.21
CA VAL D 356 18.75 -10.88 -7.80
C VAL D 356 18.55 -11.13 -9.30
N HIS D 357 19.46 -10.59 -10.13
CA HIS D 357 19.35 -10.61 -11.62
C HIS D 357 20.70 -10.98 -12.25
N LYS D 358 21.17 -12.22 -11.98
CA LYS D 358 22.48 -12.75 -12.49
C LYS D 358 22.61 -12.52 -14.00
N GLN D 416 22.56 -7.06 14.81
CA GLN D 416 22.33 -5.68 14.31
C GLN D 416 20.84 -5.44 14.03
N SER D 417 20.44 -4.16 14.00
CA SER D 417 19.16 -3.70 13.43
C SER D 417 19.24 -3.87 11.90
N GLU D 418 18.25 -4.56 11.32
CA GLU D 418 18.24 -4.86 9.86
C GLU D 418 18.02 -3.54 9.11
N LYS D 419 18.84 -3.27 8.10
CA LYS D 419 18.86 -1.94 7.41
C LYS D 419 17.57 -1.73 6.59
N ILE D 420 16.79 -0.73 6.98
CA ILE D 420 15.38 -0.50 6.49
C ILE D 420 15.15 1.00 6.40
N TYR D 421 14.40 1.47 5.42
CA TYR D 421 14.12 2.91 5.21
C TYR D 421 12.66 3.18 5.54
N ARG D 422 12.40 4.16 6.40
CA ARG D 422 11.04 4.66 6.75
C ARG D 422 10.70 5.89 5.90
N ILE D 423 10.13 5.67 4.76
CA ILE D 423 10.02 6.72 3.72
C ILE D 423 8.64 7.38 3.87
N LYS D 424 8.47 8.08 4.98
CA LYS D 424 7.21 8.82 5.26
C LYS D 424 7.03 10.05 4.33
N GLU D 425 8.12 10.62 3.81
CA GLU D 425 8.15 11.84 2.95
C GLU D 425 8.55 11.51 1.51
N ARG D 426 7.97 12.22 0.56
CA ARG D 426 8.01 11.79 -0.85
C ARG D 426 7.86 12.97 -1.79
N ILE D 427 8.23 12.76 -3.05
CA ILE D 427 7.78 13.63 -4.15
C ILE D 427 7.06 12.77 -5.20
N VAL D 428 5.96 13.30 -5.75
CA VAL D 428 5.12 12.60 -6.74
C VAL D 428 5.35 13.25 -8.09
N LEU D 429 6.26 12.66 -8.87
CA LEU D 429 6.67 13.24 -10.17
C LEU D 429 5.54 13.14 -11.17
N SER D 430 4.91 14.28 -11.49
CA SER D 430 4.16 14.40 -12.76
C SER D 430 5.17 14.20 -13.91
N ASN D 431 4.76 13.62 -15.02
CA ASN D 431 5.65 13.52 -16.20
C ASN D 431 5.80 14.94 -16.75
N VAL D 432 7.01 15.47 -16.84
CA VAL D 432 7.20 16.89 -17.28
C VAL D 432 8.34 16.98 -18.27
N ARG D 433 8.02 16.64 -19.51
CA ARG D 433 9.00 16.52 -20.62
C ARG D 433 9.51 17.90 -21.02
N PRO D 434 10.71 17.99 -21.65
CA PRO D 434 11.20 19.24 -22.24
C PRO D 434 10.45 19.61 -23.54
N MET D 435 10.99 20.55 -24.31
CA MET D 435 10.45 20.90 -25.65
C MET D 435 11.57 21.00 -26.69
#